data_3KRT
#
_entry.id   3KRT
#
_cell.length_a   83.530
_cell.length_b   117.670
_cell.length_c   187.180
_cell.angle_alpha   90.000
_cell.angle_beta   90.000
_cell.angle_gamma   90.000
#
_symmetry.space_group_name_H-M   'P 21 21 21'
#
loop_
_entity.id
_entity.type
_entity.pdbx_description
1 polymer 'Crotonyl CoA reductase'
2 non-polymer 'CHLORIDE ION'
3 water water
#
_entity_poly.entity_id   1
_entity_poly.type   'polypeptide(L)'
_entity_poly.pdbx_seq_one_letter_code
;MSLTVKDILDAIQSPDSTPADIAALPLPESYRAITVHKDETEMFAGLETRDKDPRKSIHLDDVPVPELGPGEALVAVMAS
SVNYNSVHTSIFEPLSTFGFLERYGRVSDLAKRHDLPYHVIGSDLAGVVLRTGPGVNAWQAGDEVVAHCLSVELESSDGH
NDTMLDPEQRIWGFETNFGGLAEIALVKSNQLMPKPDHLSWEEAAAPGLVNSTAYRQLVSRNGAGMKQGDNVLIWGASGG
LGSYATQFALAGGANPICVVSSPQKAEICRAMGAEAIIDRNAEGYRFWKDENTQDPKEWKRFGKRIRELTGGEDIDIVFE
HPGRETFGASVFVTRKGGTITTCASTSGYMHEYDNRYLWMSLKRIIGSHFANYREAWEANRLIAKGRIHPTLSKVYSLED
TGQAAYDVHRNLHQGKVGVLCLAPEEGLGVRDREKRAQHLDAINRFRNEGHHHHHH
;
_entity_poly.pdbx_strand_id   A,B,C,D
#
loop_
_chem_comp.id
_chem_comp.type
_chem_comp.name
_chem_comp.formula
CL non-polymer 'CHLORIDE ION' 'Cl -1'
#
# COMPACT_ATOMS: atom_id res chain seq x y z
N SER A 2 16.28 -22.50 -50.31
CA SER A 2 15.19 -21.48 -50.21
C SER A 2 15.76 -20.07 -50.04
N LEU A 3 14.90 -19.12 -49.65
CA LEU A 3 15.27 -17.71 -49.45
C LEU A 3 16.35 -17.52 -48.40
N THR A 4 17.20 -16.52 -48.60
CA THR A 4 18.16 -16.12 -47.58
C THR A 4 17.62 -14.93 -46.77
N VAL A 5 18.36 -14.53 -45.75
CA VAL A 5 17.91 -13.48 -44.84
C VAL A 5 17.76 -12.12 -45.55
N LYS A 6 18.65 -11.84 -46.51
CA LYS A 6 18.54 -10.65 -47.37
C LYS A 6 17.16 -10.55 -48.05
N ASP A 7 16.62 -11.70 -48.45
CA ASP A 7 15.35 -11.74 -49.18
C ASP A 7 14.14 -11.41 -48.32
N ILE A 8 14.23 -11.71 -47.02
CA ILE A 8 13.20 -11.29 -46.05
C ILE A 8 13.34 -9.80 -45.71
N LEU A 9 14.59 -9.38 -45.49
CA LEU A 9 14.94 -7.99 -45.21
C LEU A 9 14.36 -7.07 -46.28
N ASP A 10 14.56 -7.45 -47.55
CA ASP A 10 14.02 -6.72 -48.69
C ASP A 10 12.49 -6.82 -48.74
N ALA A 11 11.98 -8.04 -48.52
CA ALA A 11 10.55 -8.29 -48.55
C ALA A 11 9.81 -7.47 -47.49
N ILE A 12 10.42 -7.37 -46.30
CA ILE A 12 9.94 -6.50 -45.22
C ILE A 12 9.80 -5.06 -45.72
N GLN A 13 10.86 -4.56 -46.35
CA GLN A 13 10.96 -3.15 -46.70
C GLN A 13 9.97 -2.66 -47.77
N SER A 14 9.67 -3.50 -48.76
CA SER A 14 8.73 -3.12 -49.84
C SER A 14 7.29 -2.87 -49.33
N PRO A 15 6.65 -1.79 -49.81
CA PRO A 15 5.36 -1.32 -49.28
C PRO A 15 4.14 -2.13 -49.72
N ASP A 16 4.28 -2.93 -50.78
CA ASP A 16 3.18 -3.80 -51.23
C ASP A 16 3.17 -5.17 -50.52
N SER A 17 3.99 -5.29 -49.47
CA SER A 17 4.00 -6.48 -48.61
C SER A 17 2.96 -6.33 -47.51
N THR A 18 1.97 -7.21 -47.52
CA THR A 18 0.97 -7.25 -46.45
C THR A 18 1.50 -8.06 -45.27
N PRO A 19 0.85 -7.95 -44.10
CA PRO A 19 1.15 -8.90 -43.04
C PRO A 19 1.10 -10.35 -43.53
N ALA A 20 0.03 -10.71 -44.26
CA ALA A 20 -0.14 -12.06 -44.80
C ALA A 20 0.99 -12.48 -45.73
N ASP A 21 1.57 -11.52 -46.45
CA ASP A 21 2.74 -11.75 -47.31
C ASP A 21 3.96 -12.12 -46.48
N ILE A 22 4.31 -11.24 -45.55
CA ILE A 22 5.44 -11.43 -44.64
C ILE A 22 5.37 -12.80 -43.97
N ALA A 23 4.16 -13.15 -43.51
CA ALA A 23 3.88 -14.43 -42.84
C ALA A 23 4.07 -15.64 -43.78
N ALA A 24 3.71 -15.44 -45.04
CA ALA A 24 3.85 -16.48 -46.07
C ALA A 24 5.29 -16.70 -46.54
N LEU A 25 6.21 -15.83 -46.12
CA LEU A 25 7.63 -15.93 -46.50
C LEU A 25 8.31 -17.20 -45.98
N PRO A 26 8.97 -17.95 -46.87
CA PRO A 26 9.74 -19.13 -46.45
C PRO A 26 10.88 -18.76 -45.50
N LEU A 27 10.93 -19.46 -44.36
CA LEU A 27 12.03 -19.31 -43.40
C LEU A 27 13.34 -19.80 -44.03
N PRO A 28 14.47 -19.16 -43.69
CA PRO A 28 15.73 -19.61 -44.28
C PRO A 28 16.21 -20.91 -43.63
N GLU A 29 17.16 -21.58 -44.27
CA GLU A 29 17.70 -22.84 -43.73
C GLU A 29 18.46 -22.60 -42.43
N SER A 30 19.11 -21.44 -42.35
CA SER A 30 19.84 -21.01 -41.15
C SER A 30 19.83 -19.49 -41.01
N TYR A 31 20.12 -19.01 -39.80
CA TYR A 31 20.37 -17.58 -39.56
C TYR A 31 21.65 -17.43 -38.73
N ARG A 32 22.30 -16.28 -38.84
CA ARG A 32 23.49 -16.01 -38.04
C ARG A 32 23.14 -15.68 -36.59
N ALA A 33 23.83 -16.30 -35.63
CA ALA A 33 23.55 -16.12 -34.22
C ALA A 33 24.80 -16.10 -33.36
N ILE A 34 24.83 -15.16 -32.40
CA ILE A 34 25.88 -15.16 -31.38
C ILE A 34 25.59 -16.27 -30.41
N THR A 35 26.63 -17.01 -30.07
CA THR A 35 26.43 -18.29 -29.47
C THR A 35 27.54 -18.57 -28.46
N VAL A 36 27.27 -19.48 -27.55
CA VAL A 36 28.28 -20.02 -26.66
C VAL A 36 28.13 -21.54 -26.79
N HIS A 37 29.22 -22.28 -26.64
CA HIS A 37 29.25 -23.72 -26.91
C HIS A 37 29.35 -24.58 -25.67
N LYS A 38 28.50 -25.59 -25.60
CA LYS A 38 28.49 -26.54 -24.49
C LYS A 38 29.86 -27.22 -24.35
N ASP A 39 30.50 -27.47 -25.49
CA ASP A 39 31.89 -27.95 -25.59
C ASP A 39 32.88 -27.29 -24.65
N GLU A 40 32.65 -26.00 -24.38
CA GLU A 40 33.74 -25.13 -23.97
C GLU A 40 33.52 -24.47 -22.62
N THR A 41 32.64 -25.05 -21.82
CA THR A 41 32.26 -24.43 -20.55
C THR A 41 33.39 -24.37 -19.52
N GLU A 42 34.40 -25.21 -19.68
CA GLU A 42 35.52 -25.31 -18.73
C GLU A 42 36.72 -24.49 -19.20
N MET A 43 36.52 -23.80 -20.32
CA MET A 43 37.53 -22.98 -20.99
C MET A 43 38.33 -22.07 -20.07
N PHE A 44 37.66 -21.45 -19.10
CA PHE A 44 38.28 -20.42 -18.26
C PHE A 44 38.67 -20.90 -16.86
N ALA A 45 38.70 -22.22 -16.69
CA ALA A 45 39.08 -22.84 -15.41
C ALA A 45 40.39 -22.29 -14.82
N GLY A 46 40.31 -21.84 -13.57
CA GLY A 46 41.48 -21.37 -12.83
C GLY A 46 41.87 -19.94 -13.10
N LEU A 47 41.12 -19.25 -13.94
CA LEU A 47 41.34 -17.82 -14.21
C LEU A 47 40.45 -17.01 -13.29
N GLU A 48 40.91 -15.81 -12.92
CA GLU A 48 40.08 -14.86 -12.17
C GLU A 48 39.05 -14.29 -13.13
N THR A 49 37.89 -13.93 -12.60
CA THR A 49 36.76 -13.39 -13.35
C THR A 49 37.16 -12.31 -14.35
N ARG A 50 37.94 -11.32 -13.90
CA ARG A 50 38.39 -10.20 -14.72
C ARG A 50 39.32 -10.58 -15.87
N ASP A 51 39.95 -11.75 -15.78
CA ASP A 51 40.84 -12.23 -16.83
C ASP A 51 40.10 -13.05 -17.89
N LYS A 52 38.84 -13.37 -17.61
CA LYS A 52 38.02 -14.18 -18.49
C LYS A 52 37.61 -13.33 -19.68
N ASP A 53 37.90 -13.83 -20.89
CA ASP A 53 37.73 -13.03 -22.10
C ASP A 53 36.59 -13.55 -22.98
N PRO A 54 35.46 -12.81 -23.01
CA PRO A 54 34.27 -13.15 -23.81
C PRO A 54 34.53 -13.39 -25.31
N ARG A 55 35.54 -12.73 -25.87
CA ARG A 55 35.89 -12.91 -27.29
C ARG A 55 36.42 -14.31 -27.54
N LYS A 56 36.79 -14.99 -26.47
CA LYS A 56 37.33 -16.34 -26.58
C LYS A 56 36.23 -17.41 -26.60
N SER A 57 35.07 -17.08 -26.04
CA SER A 57 33.99 -18.04 -25.92
C SER A 57 32.82 -17.80 -26.89
N ILE A 58 32.77 -16.60 -27.46
CA ILE A 58 31.67 -16.22 -28.33
C ILE A 58 31.93 -16.67 -29.77
N HIS A 59 30.93 -17.32 -30.35
CA HIS A 59 31.01 -17.76 -31.73
C HIS A 59 29.94 -17.06 -32.54
N LEU A 60 30.20 -16.90 -33.83
CA LEU A 60 29.15 -16.48 -34.74
C LEU A 60 28.79 -17.72 -35.54
N ASP A 61 27.61 -18.26 -35.27
CA ASP A 61 27.17 -19.50 -35.89
C ASP A 61 26.01 -19.32 -36.82
N ASP A 62 25.85 -20.28 -37.74
CA ASP A 62 24.66 -20.41 -38.59
C ASP A 62 23.79 -21.49 -38.00
N VAL A 63 22.55 -21.14 -37.68
CA VAL A 63 21.75 -21.97 -36.80
C VAL A 63 20.39 -22.22 -37.43
N PRO A 64 19.82 -23.43 -37.24
CA PRO A 64 18.48 -23.65 -37.79
C PRO A 64 17.41 -22.85 -37.03
N VAL A 65 16.34 -22.45 -37.74
CA VAL A 65 15.22 -21.79 -37.10
C VAL A 65 14.48 -22.79 -36.18
N PRO A 66 14.24 -22.41 -34.91
CA PRO A 66 13.49 -23.30 -33.99
C PRO A 66 12.04 -23.50 -34.43
N GLU A 67 11.43 -24.57 -33.93
CA GLU A 67 9.99 -24.82 -34.14
C GLU A 67 9.19 -23.73 -33.40
N LEU A 68 8.22 -23.15 -34.11
CA LEU A 68 7.33 -22.11 -33.55
C LEU A 68 6.17 -22.76 -32.80
N GLY A 69 5.97 -22.34 -31.55
CA GLY A 69 4.90 -22.87 -30.71
C GLY A 69 3.71 -21.95 -30.54
N PRO A 70 2.63 -22.45 -29.91
CA PRO A 70 1.50 -21.62 -29.48
C PRO A 70 1.94 -20.46 -28.58
N GLY A 71 1.33 -19.30 -28.81
CA GLY A 71 1.58 -18.11 -28.02
C GLY A 71 2.91 -17.44 -28.29
N GLU A 72 3.61 -17.87 -29.35
CA GLU A 72 4.94 -17.37 -29.63
C GLU A 72 5.06 -16.58 -30.94
N ALA A 73 6.16 -15.84 -31.09
CA ALA A 73 6.46 -15.22 -32.38
C ALA A 73 7.90 -15.44 -32.76
N LEU A 74 8.13 -15.48 -34.08
CA LEU A 74 9.45 -15.38 -34.64
C LEU A 74 9.61 -13.97 -35.17
N VAL A 75 10.79 -13.42 -34.92
CA VAL A 75 11.03 -12.01 -35.16
C VAL A 75 12.28 -11.88 -36.00
N ALA A 76 12.25 -11.05 -37.04
CA ALA A 76 13.49 -10.64 -37.70
C ALA A 76 14.12 -9.51 -36.88
N VAL A 77 15.29 -9.81 -36.31
CA VAL A 77 15.96 -8.89 -35.36
C VAL A 77 16.85 -7.89 -36.10
N MET A 78 16.47 -6.62 -36.07
CA MET A 78 17.31 -5.57 -36.65
C MET A 78 18.45 -5.14 -35.73
N ALA A 79 18.22 -5.18 -34.42
CA ALA A 79 19.18 -4.74 -33.43
C ALA A 79 18.93 -5.34 -32.08
N SER A 80 19.96 -5.36 -31.24
CA SER A 80 19.88 -5.89 -29.89
C SER A 80 20.87 -5.09 -29.00
N SER A 81 21.21 -5.61 -27.83
CA SER A 81 22.19 -4.94 -26.98
C SER A 81 22.89 -5.97 -26.10
N VAL A 82 24.03 -5.57 -25.55
CA VAL A 82 24.74 -6.37 -24.55
C VAL A 82 24.30 -5.98 -23.14
N ASN A 83 23.95 -6.99 -22.36
CA ASN A 83 23.60 -6.85 -20.97
C ASN A 83 24.61 -7.65 -20.11
N TYR A 84 24.74 -7.30 -18.84
CA TYR A 84 25.57 -8.08 -17.91
C TYR A 84 25.29 -9.59 -17.92
N ASN A 85 24.02 -9.98 -17.95
CA ASN A 85 23.66 -11.41 -18.02
C ASN A 85 24.20 -12.12 -19.27
N SER A 86 24.29 -11.40 -20.39
CA SER A 86 24.92 -11.91 -21.63
C SER A 86 26.41 -12.08 -21.40
N VAL A 87 27.00 -11.12 -20.70
CA VAL A 87 28.42 -11.20 -20.37
C VAL A 87 28.67 -12.37 -19.43
N HIS A 88 27.85 -12.51 -18.38
CA HIS A 88 28.06 -13.64 -17.45
C HIS A 88 27.95 -15.01 -18.14
N THR A 89 27.08 -15.13 -19.14
CA THR A 89 26.98 -16.41 -19.87
C THR A 89 28.14 -16.67 -20.81
N SER A 90 28.76 -15.61 -21.34
CA SER A 90 30.03 -15.65 -22.10
C SER A 90 31.18 -16.32 -21.35
N ILE A 91 31.28 -16.02 -20.07
CA ILE A 91 32.37 -16.48 -19.23
C ILE A 91 31.91 -17.62 -18.31
N PHE A 92 30.70 -18.12 -18.54
CA PHE A 92 30.12 -19.27 -17.81
C PHE A 92 30.10 -19.12 -16.29
N GLU A 93 29.86 -17.91 -15.80
CA GLU A 93 29.82 -17.67 -14.34
C GLU A 93 28.42 -17.33 -13.86
N PRO A 94 28.06 -17.78 -12.63
CA PRO A 94 28.87 -18.65 -11.76
C PRO A 94 29.03 -20.05 -12.34
N LEU A 95 27.99 -20.52 -13.04
CA LEU A 95 27.96 -21.81 -13.73
C LEU A 95 27.48 -21.51 -15.15
N SER A 96 27.66 -22.45 -16.08
CA SER A 96 27.14 -22.24 -17.43
C SER A 96 25.61 -22.19 -17.43
N THR A 97 25.06 -21.60 -18.48
CA THR A 97 23.61 -21.58 -18.73
C THR A 97 23.00 -22.93 -19.08
N PHE A 98 23.81 -23.80 -19.67
CA PHE A 98 23.32 -25.10 -20.16
C PHE A 98 22.61 -25.95 -19.10
N GLY A 99 23.13 -25.95 -17.86
CA GLY A 99 22.51 -26.67 -16.76
C GLY A 99 21.02 -26.41 -16.67
N PHE A 100 20.65 -25.16 -16.48
CA PHE A 100 19.25 -24.77 -16.44
C PHE A 100 18.49 -25.19 -17.71
N LEU A 101 19.11 -24.95 -18.87
CA LEU A 101 18.49 -25.31 -20.15
C LEU A 101 18.20 -26.80 -20.27
N GLU A 102 19.11 -27.63 -19.74
CA GLU A 102 18.93 -29.08 -19.70
C GLU A 102 17.79 -29.46 -18.79
N ARG A 103 17.79 -28.90 -17.58
CA ARG A 103 16.83 -29.29 -16.54
C ARG A 103 15.42 -28.86 -16.90
N TYR A 104 15.30 -27.64 -17.40
CA TYR A 104 14.00 -27.14 -17.81
C TYR A 104 13.52 -27.86 -19.08
N GLY A 105 14.44 -28.37 -19.89
CA GLY A 105 14.08 -29.12 -21.10
C GLY A 105 13.23 -30.34 -20.81
N ARG A 106 13.35 -30.85 -19.59
CA ARG A 106 12.63 -32.04 -19.12
C ARG A 106 11.13 -31.78 -18.93
N VAL A 107 10.77 -30.51 -18.81
CA VAL A 107 9.40 -30.04 -18.59
C VAL A 107 8.41 -30.48 -19.68
N SER A 108 8.75 -30.24 -20.94
CA SER A 108 7.82 -30.51 -22.03
C SER A 108 8.61 -30.67 -23.31
N ASP A 109 7.92 -31.03 -24.40
CA ASP A 109 8.55 -31.10 -25.72
C ASP A 109 8.99 -29.74 -26.24
N LEU A 110 8.21 -28.72 -25.95
CA LEU A 110 8.55 -27.37 -26.36
C LEU A 110 9.67 -26.78 -25.51
N ALA A 111 9.75 -27.19 -24.24
CA ALA A 111 10.84 -26.76 -23.38
C ALA A 111 12.12 -27.34 -23.90
N LYS A 112 12.01 -28.52 -24.50
CA LYS A 112 13.17 -29.26 -24.98
C LYS A 112 13.81 -28.63 -26.21
N ARG A 113 13.03 -27.86 -26.98
CA ARG A 113 13.57 -27.09 -28.10
C ARG A 113 14.84 -26.33 -27.71
N HIS A 114 14.85 -25.77 -26.49
CA HIS A 114 15.93 -24.92 -25.98
C HIS A 114 17.21 -25.68 -25.59
N ASP A 115 17.14 -26.99 -25.44
CA ASP A 115 18.25 -27.81 -24.91
C ASP A 115 19.14 -28.30 -26.06
N LEU A 116 20.18 -27.51 -26.36
CA LEU A 116 21.04 -27.71 -27.53
C LEU A 116 22.53 -27.61 -27.14
N PRO A 117 23.45 -28.01 -28.05
CA PRO A 117 24.91 -27.91 -27.80
C PRO A 117 25.42 -26.47 -27.90
N TYR A 118 24.57 -25.59 -28.41
CA TYR A 118 24.89 -24.19 -28.52
C TYR A 118 23.78 -23.38 -27.90
N HIS A 119 24.12 -22.18 -27.44
CA HIS A 119 23.17 -21.29 -26.79
C HIS A 119 23.22 -19.92 -27.45
N VAL A 120 22.17 -19.55 -28.17
CA VAL A 120 22.06 -18.20 -28.74
C VAL A 120 21.65 -17.24 -27.63
N ILE A 121 22.39 -16.14 -27.54
CA ILE A 121 22.41 -15.29 -26.38
C ILE A 121 21.72 -13.99 -26.69
N GLY A 122 21.43 -13.19 -25.67
CA GLY A 122 20.83 -11.87 -25.90
C GLY A 122 19.44 -11.70 -25.33
N SER A 123 19.26 -10.62 -24.57
CA SER A 123 18.03 -10.42 -23.81
C SER A 123 17.32 -9.12 -24.15
N ASP A 124 17.63 -8.56 -25.31
CA ASP A 124 17.02 -7.36 -25.88
C ASP A 124 16.83 -7.50 -27.37
N LEU A 125 15.88 -6.80 -27.93
CA LEU A 125 15.72 -6.73 -29.37
C LEU A 125 14.86 -5.61 -29.87
N ALA A 126 15.08 -5.27 -31.11
CA ALA A 126 14.16 -4.51 -31.86
C ALA A 126 14.11 -5.06 -33.26
N GLY A 127 12.91 -5.24 -33.79
CA GLY A 127 12.74 -5.82 -35.11
C GLY A 127 11.31 -5.91 -35.62
N VAL A 128 11.10 -6.91 -36.47
CA VAL A 128 9.87 -7.06 -37.23
C VAL A 128 9.34 -8.45 -37.02
N VAL A 129 8.06 -8.55 -36.69
CA VAL A 129 7.40 -9.86 -36.55
C VAL A 129 7.35 -10.59 -37.91
N LEU A 130 7.86 -11.81 -37.92
CA LEU A 130 7.90 -12.63 -39.12
C LEU A 130 6.75 -13.60 -39.17
N ARG A 131 6.52 -14.25 -38.05
CA ARG A 131 5.65 -15.40 -37.98
C ARG A 131 5.09 -15.44 -36.58
N THR A 132 3.80 -15.72 -36.51
CA THR A 132 3.03 -15.64 -35.29
C THR A 132 2.47 -17.04 -35.06
N GLY A 133 2.57 -17.54 -33.83
CA GLY A 133 2.13 -18.90 -33.51
C GLY A 133 0.63 -18.94 -33.23
N PRO A 134 0.09 -20.13 -32.91
CA PRO A 134 -1.33 -20.25 -32.59
C PRO A 134 -1.79 -19.51 -31.33
N GLY A 135 -2.88 -18.78 -31.45
CA GLY A 135 -3.49 -18.09 -30.32
C GLY A 135 -3.09 -16.64 -30.22
N VAL A 136 -2.08 -16.26 -30.99
CA VAL A 136 -1.52 -14.92 -30.97
C VAL A 136 -2.45 -13.97 -31.72
N ASN A 137 -2.98 -12.98 -31.01
CA ASN A 137 -3.89 -12.01 -31.59
C ASN A 137 -3.46 -10.55 -31.43
N ALA A 138 -2.54 -10.30 -30.50
CA ALA A 138 -2.13 -8.94 -30.19
C ALA A 138 -1.16 -8.43 -31.24
N TRP A 139 -0.49 -9.36 -31.93
CA TRP A 139 0.61 -9.11 -32.88
C TRP A 139 0.44 -9.87 -34.18
N GLN A 140 0.97 -9.30 -35.26
CA GLN A 140 0.96 -9.96 -36.58
C GLN A 140 2.26 -9.67 -37.35
N ALA A 141 2.57 -10.51 -38.33
CA ALA A 141 3.76 -10.32 -39.18
C ALA A 141 3.78 -8.90 -39.74
N GLY A 142 4.96 -8.31 -39.85
CA GLY A 142 5.06 -6.90 -40.22
C GLY A 142 5.12 -5.92 -39.04
N ASP A 143 4.64 -6.35 -37.87
CA ASP A 143 4.64 -5.47 -36.69
C ASP A 143 6.06 -5.12 -36.26
N GLU A 144 6.29 -3.83 -36.00
CA GLU A 144 7.62 -3.36 -35.58
C GLU A 144 7.69 -3.35 -34.05
N VAL A 145 8.57 -4.18 -33.49
CA VAL A 145 8.48 -4.51 -32.07
C VAL A 145 9.80 -4.42 -31.31
N VAL A 146 9.70 -4.24 -29.99
CA VAL A 146 10.83 -4.53 -29.12
C VAL A 146 10.38 -5.65 -28.18
N ALA A 147 11.30 -6.22 -27.42
CA ALA A 147 10.95 -7.31 -26.53
C ALA A 147 11.33 -7.07 -25.06
N HIS A 148 10.42 -7.38 -24.15
CA HIS A 148 10.77 -7.56 -22.72
C HIS A 148 11.41 -8.95 -22.58
N CYS A 149 12.30 -9.10 -21.62
CA CYS A 149 13.03 -10.35 -21.46
C CYS A 149 12.38 -11.37 -20.52
N LEU A 150 11.18 -11.10 -20.00
CA LEU A 150 10.54 -12.04 -19.09
C LEU A 150 9.66 -13.06 -19.79
N SER A 151 9.92 -14.34 -19.52
CA SER A 151 9.02 -15.40 -19.94
C SER A 151 8.48 -16.05 -18.69
N VAL A 152 7.16 -16.05 -18.54
CA VAL A 152 6.48 -16.71 -17.41
C VAL A 152 5.50 -17.74 -17.93
N GLU A 153 5.33 -18.83 -17.20
CA GLU A 153 4.29 -19.83 -17.49
C GLU A 153 2.97 -19.52 -16.78
N LEU A 154 3.07 -19.07 -15.52
CA LEU A 154 1.92 -18.87 -14.62
C LEU A 154 0.98 -20.06 -14.50
N GLU A 155 1.53 -21.26 -14.48
CA GLU A 155 0.75 -22.43 -14.06
C GLU A 155 0.59 -22.42 -12.55
N SER A 156 1.63 -22.05 -11.83
CA SER A 156 1.55 -21.88 -10.37
C SER A 156 0.69 -20.65 -10.04
N SER A 157 0.00 -20.67 -8.90
CA SER A 157 -0.72 -19.47 -8.46
C SER A 157 0.16 -18.32 -7.98
N ASP A 158 1.39 -18.63 -7.56
CA ASP A 158 2.25 -17.63 -6.94
C ASP A 158 2.26 -16.30 -7.69
N GLY A 159 2.24 -16.37 -9.02
CA GLY A 159 2.54 -15.19 -9.84
C GLY A 159 1.36 -14.42 -10.40
N HIS A 160 0.16 -14.76 -9.92
CA HIS A 160 -1.09 -14.16 -10.40
C HIS A 160 -1.53 -12.81 -9.77
N ASN A 161 -0.68 -12.25 -8.90
CA ASN A 161 -0.84 -10.89 -8.39
C ASN A 161 0.42 -10.02 -8.64
N ASP A 162 1.22 -10.37 -9.65
CA ASP A 162 2.57 -9.80 -9.93
C ASP A 162 3.43 -10.95 -10.42
N THR A 163 3.70 -10.97 -11.72
CA THR A 163 4.21 -12.20 -12.34
C THR A 163 5.67 -12.49 -12.05
N MET A 164 6.37 -11.55 -11.44
CA MET A 164 7.75 -11.78 -11.04
C MET A 164 7.87 -12.76 -9.85
N LEU A 165 6.75 -13.18 -9.29
CA LEU A 165 6.71 -14.21 -8.24
C LEU A 165 6.47 -15.62 -8.80
N ASP A 166 6.27 -15.71 -10.11
CA ASP A 166 6.16 -17.02 -10.77
C ASP A 166 7.46 -17.80 -10.57
N PRO A 167 7.38 -18.98 -9.94
CA PRO A 167 8.59 -19.82 -9.79
C PRO A 167 9.12 -20.42 -11.11
N GLU A 168 8.31 -20.45 -12.17
CA GLU A 168 8.78 -21.01 -13.44
C GLU A 168 9.20 -19.91 -14.44
N GLN A 169 9.56 -18.74 -13.92
CA GLN A 169 9.99 -17.65 -14.78
C GLN A 169 11.30 -17.98 -15.50
N ARG A 170 11.49 -17.43 -16.69
CA ARG A 170 12.80 -17.53 -17.34
C ARG A 170 13.13 -16.17 -17.90
N ILE A 171 14.42 -15.82 -17.85
CA ILE A 171 14.90 -14.66 -18.56
C ILE A 171 15.26 -15.12 -19.98
N TRP A 172 14.60 -14.49 -20.96
CA TRP A 172 14.81 -14.83 -22.36
C TRP A 172 16.24 -14.53 -22.83
N GLY A 173 16.86 -15.52 -23.46
CA GLY A 173 18.22 -15.38 -23.96
C GLY A 173 19.26 -15.80 -22.96
N PHE A 174 18.83 -16.10 -21.75
CA PHE A 174 19.73 -16.45 -20.66
C PHE A 174 19.29 -17.78 -20.05
N GLU A 175 18.01 -17.88 -19.71
CA GLU A 175 17.41 -19.14 -19.27
C GLU A 175 16.52 -19.72 -20.38
N THR A 176 16.51 -19.05 -21.53
CA THR A 176 15.92 -19.61 -22.74
C THR A 176 16.97 -19.54 -23.82
N ASN A 177 16.79 -20.32 -24.88
CA ASN A 177 17.63 -20.20 -26.06
C ASN A 177 16.99 -19.20 -27.03
N PHE A 178 17.60 -19.06 -28.21
CA PHE A 178 17.07 -18.22 -29.30
C PHE A 178 16.96 -16.75 -28.87
N GLY A 179 18.01 -16.30 -28.19
CA GLY A 179 18.17 -14.95 -27.68
C GLY A 179 18.29 -13.97 -28.83
N GLY A 180 18.35 -12.70 -28.49
CA GLY A 180 18.28 -11.61 -29.46
C GLY A 180 19.57 -11.15 -30.13
N LEU A 181 20.73 -11.66 -29.72
CA LEU A 181 21.96 -11.34 -30.47
C LEU A 181 22.10 -12.27 -31.67
N ALA A 182 21.34 -11.97 -32.71
CA ALA A 182 21.10 -12.90 -33.82
C ALA A 182 20.21 -12.21 -34.83
N GLU A 183 20.05 -12.83 -35.99
CA GLU A 183 19.24 -12.29 -37.06
C GLU A 183 17.77 -12.63 -36.89
N ILE A 184 17.48 -13.71 -36.16
CA ILE A 184 16.11 -14.17 -35.86
C ILE A 184 16.00 -14.53 -34.39
N ALA A 185 14.84 -14.28 -33.81
CA ALA A 185 14.61 -14.69 -32.44
C ALA A 185 13.22 -15.28 -32.29
N LEU A 186 13.11 -16.14 -31.28
CA LEU A 186 11.86 -16.69 -30.83
C LEU A 186 11.50 -16.08 -29.47
N VAL A 187 10.30 -15.50 -29.39
CA VAL A 187 9.80 -14.97 -28.11
C VAL A 187 8.35 -15.35 -27.87
N LYS A 188 7.87 -15.13 -26.66
CA LYS A 188 6.45 -15.25 -26.38
C LYS A 188 5.84 -13.96 -26.88
N SER A 189 4.57 -14.01 -27.31
CA SER A 189 3.91 -12.80 -27.72
C SER A 189 3.68 -11.83 -26.56
N ASN A 190 3.63 -12.35 -25.34
CA ASN A 190 3.56 -11.48 -24.14
C ASN A 190 4.92 -10.97 -23.69
N GLN A 191 5.87 -10.99 -24.62
CA GLN A 191 7.12 -10.27 -24.47
C GLN A 191 7.13 -9.07 -25.42
N LEU A 192 6.25 -9.06 -26.40
CA LEU A 192 6.35 -8.01 -27.45
C LEU A 192 5.77 -6.68 -27.03
N MET A 193 6.50 -5.62 -27.32
CA MET A 193 6.00 -4.27 -27.09
C MET A 193 6.16 -3.50 -28.40
N PRO A 194 5.37 -2.43 -28.60
CA PRO A 194 5.61 -1.68 -29.84
C PRO A 194 6.93 -0.90 -29.82
N LYS A 195 7.60 -0.86 -30.97
CA LYS A 195 8.81 -0.05 -31.16
C LYS A 195 8.49 1.44 -31.31
N PRO A 196 9.17 2.31 -30.55
CA PRO A 196 9.04 3.78 -30.71
C PRO A 196 9.42 4.28 -32.11
N ASP A 197 8.45 4.93 -32.75
CA ASP A 197 8.58 5.46 -34.09
C ASP A 197 9.79 6.38 -34.32
N HIS A 198 10.14 7.17 -33.32
CA HIS A 198 11.19 8.20 -33.45
C HIS A 198 12.60 7.69 -33.21
N LEU A 199 12.71 6.38 -32.98
CA LEU A 199 13.98 5.78 -32.61
C LEU A 199 14.47 4.83 -33.70
N SER A 200 15.79 4.71 -33.81
CA SER A 200 16.38 3.72 -34.68
C SER A 200 16.27 2.36 -34.01
N TRP A 201 16.57 1.32 -34.77
CA TRP A 201 16.47 -0.04 -34.28
C TRP A 201 17.35 -0.22 -33.06
N GLU A 202 18.62 0.21 -33.17
CA GLU A 202 19.57 0.04 -32.08
C GLU A 202 19.16 0.85 -30.87
N GLU A 203 18.62 2.04 -31.10
CA GLU A 203 18.13 2.90 -30.03
C GLU A 203 16.94 2.27 -29.32
N ALA A 204 16.08 1.61 -30.09
CA ALA A 204 14.87 0.98 -29.52
C ALA A 204 15.19 -0.29 -28.76
N ALA A 205 16.30 -0.92 -29.13
CA ALA A 205 16.73 -2.13 -28.45
C ALA A 205 17.46 -1.82 -27.14
N ALA A 206 17.95 -0.59 -27.00
CA ALA A 206 18.82 -0.22 -25.88
C ALA A 206 18.15 -0.25 -24.48
N PRO A 207 16.95 0.34 -24.32
CA PRO A 207 16.37 0.40 -22.96
C PRO A 207 16.01 -0.98 -22.40
N GLY A 208 15.15 -1.69 -23.11
CA GLY A 208 14.68 -3.02 -22.72
C GLY A 208 14.90 -3.46 -21.29
N LEU A 209 15.85 -4.36 -21.10
CA LEU A 209 16.05 -5.05 -19.80
C LEU A 209 16.34 -4.07 -18.65
N VAL A 210 17.23 -3.13 -18.93
CA VAL A 210 17.78 -2.22 -17.93
C VAL A 210 16.76 -1.16 -17.54
N ASN A 211 16.13 -0.54 -18.54
CA ASN A 211 15.12 0.48 -18.32
C ASN A 211 13.91 -0.04 -17.52
N SER A 212 13.44 -1.21 -17.86
CA SER A 212 12.29 -1.77 -17.16
C SER A 212 12.66 -2.23 -15.73
N THR A 213 13.91 -2.66 -15.54
CA THR A 213 14.46 -2.95 -14.20
C THR A 213 14.44 -1.71 -13.33
N ALA A 214 15.03 -0.62 -13.84
CA ALA A 214 15.00 0.68 -13.15
C ALA A 214 13.59 1.13 -12.87
N TYR A 215 12.70 0.89 -13.82
CA TYR A 215 11.32 1.30 -13.67
C TYR A 215 10.64 0.57 -12.52
N ARG A 216 10.75 -0.76 -12.50
CA ARG A 216 10.16 -1.50 -11.40
C ARG A 216 10.70 -1.01 -10.06
N GLN A 217 12.02 -0.83 -10.01
CA GLN A 217 12.76 -0.61 -8.78
C GLN A 217 12.40 0.77 -8.20
N LEU A 218 12.31 1.76 -9.07
CA LEU A 218 12.12 3.13 -8.64
C LEU A 218 10.70 3.66 -8.74
N VAL A 219 10.03 3.38 -9.86
CA VAL A 219 8.76 4.07 -10.15
C VAL A 219 7.55 3.29 -9.70
N SER A 220 7.61 1.98 -9.87
CA SER A 220 6.51 1.08 -9.61
C SER A 220 6.21 0.99 -8.11
N ARG A 221 4.96 0.65 -7.79
CA ARG A 221 4.56 0.41 -6.40
C ARG A 221 5.10 -0.91 -5.86
N ASN A 222 5.60 -1.77 -6.75
CA ASN A 222 6.32 -3.00 -6.32
C ASN A 222 7.76 -2.70 -5.92
N GLY A 223 8.18 -1.47 -6.18
CA GLY A 223 9.51 -1.01 -5.79
C GLY A 223 9.37 0.15 -4.83
N ALA A 224 10.13 1.21 -5.07
CA ALA A 224 10.14 2.35 -4.16
C ALA A 224 8.91 3.24 -4.27
N GLY A 225 8.21 3.22 -5.40
CA GLY A 225 6.98 4.03 -5.55
C GLY A 225 7.27 5.51 -5.41
N MET A 226 8.31 5.94 -6.14
CA MET A 226 8.81 7.32 -6.22
C MET A 226 7.67 8.36 -6.32
N LYS A 227 7.86 9.51 -5.69
CA LYS A 227 6.99 10.65 -5.95
C LYS A 227 7.77 11.93 -6.25
N GLN A 228 7.07 12.95 -6.76
CA GLN A 228 7.74 14.21 -7.04
C GLN A 228 8.17 14.87 -5.74
N GLY A 229 9.40 15.38 -5.75
CA GLY A 229 9.99 16.03 -4.61
C GLY A 229 10.93 15.12 -3.83
N ASP A 230 10.92 13.82 -4.12
CA ASP A 230 11.81 12.88 -3.42
C ASP A 230 13.27 13.16 -3.71
N ASN A 231 14.11 12.94 -2.70
CA ASN A 231 15.55 12.91 -2.92
C ASN A 231 15.94 11.48 -3.16
N VAL A 232 16.53 11.25 -4.34
CA VAL A 232 16.85 9.88 -4.76
C VAL A 232 18.36 9.75 -4.96
N LEU A 233 18.98 8.88 -4.17
CA LEU A 233 20.41 8.61 -4.31
C LEU A 233 20.61 7.53 -5.36
N ILE A 234 21.35 7.85 -6.40
CA ILE A 234 21.60 6.92 -7.49
C ILE A 234 23.08 6.63 -7.60
N TRP A 235 23.45 5.43 -7.18
CA TRP A 235 24.82 4.96 -7.33
C TRP A 235 25.07 4.69 -8.81
N GLY A 236 26.31 4.83 -9.26
CA GLY A 236 26.72 4.51 -10.64
C GLY A 236 25.77 5.13 -11.67
N ALA A 237 25.56 6.44 -11.53
CA ALA A 237 24.49 7.12 -12.24
C ALA A 237 24.60 7.18 -13.76
N SER A 238 25.83 7.14 -14.29
CA SER A 238 26.01 7.10 -15.75
C SER A 238 26.12 5.70 -16.36
N GLY A 239 26.02 4.68 -15.51
CA GLY A 239 26.00 3.28 -15.96
C GLY A 239 24.69 2.92 -16.65
N GLY A 240 24.55 1.66 -17.08
CA GLY A 240 23.36 1.23 -17.79
C GLY A 240 22.12 1.53 -16.95
N LEU A 241 22.04 0.85 -15.82
CA LEU A 241 20.88 0.97 -14.91
C LEU A 241 20.71 2.43 -14.43
N GLY A 242 21.80 3.05 -13.97
CA GLY A 242 21.73 4.41 -13.47
C GLY A 242 21.35 5.44 -14.52
N SER A 243 21.67 5.16 -15.79
CA SER A 243 21.34 6.09 -16.89
C SER A 243 19.83 6.19 -17.09
N TYR A 244 19.10 5.12 -16.79
CA TYR A 244 17.64 5.17 -16.78
C TYR A 244 17.06 5.65 -15.44
N ALA A 245 17.61 5.15 -14.33
CA ALA A 245 17.17 5.60 -13.00
C ALA A 245 17.14 7.11 -12.88
N THR A 246 18.19 7.75 -13.39
CA THR A 246 18.35 9.19 -13.30
C THR A 246 17.27 9.94 -14.06
N GLN A 247 16.89 9.40 -15.21
CA GLN A 247 15.87 9.97 -16.08
C GLN A 247 14.50 9.78 -15.48
N PHE A 248 14.26 8.62 -14.90
CA PHE A 248 13.00 8.44 -14.15
C PHE A 248 12.81 9.43 -13.00
N ALA A 249 13.87 9.62 -12.21
CA ALA A 249 13.85 10.59 -11.10
C ALA A 249 13.54 12.00 -11.60
N LEU A 250 14.20 12.43 -12.67
CA LEU A 250 14.00 13.75 -13.24
C LEU A 250 12.65 13.93 -13.93
N ALA A 251 12.29 12.99 -14.82
CA ALA A 251 10.99 13.04 -15.51
C ALA A 251 9.79 12.89 -14.56
N GLY A 252 9.99 12.31 -13.39
CA GLY A 252 8.92 12.23 -12.37
C GLY A 252 8.92 13.35 -11.33
N GLY A 253 9.71 14.39 -11.59
CA GLY A 253 9.77 15.59 -10.74
C GLY A 253 10.55 15.41 -9.44
N ALA A 254 11.40 14.40 -9.40
CA ALA A 254 12.19 14.12 -8.21
C ALA A 254 13.65 14.65 -8.34
N ASN A 255 14.44 14.55 -7.26
CA ASN A 255 15.79 15.16 -7.23
C ASN A 255 16.84 14.08 -7.08
N PRO A 256 17.51 13.74 -8.19
CA PRO A 256 18.53 12.72 -8.16
C PRO A 256 19.81 13.27 -7.56
N ILE A 257 20.48 12.44 -6.75
CA ILE A 257 21.79 12.77 -6.24
C ILE A 257 22.63 11.67 -6.87
N CYS A 258 23.32 12.03 -7.95
CA CYS A 258 24.04 11.08 -8.79
C CYS A 258 25.43 10.83 -8.25
N VAL A 259 25.76 9.57 -8.03
CA VAL A 259 27.12 9.20 -7.62
C VAL A 259 27.85 8.61 -8.79
N VAL A 260 29.00 9.20 -9.13
CA VAL A 260 29.80 8.80 -10.28
C VAL A 260 31.25 8.68 -9.85
N SER A 261 32.09 8.20 -10.76
CA SER A 261 33.47 7.98 -10.41
C SER A 261 34.50 8.76 -11.25
N SER A 262 34.05 9.79 -11.98
CA SER A 262 34.94 10.64 -12.80
C SER A 262 34.24 11.94 -13.19
N PRO A 263 35.03 13.01 -13.49
CA PRO A 263 34.38 14.24 -13.96
C PRO A 263 33.66 14.07 -15.30
N GLN A 264 34.11 13.12 -16.13
CA GLN A 264 33.42 12.83 -17.38
C GLN A 264 32.02 12.26 -17.12
N LYS A 265 31.96 11.20 -16.31
CA LYS A 265 30.68 10.64 -15.83
C LYS A 265 29.78 11.72 -15.20
N ALA A 266 30.39 12.63 -14.43
CA ALA A 266 29.66 13.75 -13.84
C ALA A 266 29.09 14.69 -14.90
N GLU A 267 29.83 14.93 -15.99
CA GLU A 267 29.32 15.77 -17.09
C GLU A 267 28.09 15.19 -17.78
N ILE A 268 28.07 13.89 -17.99
CA ILE A 268 26.88 13.25 -18.55
C ILE A 268 25.68 13.40 -17.61
N CYS A 269 25.89 13.29 -16.30
CA CYS A 269 24.77 13.45 -15.38
C CYS A 269 24.19 14.87 -15.48
N ARG A 270 25.06 15.86 -15.70
CA ARG A 270 24.64 17.26 -15.88
C ARG A 270 23.83 17.46 -17.16
N ALA A 271 24.23 16.77 -18.22
CA ALA A 271 23.49 16.80 -19.49
C ALA A 271 22.10 16.15 -19.39
N MET A 272 21.94 15.15 -18.50
CA MET A 272 20.62 14.57 -18.19
C MET A 272 19.72 15.58 -17.47
N GLY A 273 20.33 16.50 -16.72
CA GLY A 273 19.57 17.52 -15.98
C GLY A 273 19.80 17.46 -14.49
N ALA A 274 20.63 16.51 -14.04
CA ALA A 274 20.94 16.38 -12.62
C ALA A 274 21.79 17.55 -12.14
N GLU A 275 21.43 18.09 -10.98
CA GLU A 275 22.14 19.21 -10.39
C GLU A 275 23.10 18.78 -9.28
N ALA A 276 22.66 17.80 -8.49
CA ALA A 276 23.43 17.32 -7.34
C ALA A 276 24.23 16.09 -7.74
N ILE A 277 25.55 16.25 -7.85
CA ILE A 277 26.42 15.16 -8.27
C ILE A 277 27.61 15.00 -7.32
N ILE A 278 27.87 13.77 -6.90
CA ILE A 278 29.01 13.43 -6.05
C ILE A 278 29.93 12.50 -6.81
N ASP A 279 31.18 12.92 -6.99
CA ASP A 279 32.21 12.07 -7.58
C ASP A 279 32.91 11.32 -6.43
N ARG A 280 32.52 10.08 -6.21
CA ARG A 280 33.03 9.25 -5.11
C ARG A 280 34.56 9.05 -5.15
N ASN A 281 35.15 9.25 -6.31
CA ASN A 281 36.61 9.16 -6.49
C ASN A 281 37.30 10.44 -6.04
N ALA A 282 36.80 11.59 -6.50
CA ALA A 282 37.30 12.90 -6.05
C ALA A 282 37.18 13.05 -4.52
N GLU A 283 36.12 12.49 -3.95
CA GLU A 283 35.91 12.59 -2.52
C GLU A 283 36.68 11.48 -1.82
N GLY A 284 37.01 10.42 -2.54
CA GLY A 284 37.81 9.33 -1.97
C GLY A 284 37.14 8.50 -0.88
N TYR A 285 35.81 8.33 -0.94
CA TYR A 285 35.14 7.48 0.05
C TYR A 285 35.69 6.06 0.06
N ARG A 286 36.05 5.61 1.26
CA ARG A 286 36.45 4.24 1.50
C ARG A 286 35.53 3.75 2.61
N PHE A 287 34.40 3.18 2.20
CA PHE A 287 33.40 2.71 3.13
C PHE A 287 33.90 1.49 3.93
N TRP A 288 34.82 0.72 3.34
CA TRP A 288 35.48 -0.38 4.07
C TRP A 288 36.95 -0.05 4.37
N LYS A 289 37.36 -0.27 5.63
CA LYS A 289 38.78 -0.11 6.05
C LYS A 289 39.67 -1.22 5.48
N ASP A 290 39.14 -2.44 5.51
CA ASP A 290 39.70 -3.58 4.77
C ASP A 290 38.54 -4.55 4.56
N GLU A 291 38.81 -5.83 4.27
CA GLU A 291 37.74 -6.75 3.81
C GLU A 291 36.71 -7.24 4.85
N ASN A 292 36.95 -6.96 6.13
CA ASN A 292 36.04 -7.45 7.18
C ASN A 292 35.55 -6.41 8.18
N THR A 293 35.94 -5.15 7.96
CA THR A 293 35.61 -4.07 8.87
C THR A 293 35.21 -2.80 8.11
N GLN A 294 33.97 -2.37 8.37
CA GLN A 294 33.43 -1.14 7.79
C GLN A 294 33.77 0.06 8.62
N ASP A 295 33.67 1.23 7.98
CA ASP A 295 34.06 2.50 8.59
C ASP A 295 32.92 3.51 8.59
N PRO A 296 32.20 3.63 9.73
CA PRO A 296 31.05 4.52 9.84
C PRO A 296 31.40 6.00 9.68
N LYS A 297 32.67 6.34 9.88
CA LYS A 297 33.14 7.71 9.72
C LYS A 297 32.99 8.16 8.26
N GLU A 298 33.19 7.22 7.35
CA GLU A 298 32.98 7.48 5.93
C GLU A 298 31.49 7.59 5.59
N TRP A 299 30.64 6.82 6.27
CA TRP A 299 29.20 6.94 6.07
C TRP A 299 28.74 8.34 6.35
N LYS A 300 29.16 8.88 7.49
CA LYS A 300 28.75 10.21 7.96
C LYS A 300 29.28 11.30 7.03
N ARG A 301 30.50 11.13 6.58
CA ARG A 301 31.13 12.07 5.69
C ARG A 301 30.38 12.16 4.37
N PHE A 302 30.10 11.00 3.82
CA PHE A 302 29.20 10.87 2.67
C PHE A 302 27.86 11.53 2.94
N GLY A 303 27.29 11.25 4.12
CA GLY A 303 26.00 11.82 4.51
C GLY A 303 26.03 13.35 4.51
N LYS A 304 27.13 13.90 5.03
CA LYS A 304 27.29 15.35 5.07
C LYS A 304 27.34 15.98 3.69
N ARG A 305 28.09 15.37 2.79
CA ARG A 305 28.15 15.86 1.41
C ARG A 305 26.74 15.92 0.74
N ILE A 306 25.99 14.81 0.83
CA ILE A 306 24.59 14.78 0.39
C ILE A 306 23.80 15.96 0.96
N ARG A 307 23.91 16.15 2.28
CA ARG A 307 23.19 17.22 3.00
C ARG A 307 23.57 18.63 2.53
N GLU A 308 24.83 18.79 2.12
CA GLU A 308 25.28 20.01 1.45
C GLU A 308 24.54 20.26 0.13
N LEU A 309 24.45 19.23 -0.69
CA LEU A 309 23.78 19.28 -1.99
C LEU A 309 22.25 19.41 -1.93
N THR A 310 21.63 18.82 -0.91
CA THR A 310 20.17 18.91 -0.74
C THR A 310 19.75 20.11 0.14
N GLY A 311 20.71 20.72 0.83
CA GLY A 311 20.40 21.79 1.78
C GLY A 311 19.77 21.25 3.05
N GLY A 312 20.39 20.21 3.61
CA GLY A 312 19.98 19.65 4.90
C GLY A 312 18.91 18.56 4.86
N GLU A 313 18.63 18.01 3.69
CA GLU A 313 17.61 16.96 3.57
C GLU A 313 18.28 15.60 3.38
N ASP A 314 17.66 14.56 3.89
CA ASP A 314 18.19 13.22 3.71
C ASP A 314 17.65 12.56 2.44
N ILE A 315 17.95 11.28 2.26
CA ILE A 315 17.52 10.54 1.08
C ILE A 315 16.25 9.74 1.31
N ASP A 316 15.20 10.11 0.57
CA ASP A 316 13.95 9.38 0.62
C ASP A 316 14.10 7.99 0.04
N ILE A 317 14.86 7.88 -1.06
CA ILE A 317 14.98 6.61 -1.79
C ILE A 317 16.43 6.37 -2.24
N VAL A 318 17.02 5.26 -1.80
CA VAL A 318 18.34 4.88 -2.32
C VAL A 318 18.19 3.85 -3.42
N PHE A 319 18.75 4.15 -4.60
CA PHE A 319 18.76 3.23 -5.74
C PHE A 319 20.06 2.45 -5.68
N GLU A 320 19.99 1.29 -5.00
CA GLU A 320 21.13 0.39 -4.82
C GLU A 320 21.30 -0.66 -5.92
N HIS A 321 22.55 -1.08 -6.09
CA HIS A 321 22.99 -2.12 -7.00
C HIS A 321 24.47 -2.46 -6.80
N PRO A 322 25.30 -1.51 -6.27
CA PRO A 322 26.68 -2.02 -6.07
C PRO A 322 26.83 -3.05 -4.94
N GLY A 323 25.95 -3.01 -3.94
CA GLY A 323 25.93 -4.04 -2.92
C GLY A 323 26.89 -3.84 -1.76
N ARG A 324 27.70 -4.87 -1.48
CA ARG A 324 28.56 -4.90 -0.29
C ARG A 324 29.34 -3.59 -0.02
N GLU A 325 30.12 -3.11 -0.98
CA GLU A 325 30.94 -1.90 -0.75
C GLU A 325 30.12 -0.73 -0.20
N THR A 326 28.89 -0.62 -0.68
CA THR A 326 28.16 0.61 -0.65
C THR A 326 26.93 0.54 0.31
N PHE A 327 26.52 -0.70 0.65
CA PHE A 327 25.25 -0.93 1.34
C PHE A 327 25.13 -0.33 2.74
N GLY A 328 26.20 -0.44 3.53
CA GLY A 328 26.31 0.22 4.82
C GLY A 328 25.98 1.70 4.71
N ALA A 329 26.62 2.39 3.77
CA ALA A 329 26.41 3.83 3.56
C ALA A 329 24.99 4.13 3.13
N SER A 330 24.52 3.36 2.16
CA SER A 330 23.15 3.48 1.68
C SER A 330 22.14 3.46 2.81
N VAL A 331 22.24 2.47 3.70
CA VAL A 331 21.29 2.37 4.82
C VAL A 331 21.41 3.56 5.77
N PHE A 332 22.64 4.00 6.02
CA PHE A 332 22.90 5.14 6.90
C PHE A 332 22.32 6.45 6.39
N VAL A 333 22.45 6.70 5.09
CA VAL A 333 22.16 8.06 4.59
C VAL A 333 20.66 8.26 4.36
N THR A 334 19.91 7.18 4.34
CA THR A 334 18.50 7.31 4.00
C THR A 334 17.66 7.92 5.14
N ARG A 335 16.74 8.79 4.75
CA ARG A 335 15.82 9.45 5.66
C ARG A 335 15.02 8.50 6.55
N LYS A 336 14.69 8.98 7.74
CA LYS A 336 13.71 8.33 8.59
C LYS A 336 12.46 7.99 7.77
N GLY A 337 12.09 6.70 7.77
CA GLY A 337 10.91 6.25 7.03
C GLY A 337 11.17 6.10 5.54
N GLY A 338 12.44 6.16 5.14
CA GLY A 338 12.80 6.01 3.75
C GLY A 338 13.07 4.59 3.28
N THR A 339 13.50 4.50 2.02
CA THR A 339 13.57 3.23 1.33
C THR A 339 14.91 3.03 0.67
N ILE A 340 15.50 1.85 0.85
CA ILE A 340 16.62 1.36 0.01
C ILE A 340 16.07 0.28 -0.90
N THR A 341 16.20 0.45 -2.22
CA THR A 341 15.71 -0.53 -3.17
C THR A 341 16.87 -1.16 -3.95
N THR A 342 16.96 -2.49 -3.94
CA THR A 342 18.14 -3.14 -4.46
C THR A 342 17.79 -4.18 -5.53
N CYS A 343 18.53 -4.18 -6.62
CA CYS A 343 18.30 -5.15 -7.70
C CYS A 343 19.57 -5.87 -8.09
N ALA A 344 20.64 -5.70 -7.33
CA ALA A 344 21.92 -6.33 -7.63
C ALA A 344 22.92 -6.13 -6.49
N SER A 345 24.08 -6.78 -6.61
CA SER A 345 25.15 -6.64 -5.64
C SER A 345 26.47 -6.85 -6.38
N THR A 346 26.78 -5.92 -7.28
CA THR A 346 27.88 -6.11 -8.22
C THR A 346 29.27 -6.10 -7.57
N SER A 347 29.42 -5.46 -6.40
CA SER A 347 30.67 -5.53 -5.64
C SER A 347 30.72 -6.69 -4.64
N GLY A 348 29.65 -7.48 -4.56
CA GLY A 348 29.59 -8.56 -3.57
C GLY A 348 28.22 -8.70 -2.95
N TYR A 349 27.75 -9.93 -2.83
CA TYR A 349 26.39 -10.16 -2.34
C TYR A 349 26.23 -10.37 -0.83
N MET A 350 27.33 -10.45 -0.08
CA MET A 350 27.22 -10.54 1.38
C MET A 350 27.18 -9.13 1.92
N HIS A 351 25.96 -8.69 2.24
CA HIS A 351 25.72 -7.32 2.67
C HIS A 351 25.91 -7.24 4.16
N GLU A 352 26.55 -6.16 4.62
CA GLU A 352 26.62 -5.88 6.04
C GLU A 352 26.16 -4.44 6.29
N TYR A 353 25.24 -4.28 7.23
CA TYR A 353 24.73 -2.97 7.55
C TYR A 353 24.38 -2.95 9.04
N ASP A 354 24.26 -1.74 9.58
CA ASP A 354 23.97 -1.53 11.00
C ASP A 354 22.46 -1.52 11.15
N ASN A 355 21.90 -2.59 11.72
CA ASN A 355 20.45 -2.68 11.81
C ASN A 355 19.82 -1.56 12.66
N ARG A 356 20.56 -1.04 13.63
CA ARG A 356 20.06 0.09 14.44
C ARG A 356 19.53 1.25 13.58
N TYR A 357 20.26 1.58 12.51
CA TYR A 357 19.82 2.66 11.61
C TYR A 357 18.54 2.26 10.87
N LEU A 358 18.37 0.97 10.61
CA LEU A 358 17.18 0.50 9.93
C LEU A 358 15.94 0.51 10.81
N TRP A 359 16.04 -0.08 12.02
CA TRP A 359 14.83 -0.23 12.85
C TRP A 359 14.43 1.05 13.59
N MET A 360 15.42 1.75 14.11
CA MET A 360 15.16 2.97 14.93
C MET A 360 14.66 4.14 14.06
N SER A 361 14.95 4.06 12.76
CA SER A 361 14.58 5.10 11.82
C SER A 361 13.51 4.65 10.81
N LEU A 362 12.92 3.48 11.08
CA LEU A 362 11.74 2.98 10.35
C LEU A 362 11.96 2.88 8.85
N LYS A 363 13.13 2.39 8.48
CA LYS A 363 13.54 2.30 7.09
C LYS A 363 13.19 0.90 6.52
N ARG A 364 13.24 0.80 5.19
CA ARG A 364 12.82 -0.38 4.43
C ARG A 364 13.91 -0.70 3.46
N ILE A 365 14.26 -1.98 3.34
CA ILE A 365 15.04 -2.47 2.19
C ILE A 365 14.10 -3.30 1.28
N ILE A 366 13.91 -2.86 0.03
CA ILE A 366 13.02 -3.54 -0.91
C ILE A 366 13.84 -4.17 -2.03
N GLY A 367 13.67 -5.48 -2.23
CA GLY A 367 14.35 -6.18 -3.31
C GLY A 367 13.53 -6.16 -4.59
N SER A 368 14.18 -6.02 -5.73
CA SER A 368 13.46 -5.92 -7.00
C SER A 368 14.30 -6.59 -8.06
N HIS A 369 13.65 -7.11 -9.09
CA HIS A 369 14.31 -7.99 -10.05
C HIS A 369 13.57 -7.88 -11.37
N PHE A 370 14.28 -7.49 -12.42
CA PHE A 370 13.66 -7.30 -13.72
C PHE A 370 12.34 -6.53 -13.54
N ALA A 371 11.28 -7.00 -14.20
CA ALA A 371 9.99 -6.31 -14.22
C ALA A 371 8.94 -7.29 -14.68
N ASN A 372 7.73 -7.19 -14.15
CA ASN A 372 6.63 -7.85 -14.81
C ASN A 372 6.28 -7.10 -16.10
N TYR A 373 5.43 -7.71 -16.90
CA TYR A 373 5.18 -7.25 -18.26
C TYR A 373 4.39 -5.95 -18.28
N ARG A 374 3.51 -5.77 -17.28
CA ARG A 374 2.82 -4.48 -17.15
C ARG A 374 3.84 -3.36 -16.91
N GLU A 375 4.75 -3.58 -15.95
CA GLU A 375 5.86 -2.67 -15.66
C GLU A 375 6.71 -2.38 -16.91
N ALA A 376 7.12 -3.43 -17.62
CA ALA A 376 7.95 -3.26 -18.83
C ALA A 376 7.20 -2.44 -19.89
N TRP A 377 5.91 -2.76 -20.08
CA TRP A 377 5.05 -2.01 -20.97
C TRP A 377 5.02 -0.52 -20.67
N GLU A 378 4.92 -0.19 -19.38
CA GLU A 378 4.86 1.17 -18.93
C GLU A 378 6.22 1.87 -19.12
N ALA A 379 7.30 1.13 -18.88
CA ALA A 379 8.68 1.62 -19.11
C ALA A 379 8.95 1.94 -20.56
N ASN A 380 8.53 1.04 -21.45
CA ASN A 380 8.71 1.22 -22.87
C ASN A 380 7.80 2.32 -23.46
N ARG A 381 6.60 2.46 -22.90
CA ARG A 381 5.68 3.54 -23.25
C ARG A 381 6.28 4.93 -22.97
N LEU A 382 6.95 5.06 -21.83
CA LEU A 382 7.69 6.29 -21.46
C LEU A 382 8.80 6.62 -22.46
N ILE A 383 9.55 5.63 -22.93
CA ILE A 383 10.48 5.82 -24.06
C ILE A 383 9.71 6.32 -25.28
N ALA A 384 8.65 5.62 -25.65
CA ALA A 384 7.83 5.95 -26.83
C ALA A 384 7.29 7.37 -26.78
N LYS A 385 6.82 7.80 -25.61
CA LYS A 385 6.31 9.16 -25.44
C LYS A 385 7.43 10.19 -25.41
N GLY A 386 8.67 9.70 -25.41
CA GLY A 386 9.83 10.57 -25.46
C GLY A 386 10.08 11.29 -24.16
N ARG A 387 9.63 10.68 -23.05
CA ARG A 387 9.88 11.24 -21.71
C ARG A 387 11.18 10.69 -21.18
N ILE A 388 11.52 9.47 -21.62
CA ILE A 388 12.75 8.78 -21.25
C ILE A 388 13.47 8.49 -22.56
N HIS A 389 14.79 8.58 -22.57
CA HIS A 389 15.51 8.30 -23.81
C HIS A 389 16.52 7.17 -23.68
N PRO A 390 16.77 6.44 -24.79
CA PRO A 390 17.83 5.42 -24.85
C PRO A 390 19.18 6.06 -24.63
N THR A 391 20.09 5.29 -24.04
CA THR A 391 21.36 5.83 -23.62
C THR A 391 22.51 5.08 -24.30
N LEU A 392 22.41 4.89 -25.62
CA LEU A 392 23.50 4.28 -26.38
C LEU A 392 24.74 5.18 -26.39
N SER A 393 25.89 4.61 -26.04
CA SER A 393 27.16 5.32 -26.16
C SER A 393 28.05 4.79 -27.28
N LYS A 394 27.80 3.54 -27.69
CA LYS A 394 28.66 2.77 -28.60
C LYS A 394 27.82 1.67 -29.24
N VAL A 395 28.10 1.36 -30.49
CA VAL A 395 27.37 0.32 -31.25
C VAL A 395 28.36 -0.55 -32.06
N TYR A 396 28.19 -1.86 -31.92
CA TYR A 396 28.98 -2.86 -32.65
C TYR A 396 28.13 -3.56 -33.71
N SER A 397 28.78 -4.14 -34.72
CA SER A 397 28.07 -5.07 -35.59
C SER A 397 27.99 -6.44 -34.93
N LEU A 398 27.11 -7.28 -35.46
CA LEU A 398 26.87 -8.60 -34.90
C LEU A 398 28.14 -9.44 -34.83
N GLU A 399 28.94 -9.41 -35.90
CA GLU A 399 30.21 -10.15 -35.94
C GLU A 399 31.22 -9.71 -34.88
N ASP A 400 31.06 -8.51 -34.31
CA ASP A 400 31.91 -7.95 -33.23
C ASP A 400 31.27 -8.01 -31.83
N THR A 401 30.29 -8.88 -31.65
CA THR A 401 29.59 -8.96 -30.37
C THR A 401 30.55 -9.38 -29.27
N GLY A 402 31.51 -10.24 -29.64
CA GLY A 402 32.58 -10.64 -28.73
C GLY A 402 33.27 -9.44 -28.11
N GLN A 403 33.75 -8.53 -28.96
CA GLN A 403 34.36 -7.28 -28.52
C GLN A 403 33.43 -6.44 -27.65
N ALA A 404 32.16 -6.38 -28.03
CA ALA A 404 31.15 -5.67 -27.27
C ALA A 404 31.01 -6.25 -25.84
N ALA A 405 30.97 -7.58 -25.74
CA ALA A 405 30.86 -8.24 -24.42
C ALA A 405 32.13 -7.99 -23.59
N TYR A 406 33.28 -8.05 -24.25
CA TYR A 406 34.57 -7.66 -23.63
C TYR A 406 34.46 -6.26 -23.03
N ASP A 407 34.05 -5.27 -23.83
CA ASP A 407 33.94 -3.89 -23.32
C ASP A 407 33.07 -3.73 -22.10
N VAL A 408 31.90 -4.37 -22.14
CA VAL A 408 30.97 -4.35 -21.03
C VAL A 408 31.56 -5.06 -19.82
N HIS A 409 32.11 -6.26 -20.03
CA HIS A 409 32.87 -6.96 -18.99
C HIS A 409 33.85 -6.02 -18.29
N ARG A 410 34.50 -5.15 -19.07
CA ARG A 410 35.49 -4.20 -18.54
C ARG A 410 34.96 -2.83 -18.13
N ASN A 411 33.67 -2.59 -18.30
CA ASN A 411 33.05 -1.32 -17.94
C ASN A 411 33.65 -0.14 -18.68
N LEU A 412 33.92 -0.32 -19.95
CA LEU A 412 34.55 0.71 -20.76
C LEU A 412 33.61 1.88 -21.07
N HIS A 413 32.34 1.61 -21.19
CA HIS A 413 31.41 2.62 -21.66
C HIS A 413 30.31 2.98 -20.68
N GLN A 414 29.82 4.20 -20.81
CA GLN A 414 28.69 4.65 -20.02
C GLN A 414 27.41 4.25 -20.75
N GLY A 415 26.29 4.24 -20.04
CA GLY A 415 25.00 3.91 -20.66
C GLY A 415 24.95 2.50 -21.21
N LYS A 416 24.39 2.37 -22.43
CA LYS A 416 24.16 1.09 -23.09
C LYS A 416 25.09 0.84 -24.28
N VAL A 417 25.56 -0.40 -24.42
CA VAL A 417 26.26 -0.87 -25.62
C VAL A 417 25.32 -1.65 -26.56
N GLY A 418 25.09 -1.09 -27.75
CA GLY A 418 24.16 -1.67 -28.71
C GLY A 418 24.79 -2.55 -29.78
N VAL A 419 23.97 -3.37 -30.40
CA VAL A 419 24.46 -4.32 -31.39
C VAL A 419 23.52 -4.36 -32.58
N LEU A 420 24.05 -4.08 -33.76
CA LEU A 420 23.26 -4.22 -34.97
C LEU A 420 23.24 -5.68 -35.33
N CYS A 421 22.07 -6.18 -35.71
CA CYS A 421 21.93 -7.56 -36.14
C CYS A 421 21.66 -7.59 -37.63
N LEU A 422 20.40 -7.39 -38.05
CA LEU A 422 20.07 -7.34 -39.48
C LEU A 422 20.28 -5.95 -40.11
N ALA A 423 20.12 -4.89 -39.32
CA ALA A 423 20.44 -3.52 -39.76
C ALA A 423 21.84 -3.44 -40.37
N PRO A 424 21.94 -3.00 -41.64
CA PRO A 424 23.25 -2.88 -42.29
C PRO A 424 24.05 -1.67 -41.84
N GLU A 425 23.37 -0.71 -41.21
CA GLU A 425 24.01 0.50 -40.69
C GLU A 425 23.26 1.06 -39.47
N GLU A 426 23.90 1.98 -38.77
CA GLU A 426 23.30 2.71 -37.68
C GLU A 426 22.25 3.71 -38.19
N GLY A 427 21.28 4.02 -37.33
CA GLY A 427 20.37 5.14 -37.54
C GLY A 427 19.19 4.87 -38.45
N LEU A 428 18.88 3.60 -38.66
CA LEU A 428 17.79 3.23 -39.55
C LEU A 428 16.54 2.95 -38.73
N GLY A 429 15.37 2.98 -39.39
CA GLY A 429 14.14 2.54 -38.76
C GLY A 429 13.27 3.61 -38.11
N VAL A 430 13.68 4.88 -38.17
CA VAL A 430 12.84 5.95 -37.63
C VAL A 430 11.72 6.42 -38.57
N ARG A 431 10.48 6.41 -38.06
CA ARG A 431 9.30 6.76 -38.87
C ARG A 431 8.77 8.15 -38.59
N ASP A 432 8.94 8.60 -37.34
CA ASP A 432 8.56 9.96 -36.96
C ASP A 432 9.81 10.81 -36.80
N ARG A 433 10.24 11.42 -37.91
CA ARG A 433 11.42 12.29 -37.91
C ARG A 433 11.14 13.60 -37.17
N GLU A 434 9.86 13.94 -37.00
CA GLU A 434 9.48 15.17 -36.29
C GLU A 434 9.60 15.03 -34.76
N LYS A 435 9.19 13.88 -34.24
CA LYS A 435 9.40 13.60 -32.82
C LYS A 435 10.89 13.44 -32.56
N ARG A 436 11.59 12.77 -33.48
CA ARG A 436 13.04 12.59 -33.34
C ARG A 436 13.75 13.94 -33.19
N ALA A 437 13.50 14.87 -34.12
CA ALA A 437 14.10 16.19 -34.09
C ALA A 437 13.88 16.86 -32.72
N GLN A 438 12.71 16.66 -32.13
CA GLN A 438 12.41 17.25 -30.83
C GLN A 438 13.35 16.72 -29.73
N HIS A 439 13.71 15.45 -29.82
CA HIS A 439 14.40 14.74 -28.75
C HIS A 439 15.84 14.35 -29.07
N LEU A 440 16.35 14.82 -30.21
CA LEU A 440 17.63 14.32 -30.73
C LEU A 440 18.81 14.51 -29.77
N ASP A 441 18.92 15.71 -29.21
CA ASP A 441 20.00 16.01 -28.28
C ASP A 441 19.94 15.19 -26.99
N ALA A 442 18.73 14.83 -26.57
CA ALA A 442 18.58 13.98 -25.41
C ALA A 442 18.98 12.53 -25.75
N ILE A 443 18.50 12.05 -26.89
CA ILE A 443 18.78 10.70 -27.39
C ILE A 443 20.26 10.42 -27.57
N ASN A 444 21.01 11.42 -28.01
CA ASN A 444 22.44 11.24 -28.24
C ASN A 444 23.34 11.72 -27.10
N ARG A 445 22.77 12.04 -25.95
CA ARG A 445 23.56 12.53 -24.82
C ARG A 445 24.74 11.64 -24.46
N PHE A 446 24.61 10.33 -24.66
CA PHE A 446 25.70 9.40 -24.30
C PHE A 446 26.71 9.11 -25.40
N ARG A 447 26.50 9.66 -26.59
CA ARG A 447 27.34 9.35 -27.76
C ARG A 447 28.64 10.13 -27.77
N SER B 2 -17.25 -47.52 -25.95
CA SER B 2 -15.96 -47.06 -25.37
C SER B 2 -16.01 -47.04 -23.83
N LEU B 3 -15.01 -46.42 -23.21
CA LEU B 3 -14.98 -46.29 -21.76
C LEU B 3 -16.06 -45.31 -21.32
N THR B 4 -16.97 -45.77 -20.47
CA THR B 4 -18.04 -44.91 -19.97
C THR B 4 -17.60 -44.19 -18.68
N VAL B 5 -18.38 -43.20 -18.29
CA VAL B 5 -18.12 -42.48 -17.07
C VAL B 5 -18.26 -43.39 -15.83
N LYS B 6 -19.13 -44.39 -15.93
CA LYS B 6 -19.27 -45.46 -14.93
C LYS B 6 -17.94 -46.17 -14.63
N ASP B 7 -17.19 -46.50 -15.68
CA ASP B 7 -15.88 -47.15 -15.53
C ASP B 7 -14.92 -46.26 -14.74
N ILE B 8 -15.01 -44.95 -14.98
CA ILE B 8 -14.20 -43.96 -14.27
C ILE B 8 -14.58 -43.91 -12.79
N LEU B 9 -15.89 -43.86 -12.52
CA LEU B 9 -16.41 -43.93 -11.15
C LEU B 9 -15.88 -45.15 -10.42
N ASP B 10 -16.06 -46.32 -11.05
CA ASP B 10 -15.60 -47.63 -10.57
C ASP B 10 -14.16 -47.55 -10.09
N ALA B 11 -13.33 -46.92 -10.93
CA ALA B 11 -11.90 -46.83 -10.70
C ALA B 11 -11.55 -45.74 -9.70
N ILE B 12 -12.42 -44.73 -9.57
CA ILE B 12 -12.22 -43.71 -8.53
C ILE B 12 -12.55 -44.29 -7.15
N GLN B 13 -13.61 -45.09 -7.08
CA GLN B 13 -14.19 -45.57 -5.82
C GLN B 13 -13.59 -46.85 -5.24
N SER B 14 -13.00 -47.68 -6.10
CA SER B 14 -12.27 -48.87 -5.66
C SER B 14 -11.16 -48.43 -4.71
N PRO B 15 -10.93 -49.20 -3.61
CA PRO B 15 -10.06 -48.71 -2.54
C PRO B 15 -8.63 -48.43 -3.01
N ASP B 16 -7.89 -49.48 -3.35
CA ASP B 16 -6.52 -49.32 -3.85
C ASP B 16 -6.43 -49.18 -5.37
N SER B 17 -7.08 -48.15 -5.89
CA SER B 17 -6.79 -47.65 -7.22
C SER B 17 -5.83 -46.48 -7.02
N THR B 18 -4.77 -46.47 -7.83
CA THR B 18 -3.72 -45.47 -7.69
C THR B 18 -3.79 -44.45 -8.85
N PRO B 19 -3.02 -43.35 -8.74
CA PRO B 19 -2.77 -42.43 -9.86
C PRO B 19 -2.38 -43.13 -11.17
N ALA B 20 -1.71 -44.29 -11.06
CA ALA B 20 -1.28 -45.04 -12.23
C ALA B 20 -2.47 -45.58 -13.03
N ASP B 21 -3.48 -46.06 -12.32
CA ASP B 21 -4.67 -46.67 -12.92
C ASP B 21 -5.62 -45.66 -13.58
N ILE B 22 -5.68 -44.43 -13.08
CA ILE B 22 -6.51 -43.38 -13.66
C ILE B 22 -5.90 -42.87 -14.96
N ALA B 23 -4.57 -42.69 -14.91
CA ALA B 23 -3.79 -42.22 -16.04
C ALA B 23 -3.91 -43.17 -17.23
N ALA B 24 -3.96 -44.46 -16.93
CA ALA B 24 -4.03 -45.53 -17.94
C ALA B 24 -5.40 -45.65 -18.63
N LEU B 25 -6.46 -45.27 -17.92
CA LEU B 25 -7.82 -45.20 -18.50
C LEU B 25 -7.87 -44.29 -19.74
N PRO B 26 -8.54 -44.76 -20.81
CA PRO B 26 -8.74 -43.89 -21.98
C PRO B 26 -9.87 -42.90 -21.72
N LEU B 27 -9.91 -41.81 -22.47
CA LEU B 27 -10.98 -40.84 -22.32
C LEU B 27 -12.30 -41.42 -22.83
N PRO B 28 -13.39 -41.19 -22.09
CA PRO B 28 -14.73 -41.51 -22.56
C PRO B 28 -15.11 -40.55 -23.69
N GLU B 29 -16.16 -40.89 -24.42
CA GLU B 29 -16.46 -40.16 -25.64
C GLU B 29 -17.64 -39.23 -25.47
N SER B 30 -18.43 -39.46 -24.43
CA SER B 30 -19.54 -38.58 -24.14
C SER B 30 -19.79 -38.53 -22.64
N TYR B 31 -20.51 -37.51 -22.21
CA TYR B 31 -20.83 -37.39 -20.78
C TYR B 31 -22.13 -36.67 -20.60
N ARG B 32 -22.74 -36.88 -19.43
CA ARG B 32 -23.94 -36.17 -19.04
C ARG B 32 -23.60 -34.77 -18.49
N ALA B 33 -24.35 -33.79 -18.96
CA ALA B 33 -24.05 -32.38 -18.73
C ALA B 33 -25.34 -31.62 -18.63
N ILE B 34 -25.39 -30.70 -17.67
CA ILE B 34 -26.50 -29.75 -17.57
C ILE B 34 -26.25 -28.62 -18.57
N THR B 35 -27.29 -28.32 -19.33
CA THR B 35 -27.16 -27.56 -20.55
C THR B 35 -28.31 -26.56 -20.76
N VAL B 36 -28.01 -25.50 -21.50
CA VAL B 36 -29.00 -24.58 -22.03
C VAL B 36 -28.80 -24.60 -23.55
N HIS B 37 -29.88 -24.46 -24.32
CA HIS B 37 -29.81 -24.55 -25.79
C HIS B 37 -29.98 -23.21 -26.48
N LYS B 38 -29.15 -22.99 -27.50
CA LYS B 38 -29.18 -21.79 -28.31
C LYS B 38 -30.56 -21.61 -28.93
N ASP B 39 -31.22 -22.74 -29.18
CA ASP B 39 -32.60 -22.85 -29.66
C ASP B 39 -33.61 -22.01 -28.88
N GLU B 40 -33.39 -21.92 -27.58
CA GLU B 40 -34.46 -21.58 -26.64
C GLU B 40 -34.24 -20.25 -25.93
N THR B 41 -33.31 -19.44 -26.42
CA THR B 41 -32.91 -18.22 -25.72
C THR B 41 -34.03 -17.18 -25.53
N GLU B 42 -35.10 -17.31 -26.32
CA GLU B 42 -36.23 -16.38 -26.30
C GLU B 42 -37.47 -16.92 -25.61
N MET B 43 -37.40 -18.18 -25.15
CA MET B 43 -38.54 -18.84 -24.49
C MET B 43 -39.14 -18.09 -23.28
N PHE B 44 -38.40 -17.15 -22.68
CA PHE B 44 -38.92 -16.37 -21.53
C PHE B 44 -39.45 -14.95 -21.88
N ALA B 45 -39.88 -14.81 -23.13
CA ALA B 45 -40.94 -13.89 -23.57
C ALA B 45 -41.00 -12.47 -22.98
N GLY B 46 -42.21 -12.11 -22.57
CA GLY B 46 -42.46 -10.88 -21.86
C GLY B 46 -42.87 -11.30 -20.47
N LEU B 47 -41.88 -11.73 -19.70
CA LEU B 47 -42.08 -12.14 -18.31
C LEU B 47 -41.12 -11.37 -17.43
N GLU B 48 -41.55 -11.08 -16.20
CA GLU B 48 -40.66 -10.54 -15.18
C GLU B 48 -39.58 -11.59 -14.88
N THR B 49 -38.43 -11.14 -14.40
CA THR B 49 -37.32 -12.03 -14.03
C THR B 49 -37.76 -13.09 -13.03
N ARG B 50 -38.41 -12.65 -11.96
CA ARG B 50 -38.84 -13.53 -10.87
C ARG B 50 -39.89 -14.56 -11.29
N ASP B 51 -40.46 -14.39 -12.47
CA ASP B 51 -41.41 -15.37 -13.02
C ASP B 51 -40.78 -16.33 -14.05
N LYS B 52 -39.47 -16.23 -14.24
CA LYS B 52 -38.81 -17.15 -15.16
C LYS B 52 -38.41 -18.43 -14.42
N ASP B 53 -38.85 -19.58 -14.93
CA ASP B 53 -38.58 -20.87 -14.29
C ASP B 53 -37.41 -21.58 -14.98
N PRO B 54 -36.22 -21.56 -14.34
CA PRO B 54 -35.02 -22.19 -14.92
C PRO B 54 -35.24 -23.64 -15.37
N ARG B 55 -36.19 -24.35 -14.75
CA ARG B 55 -36.43 -25.77 -15.07
C ARG B 55 -36.93 -26.01 -16.49
N LYS B 56 -37.44 -24.95 -17.11
CA LYS B 56 -37.98 -25.06 -18.45
C LYS B 56 -36.85 -25.03 -19.47
N SER B 57 -35.76 -24.36 -19.13
CA SER B 57 -34.65 -24.17 -20.06
C SER B 57 -33.51 -25.17 -19.85
N ILE B 58 -33.49 -25.82 -18.69
CA ILE B 58 -32.37 -26.71 -18.34
C ILE B 58 -32.55 -28.12 -18.88
N HIS B 59 -31.58 -28.57 -19.67
CA HIS B 59 -31.60 -29.94 -20.16
C HIS B 59 -30.47 -30.74 -19.54
N LEU B 60 -30.68 -32.04 -19.40
CA LEU B 60 -29.58 -32.95 -19.13
C LEU B 60 -29.27 -33.69 -20.44
N ASP B 61 -28.14 -33.37 -21.06
CA ASP B 61 -27.75 -33.93 -22.36
C ASP B 61 -26.58 -34.91 -22.24
N ASP B 62 -26.42 -35.75 -23.26
CA ASP B 62 -25.18 -36.48 -23.49
C ASP B 62 -24.41 -35.67 -24.50
N VAL B 63 -23.17 -35.35 -24.13
CA VAL B 63 -22.41 -34.33 -24.81
C VAL B 63 -21.06 -34.93 -25.11
N PRO B 64 -20.49 -34.60 -26.28
CA PRO B 64 -19.15 -35.14 -26.51
C PRO B 64 -18.04 -34.45 -25.69
N VAL B 65 -17.07 -35.24 -25.27
CA VAL B 65 -15.87 -34.74 -24.62
C VAL B 65 -15.11 -33.86 -25.61
N PRO B 66 -14.73 -32.63 -25.16
CA PRO B 66 -14.01 -31.69 -26.02
C PRO B 66 -12.53 -32.02 -26.14
N GLU B 67 -11.92 -31.51 -27.20
CA GLU B 67 -10.48 -31.61 -27.41
C GLU B 67 -9.70 -30.96 -26.26
N LEU B 68 -8.75 -31.72 -25.72
CA LEU B 68 -7.90 -31.26 -24.63
C LEU B 68 -6.72 -30.48 -25.22
N GLY B 69 -6.64 -29.18 -24.92
CA GLY B 69 -5.58 -28.34 -25.44
C GLY B 69 -4.42 -28.10 -24.48
N PRO B 70 -3.41 -27.35 -24.95
CA PRO B 70 -2.23 -27.01 -24.14
C PRO B 70 -2.58 -26.26 -22.85
N GLY B 71 -1.96 -26.66 -21.74
CA GLY B 71 -2.19 -25.98 -20.48
C GLY B 71 -3.55 -26.26 -19.84
N GLU B 72 -4.19 -27.35 -20.27
CA GLU B 72 -5.54 -27.70 -19.79
C GLU B 72 -5.65 -29.08 -19.14
N ALA B 73 -6.80 -29.32 -18.51
CA ALA B 73 -7.04 -30.60 -17.85
C ALA B 73 -8.48 -31.02 -18.05
N LEU B 74 -8.68 -32.32 -18.33
CA LEU B 74 -9.99 -32.92 -18.23
C LEU B 74 -10.15 -33.51 -16.83
N VAL B 75 -11.29 -33.24 -16.20
CA VAL B 75 -11.54 -33.65 -14.81
C VAL B 75 -12.82 -34.47 -14.74
N ALA B 76 -12.78 -35.58 -14.01
CA ALA B 76 -14.02 -36.29 -13.66
C ALA B 76 -14.69 -35.56 -12.49
N VAL B 77 -15.87 -34.99 -12.74
CA VAL B 77 -16.52 -34.11 -11.77
C VAL B 77 -17.37 -34.91 -10.79
N MET B 78 -16.93 -34.96 -9.53
CA MET B 78 -17.71 -35.68 -8.51
C MET B 78 -18.88 -34.83 -7.98
N ALA B 79 -18.69 -33.52 -7.91
CA ALA B 79 -19.74 -32.63 -7.39
C ALA B 79 -19.50 -31.21 -7.87
N SER B 80 -20.52 -30.39 -7.75
CA SER B 80 -20.46 -29.00 -8.16
C SER B 80 -21.40 -28.18 -7.27
N SER B 81 -21.72 -26.96 -7.68
CA SER B 81 -22.68 -26.13 -6.96
C SER B 81 -23.40 -25.21 -7.93
N VAL B 82 -24.59 -24.74 -7.53
CA VAL B 82 -25.32 -23.74 -8.31
C VAL B 82 -24.91 -22.34 -7.84
N ASN B 83 -24.42 -21.53 -8.77
CA ASN B 83 -24.12 -20.14 -8.50
C ASN B 83 -25.12 -19.23 -9.18
N TYR B 84 -25.25 -18.01 -8.67
CA TYR B 84 -26.14 -17.01 -9.29
C TYR B 84 -25.87 -16.86 -10.78
N ASN B 85 -24.59 -16.78 -11.17
CA ASN B 85 -24.27 -16.71 -12.62
C ASN B 85 -24.83 -17.89 -13.43
N SER B 86 -24.88 -19.10 -12.85
CA SER B 86 -25.47 -20.26 -13.53
C SER B 86 -26.99 -20.10 -13.68
N VAL B 87 -27.61 -19.50 -12.67
CA VAL B 87 -29.05 -19.17 -12.71
C VAL B 87 -29.33 -18.09 -13.77
N HIS B 88 -28.52 -17.04 -13.83
CA HIS B 88 -28.71 -16.03 -14.87
C HIS B 88 -28.51 -16.63 -16.28
N THR B 89 -27.56 -17.54 -16.45
CA THR B 89 -27.45 -18.14 -17.78
C THR B 89 -28.70 -18.98 -18.13
N SER B 90 -29.22 -19.73 -17.15
CA SER B 90 -30.50 -20.50 -17.24
C SER B 90 -31.71 -19.76 -17.77
N ILE B 91 -31.91 -18.56 -17.27
CA ILE B 91 -32.91 -17.68 -17.84
C ILE B 91 -32.05 -16.89 -18.79
N PHE B 92 -32.55 -16.02 -19.63
CA PHE B 92 -31.49 -15.54 -20.54
C PHE B 92 -31.16 -14.09 -20.30
N GLU B 93 -30.63 -13.86 -19.11
CA GLU B 93 -30.50 -12.52 -18.54
C GLU B 93 -29.03 -12.19 -18.26
N PRO B 94 -28.61 -10.95 -18.57
CA PRO B 94 -29.39 -9.93 -19.30
C PRO B 94 -29.59 -10.32 -20.77
N LEU B 95 -28.56 -10.90 -21.36
CA LEU B 95 -28.63 -11.54 -22.67
C LEU B 95 -28.16 -12.99 -22.46
N SER B 96 -28.38 -13.85 -23.44
CA SER B 96 -27.90 -15.22 -23.33
C SER B 96 -26.38 -15.25 -23.38
N THR B 97 -25.80 -16.36 -22.96
CA THR B 97 -24.37 -16.55 -23.00
C THR B 97 -23.82 -16.89 -24.39
N PHE B 98 -24.68 -17.19 -25.37
CA PHE B 98 -24.17 -17.62 -26.70
C PHE B 98 -23.51 -16.49 -27.49
N GLY B 99 -23.89 -15.26 -27.24
CA GLY B 99 -23.26 -14.09 -27.85
C GLY B 99 -21.77 -14.06 -27.62
N PHE B 100 -21.37 -14.14 -26.35
CA PHE B 100 -19.95 -14.13 -26.02
C PHE B 100 -19.20 -15.37 -26.52
N LEU B 101 -19.79 -16.55 -26.36
CA LEU B 101 -19.13 -17.74 -26.87
C LEU B 101 -18.81 -17.56 -28.37
N GLU B 102 -19.77 -17.03 -29.13
CA GLU B 102 -19.66 -16.82 -30.57
C GLU B 102 -18.58 -15.83 -30.97
N ARG B 103 -18.54 -14.69 -30.28
CA ARG B 103 -17.58 -13.66 -30.58
C ARG B 103 -16.16 -14.09 -30.18
N TYR B 104 -16.01 -14.52 -28.93
CA TYR B 104 -14.72 -15.04 -28.51
C TYR B 104 -14.24 -16.21 -29.35
N GLY B 105 -15.15 -17.10 -29.76
CA GLY B 105 -14.82 -18.19 -30.68
C GLY B 105 -14.13 -17.82 -31.99
N ARG B 106 -14.10 -16.52 -32.35
CA ARG B 106 -13.45 -16.06 -33.59
C ARG B 106 -11.94 -15.94 -33.45
N VAL B 107 -11.48 -15.95 -32.19
CA VAL B 107 -10.13 -15.56 -31.81
C VAL B 107 -9.07 -16.63 -32.09
N SER B 108 -9.45 -17.92 -32.03
CA SER B 108 -8.52 -19.04 -32.29
C SER B 108 -9.27 -20.33 -32.57
N ASP B 109 -8.55 -21.35 -33.04
CA ASP B 109 -9.12 -22.69 -33.20
C ASP B 109 -9.60 -23.24 -31.85
N LEU B 110 -8.78 -23.08 -30.82
CA LEU B 110 -9.12 -23.57 -29.49
C LEU B 110 -10.32 -22.84 -28.89
N ALA B 111 -10.40 -21.53 -29.14
CA ALA B 111 -11.54 -20.74 -28.67
C ALA B 111 -12.86 -21.16 -29.33
N LYS B 112 -12.76 -21.62 -30.57
CA LYS B 112 -13.94 -22.02 -31.31
C LYS B 112 -14.59 -23.29 -30.73
N ARG B 113 -13.82 -24.12 -30.04
CA ARG B 113 -14.36 -25.31 -29.34
C ARG B 113 -15.58 -24.99 -28.47
N HIS B 114 -15.60 -23.80 -27.88
CA HIS B 114 -16.68 -23.38 -27.01
C HIS B 114 -17.95 -22.98 -27.77
N ASP B 115 -17.80 -22.71 -29.07
CA ASP B 115 -18.89 -22.17 -29.89
C ASP B 115 -19.84 -23.27 -30.38
N LEU B 116 -20.75 -23.67 -29.49
CA LEU B 116 -21.61 -24.84 -29.70
C LEU B 116 -23.10 -24.48 -29.62
N PRO B 117 -23.98 -25.37 -30.11
CA PRO B 117 -25.40 -25.06 -30.03
C PRO B 117 -25.95 -25.21 -28.61
N TYR B 118 -25.13 -25.75 -27.72
CA TYR B 118 -25.51 -25.96 -26.33
C TYR B 118 -24.41 -25.38 -25.45
N HIS B 119 -24.78 -24.99 -24.23
CA HIS B 119 -23.84 -24.44 -23.26
C HIS B 119 -23.77 -25.27 -21.98
N VAL B 120 -22.65 -25.96 -21.77
CA VAL B 120 -22.47 -26.69 -20.51
C VAL B 120 -22.09 -25.71 -19.41
N ILE B 121 -22.95 -25.61 -18.40
CA ILE B 121 -22.84 -24.60 -17.35
C ILE B 121 -22.27 -25.10 -16.00
N GLY B 122 -22.03 -24.15 -15.11
CA GLY B 122 -21.48 -24.45 -13.78
C GLY B 122 -20.08 -23.91 -13.60
N SER B 123 -19.86 -23.26 -12.45
CA SER B 123 -18.60 -22.60 -12.15
C SER B 123 -17.86 -23.11 -10.90
N ASP B 124 -18.29 -24.22 -10.35
CA ASP B 124 -17.58 -24.89 -9.28
C ASP B 124 -17.32 -26.33 -9.62
N LEU B 125 -16.35 -26.94 -8.99
CA LEU B 125 -16.11 -28.35 -9.10
C LEU B 125 -15.21 -28.98 -8.03
N ALA B 126 -15.42 -30.23 -7.76
CA ALA B 126 -14.53 -31.06 -7.03
C ALA B 126 -14.54 -32.42 -7.69
N GLY B 127 -13.39 -32.96 -7.94
CA GLY B 127 -13.27 -34.18 -8.70
C GLY B 127 -11.84 -34.66 -8.87
N VAL B 128 -11.60 -35.39 -9.95
CA VAL B 128 -10.34 -36.07 -10.14
C VAL B 128 -9.81 -35.79 -11.52
N VAL B 129 -8.59 -35.24 -11.59
CA VAL B 129 -7.92 -35.10 -12.88
C VAL B 129 -7.84 -36.45 -13.59
N LEU B 130 -8.31 -36.46 -14.84
CA LEU B 130 -8.26 -37.64 -15.70
C LEU B 130 -7.09 -37.58 -16.65
N ARG B 131 -6.89 -36.41 -17.26
CA ARG B 131 -5.89 -36.22 -18.29
C ARG B 131 -5.47 -34.76 -18.36
N THR B 132 -4.23 -34.57 -18.79
CA THR B 132 -3.47 -33.35 -18.66
C THR B 132 -2.93 -33.01 -20.05
N GLY B 133 -3.14 -31.78 -20.48
CA GLY B 133 -2.71 -31.37 -21.82
C GLY B 133 -1.22 -31.05 -21.83
N PRO B 134 -0.67 -30.70 -23.00
CA PRO B 134 0.77 -30.45 -23.11
C PRO B 134 1.25 -29.26 -22.27
N GLY B 135 2.29 -29.48 -21.47
CA GLY B 135 2.91 -28.38 -20.72
C GLY B 135 2.41 -28.29 -19.28
N VAL B 136 1.42 -29.10 -18.95
CA VAL B 136 0.91 -29.17 -17.59
C VAL B 136 1.82 -30.05 -16.75
N ASN B 137 2.31 -29.50 -15.63
CA ASN B 137 3.29 -30.18 -14.77
C ASN B 137 2.92 -30.21 -13.33
N ALA B 138 2.06 -29.28 -12.91
CA ALA B 138 1.78 -29.12 -11.49
C ALA B 138 0.67 -30.08 -11.08
N TRP B 139 0.05 -30.71 -12.07
CA TRP B 139 -1.09 -31.61 -11.87
C TRP B 139 -0.93 -32.85 -12.71
N GLN B 140 -1.50 -33.94 -12.22
CA GLN B 140 -1.37 -35.20 -12.91
C GLN B 140 -2.65 -35.98 -12.70
N ALA B 141 -2.87 -36.98 -13.54
CA ALA B 141 -4.06 -37.84 -13.46
C ALA B 141 -4.13 -38.48 -12.09
N GLY B 142 -5.35 -38.63 -11.57
CA GLY B 142 -5.53 -39.12 -10.21
C GLY B 142 -5.57 -38.07 -9.11
N ASP B 143 -5.12 -36.84 -9.39
CA ASP B 143 -5.12 -35.76 -8.36
C ASP B 143 -6.55 -35.33 -8.02
N GLU B 144 -6.84 -35.20 -6.74
CA GLU B 144 -8.16 -34.75 -6.32
C GLU B 144 -8.13 -33.23 -6.21
N VAL B 145 -9.10 -32.57 -6.86
CA VAL B 145 -9.01 -31.13 -7.08
C VAL B 145 -10.33 -30.41 -6.89
N VAL B 146 -10.24 -29.12 -6.61
CA VAL B 146 -11.37 -28.21 -6.81
C VAL B 146 -10.97 -27.22 -7.92
N ALA B 147 -11.92 -26.45 -8.45
CA ALA B 147 -11.51 -25.46 -9.48
C ALA B 147 -11.89 -24.02 -9.08
N HIS B 148 -11.06 -23.07 -9.44
CA HIS B 148 -11.43 -21.66 -9.41
C HIS B 148 -12.06 -21.35 -10.77
N CYS B 149 -12.80 -20.26 -10.87
CA CYS B 149 -13.58 -20.01 -12.07
C CYS B 149 -12.96 -19.01 -13.04
N LEU B 150 -11.80 -18.47 -12.70
CA LEU B 150 -11.16 -17.50 -13.58
C LEU B 150 -10.32 -18.16 -14.66
N SER B 151 -10.60 -17.82 -15.90
CA SER B 151 -9.70 -18.17 -17.01
C SER B 151 -9.11 -16.90 -17.60
N VAL B 152 -7.79 -16.84 -17.67
CA VAL B 152 -7.11 -15.68 -18.22
C VAL B 152 -6.15 -16.13 -19.31
N GLU B 153 -5.93 -15.29 -20.32
CA GLU B 153 -4.95 -15.55 -21.37
C GLU B 153 -3.64 -14.83 -21.09
N LEU B 154 -3.75 -13.61 -20.54
CA LEU B 154 -2.58 -12.75 -20.26
C LEU B 154 -1.67 -12.45 -21.46
N GLU B 155 -2.26 -12.41 -22.66
CA GLU B 155 -1.54 -11.91 -23.83
C GLU B 155 -1.34 -10.40 -23.64
N SER B 156 -2.36 -9.72 -23.16
CA SER B 156 -2.24 -8.31 -22.82
C SER B 156 -1.31 -8.13 -21.62
N SER B 157 -0.66 -6.98 -21.55
CA SER B 157 0.17 -6.67 -20.39
C SER B 157 -0.65 -6.26 -19.17
N ASP B 158 -1.93 -5.90 -19.36
CA ASP B 158 -2.75 -5.36 -18.26
C ASP B 158 -2.85 -6.23 -17.00
N GLY B 159 -2.87 -7.55 -17.16
CA GLY B 159 -3.09 -8.42 -15.99
C GLY B 159 -1.82 -8.96 -15.38
N HIS B 160 -0.68 -8.37 -15.72
CA HIS B 160 0.58 -8.87 -15.19
C HIS B 160 0.97 -8.36 -13.80
N ASN B 161 0.14 -7.51 -13.21
CA ASN B 161 0.29 -7.15 -11.78
C ASN B 161 -0.91 -7.49 -10.86
N ASP B 162 -1.93 -8.12 -11.44
CA ASP B 162 -3.15 -8.58 -10.78
C ASP B 162 -3.99 -9.00 -11.98
N THR B 163 -4.28 -10.28 -12.02
CA THR B 163 -4.80 -10.95 -13.17
C THR B 163 -6.27 -10.61 -13.47
N MET B 164 -7.01 -10.13 -12.47
CA MET B 164 -8.34 -9.63 -12.69
C MET B 164 -8.40 -8.40 -13.61
N LEU B 165 -7.25 -7.86 -13.97
CA LEU B 165 -7.18 -6.76 -14.93
C LEU B 165 -7.00 -7.22 -16.40
N ASP B 166 -6.87 -8.52 -16.64
CA ASP B 166 -6.74 -9.08 -18.02
C ASP B 166 -8.02 -8.79 -18.84
N PRO B 167 -7.88 -8.10 -20.00
CA PRO B 167 -9.11 -7.86 -20.78
C PRO B 167 -9.67 -9.12 -21.47
N GLU B 168 -8.90 -10.20 -21.48
CA GLU B 168 -9.40 -11.40 -22.15
C GLU B 168 -9.93 -12.44 -21.18
N GLN B 169 -10.15 -12.03 -19.94
CA GLN B 169 -10.61 -12.96 -18.93
C GLN B 169 -11.95 -13.55 -19.31
N ARG B 170 -12.21 -14.76 -18.82
CA ARG B 170 -13.53 -15.40 -18.99
C ARG B 170 -13.89 -16.10 -17.72
N ILE B 171 -15.17 -16.03 -17.34
CA ILE B 171 -15.65 -16.86 -16.27
C ILE B 171 -15.98 -18.26 -16.80
N TRP B 172 -15.28 -19.26 -16.24
CA TRP B 172 -15.44 -20.65 -16.61
C TRP B 172 -16.87 -21.13 -16.33
N GLY B 173 -17.47 -21.77 -17.32
CA GLY B 173 -18.86 -22.21 -17.25
C GLY B 173 -19.88 -21.11 -17.57
N PHE B 174 -19.39 -19.89 -17.76
CA PHE B 174 -20.29 -18.75 -17.98
C PHE B 174 -19.91 -18.11 -19.30
N GLU B 175 -18.65 -17.70 -19.42
CA GLU B 175 -18.08 -17.19 -20.68
C GLU B 175 -17.17 -18.24 -21.36
N THR B 176 -17.14 -19.44 -20.80
CA THR B 176 -16.57 -20.60 -21.48
C THR B 176 -17.65 -21.68 -21.45
N ASN B 177 -17.49 -22.73 -22.25
CA ASN B 177 -18.36 -23.89 -22.20
C ASN B 177 -17.69 -24.89 -21.27
N PHE B 178 -18.23 -26.11 -21.22
CA PHE B 178 -17.62 -27.22 -20.50
C PHE B 178 -17.51 -26.93 -18.99
N GLY B 179 -18.57 -26.36 -18.42
CA GLY B 179 -18.67 -26.03 -17.01
C GLY B 179 -18.86 -27.24 -16.11
N GLY B 180 -18.91 -26.99 -14.82
CA GLY B 180 -18.86 -28.04 -13.82
C GLY B 180 -20.14 -28.77 -13.44
N LEU B 181 -21.31 -28.31 -13.90
CA LEU B 181 -22.57 -29.04 -13.66
C LEU B 181 -22.72 -30.15 -14.69
N ALA B 182 -21.85 -31.16 -14.59
CA ALA B 182 -21.69 -32.22 -15.62
C ALA B 182 -20.78 -33.29 -15.03
N GLU B 183 -20.63 -34.42 -15.69
CA GLU B 183 -19.79 -35.50 -15.18
C GLU B 183 -18.33 -35.31 -15.51
N ILE B 184 -18.06 -34.43 -16.50
CA ILE B 184 -16.69 -34.13 -16.98
C ILE B 184 -16.56 -32.63 -17.22
N ALA B 185 -15.40 -32.06 -16.89
CA ALA B 185 -15.16 -30.64 -17.21
C ALA B 185 -13.81 -30.40 -17.85
N LEU B 186 -13.73 -29.32 -18.61
CA LEU B 186 -12.48 -28.89 -19.21
C LEU B 186 -12.10 -27.59 -18.55
N VAL B 187 -10.88 -27.51 -18.03
CA VAL B 187 -10.37 -26.29 -17.37
C VAL B 187 -8.90 -26.07 -17.68
N LYS B 188 -8.43 -24.86 -17.40
CA LYS B 188 -6.97 -24.64 -17.41
C LYS B 188 -6.37 -25.21 -16.16
N SER B 189 -5.13 -25.67 -16.26
CA SER B 189 -4.44 -26.21 -15.12
C SER B 189 -4.28 -25.12 -14.06
N ASN B 190 -4.29 -23.84 -14.48
CA ASN B 190 -4.15 -22.76 -13.52
C ASN B 190 -5.51 -22.31 -13.01
N GLN B 191 -6.48 -23.23 -13.03
CA GLN B 191 -7.72 -23.10 -12.29
C GLN B 191 -7.75 -24.11 -11.15
N LEU B 192 -6.81 -25.03 -11.14
CA LEU B 192 -6.89 -26.17 -10.22
C LEU B 192 -6.30 -25.86 -8.85
N MET B 193 -6.99 -26.29 -7.81
CA MET B 193 -6.51 -26.15 -6.44
C MET B 193 -6.69 -27.53 -5.77
N PRO B 194 -5.92 -27.84 -4.70
CA PRO B 194 -6.07 -29.18 -4.10
C PRO B 194 -7.38 -29.37 -3.35
N LYS B 195 -8.04 -30.52 -3.52
CA LYS B 195 -9.26 -30.79 -2.72
C LYS B 195 -8.89 -30.94 -1.24
N PRO B 196 -9.59 -30.21 -0.34
CA PRO B 196 -9.48 -30.45 1.11
C PRO B 196 -9.89 -31.89 1.50
N ASP B 197 -9.00 -32.55 2.24
CA ASP B 197 -9.10 -33.98 2.62
C ASP B 197 -10.22 -34.32 3.59
N HIS B 198 -10.55 -33.36 4.46
CA HIS B 198 -11.54 -33.61 5.51
C HIS B 198 -12.98 -33.35 5.02
N LEU B 199 -13.13 -32.96 3.76
CA LEU B 199 -14.45 -32.66 3.20
C LEU B 199 -14.86 -33.70 2.17
N SER B 200 -16.15 -33.98 2.09
CA SER B 200 -16.71 -34.74 0.97
C SER B 200 -16.69 -33.91 -0.31
N TRP B 201 -16.91 -34.58 -1.45
CA TRP B 201 -16.87 -33.93 -2.76
C TRP B 201 -17.74 -32.67 -2.84
N GLU B 202 -18.96 -32.75 -2.33
CA GLU B 202 -19.91 -31.66 -2.49
C GLU B 202 -19.55 -30.49 -1.59
N GLU B 203 -19.07 -30.82 -0.40
CA GLU B 203 -18.56 -29.81 0.54
C GLU B 203 -17.34 -29.11 -0.01
N ALA B 204 -16.48 -29.85 -0.71
CA ALA B 204 -15.26 -29.24 -1.25
C ALA B 204 -15.55 -28.33 -2.45
N ALA B 205 -16.61 -28.66 -3.19
CA ALA B 205 -17.07 -27.88 -4.33
C ALA B 205 -17.92 -26.68 -3.91
N ALA B 206 -18.42 -26.67 -2.67
CA ALA B 206 -19.31 -25.60 -2.20
C ALA B 206 -18.72 -24.18 -2.18
N PRO B 207 -17.51 -24.01 -1.62
CA PRO B 207 -17.03 -22.63 -1.41
C PRO B 207 -16.63 -21.89 -2.69
N GLY B 208 -16.00 -22.61 -3.62
CA GLY B 208 -15.43 -22.09 -4.85
C GLY B 208 -15.49 -20.60 -5.16
N LEU B 209 -16.50 -20.25 -5.90
CA LEU B 209 -16.63 -18.95 -6.50
C LEU B 209 -16.96 -17.93 -5.41
N VAL B 210 -17.88 -18.31 -4.53
CA VAL B 210 -18.37 -17.41 -3.50
C VAL B 210 -17.30 -17.09 -2.44
N ASN B 211 -16.57 -18.11 -1.98
CA ASN B 211 -15.55 -17.94 -0.94
C ASN B 211 -14.35 -17.14 -1.47
N SER B 212 -13.97 -17.40 -2.71
CA SER B 212 -12.83 -16.69 -3.29
C SER B 212 -13.15 -15.22 -3.58
N THR B 213 -14.39 -14.93 -3.97
CA THR B 213 -14.88 -13.55 -4.10
C THR B 213 -14.86 -12.77 -2.74
N ALA B 214 -15.37 -13.39 -1.68
CA ALA B 214 -15.35 -12.76 -0.34
C ALA B 214 -13.92 -12.51 0.18
N TYR B 215 -13.05 -13.47 -0.05
CA TYR B 215 -11.66 -13.33 0.27
C TYR B 215 -10.99 -12.10 -0.36
N ARG B 216 -11.06 -11.99 -1.69
CA ARG B 216 -10.45 -10.85 -2.34
C ARG B 216 -11.05 -9.55 -1.81
N GLN B 217 -12.36 -9.54 -1.62
CA GLN B 217 -13.12 -8.34 -1.28
C GLN B 217 -12.77 -7.86 0.13
N LEU B 218 -12.73 -8.81 1.06
CA LEU B 218 -12.51 -8.54 2.47
C LEU B 218 -11.04 -8.69 2.92
N VAL B 219 -10.41 -9.84 2.64
CA VAL B 219 -9.09 -10.17 3.21
C VAL B 219 -7.89 -9.64 2.41
N SER B 220 -7.96 -9.79 1.09
CA SER B 220 -6.85 -9.42 0.23
C SER B 220 -6.60 -7.90 0.24
N ARG B 221 -5.34 -7.52 0.01
CA ARG B 221 -4.98 -6.10 -0.15
C ARG B 221 -5.54 -5.45 -1.43
N ASN B 222 -6.03 -6.27 -2.35
CA ASN B 222 -6.70 -5.75 -3.54
C ASN B 222 -8.11 -5.30 -3.23
N GLY B 223 -8.63 -5.79 -2.10
CA GLY B 223 -9.88 -5.33 -1.54
C GLY B 223 -9.69 -4.50 -0.27
N ALA B 224 -10.39 -4.90 0.79
CA ALA B 224 -10.43 -4.13 2.04
C ALA B 224 -9.22 -4.32 2.95
N GLY B 225 -8.50 -5.44 2.83
CA GLY B 225 -7.33 -5.66 3.64
C GLY B 225 -7.61 -5.59 5.14
N MET B 226 -8.63 -6.33 5.57
CA MET B 226 -9.02 -6.43 6.96
C MET B 226 -7.89 -6.78 7.95
N LYS B 227 -8.10 -6.38 9.19
CA LYS B 227 -7.13 -6.47 10.27
C LYS B 227 -7.90 -7.01 11.45
N GLN B 228 -7.26 -7.80 12.31
CA GLN B 228 -7.94 -8.22 13.55
C GLN B 228 -8.37 -6.96 14.31
N GLY B 229 -9.54 -7.05 14.95
CA GLY B 229 -10.13 -5.94 15.69
C GLY B 229 -10.97 -4.98 14.87
N ASP B 230 -11.00 -5.15 13.53
CA ASP B 230 -11.88 -4.33 12.69
C ASP B 230 -13.36 -4.68 12.94
N ASN B 231 -14.21 -3.67 12.85
CA ASN B 231 -15.65 -3.87 12.78
C ASN B 231 -16.04 -3.92 11.31
N VAL B 232 -16.67 -5.01 10.91
CA VAL B 232 -16.93 -5.27 9.52
C VAL B 232 -18.44 -5.44 9.44
N LEU B 233 -19.09 -4.53 8.72
CA LEU B 233 -20.54 -4.64 8.54
C LEU B 233 -20.76 -5.55 7.34
N ILE B 234 -21.50 -6.63 7.54
CA ILE B 234 -21.79 -7.62 6.51
C ILE B 234 -23.28 -7.69 6.19
N TRP B 235 -23.66 -7.16 5.02
CA TRP B 235 -25.02 -7.30 4.52
C TRP B 235 -25.27 -8.74 4.12
N GLY B 236 -26.52 -9.19 4.23
CA GLY B 236 -26.93 -10.53 3.76
C GLY B 236 -26.03 -11.63 4.32
N ALA B 237 -25.80 -11.60 5.63
CA ALA B 237 -24.72 -12.40 6.26
C ALA B 237 -24.86 -13.93 6.26
N SER B 238 -26.09 -14.44 6.10
CA SER B 238 -26.35 -15.90 6.03
C SER B 238 -26.52 -16.38 4.57
N GLY B 239 -26.60 -15.44 3.64
CA GLY B 239 -26.68 -15.74 2.21
C GLY B 239 -25.35 -16.37 1.79
N GLY B 240 -25.21 -16.72 0.52
CA GLY B 240 -23.99 -17.42 0.07
C GLY B 240 -22.69 -16.64 0.28
N LEU B 241 -22.66 -15.40 -0.21
CA LEU B 241 -21.49 -14.58 -0.09
C LEU B 241 -21.24 -14.13 1.36
N GLY B 242 -22.32 -13.71 2.03
CA GLY B 242 -22.26 -13.29 3.41
C GLY B 242 -21.76 -14.40 4.31
N SER B 243 -22.07 -15.65 3.94
CA SER B 243 -21.75 -16.77 4.83
C SER B 243 -20.26 -17.03 4.88
N TYR B 244 -19.54 -16.61 3.83
CA TYR B 244 -18.10 -16.73 3.81
C TYR B 244 -17.43 -15.48 4.39
N ALA B 245 -17.96 -14.31 4.05
CA ALA B 245 -17.50 -13.05 4.59
C ALA B 245 -17.48 -13.08 6.13
N THR B 246 -18.57 -13.60 6.72
CA THR B 246 -18.74 -13.64 8.17
C THR B 246 -17.66 -14.51 8.80
N GLN B 247 -17.46 -15.70 8.22
CA GLN B 247 -16.36 -16.59 8.62
C GLN B 247 -14.97 -15.96 8.48
N PHE B 248 -14.72 -15.16 7.44
CA PHE B 248 -13.40 -14.52 7.27
C PHE B 248 -13.18 -13.46 8.36
N ALA B 249 -14.23 -12.70 8.68
CA ALA B 249 -14.14 -11.68 9.72
C ALA B 249 -13.83 -12.33 11.06
N LEU B 250 -14.48 -13.45 11.33
CA LEU B 250 -14.31 -14.12 12.61
C LEU B 250 -12.96 -14.79 12.69
N ALA B 251 -12.64 -15.63 11.69
CA ALA B 251 -11.35 -16.35 11.65
C ALA B 251 -10.16 -15.40 11.62
N GLY B 252 -10.38 -14.19 11.12
CA GLY B 252 -9.31 -13.18 11.05
C GLY B 252 -9.25 -12.27 12.28
N GLY B 253 -10.12 -12.50 13.25
CA GLY B 253 -10.04 -11.76 14.52
C GLY B 253 -10.78 -10.45 14.52
N ALA B 254 -11.63 -10.26 13.51
CA ALA B 254 -12.43 -9.06 13.38
C ALA B 254 -13.82 -9.30 13.97
N ASN B 255 -14.63 -8.26 13.98
CA ASN B 255 -15.94 -8.29 14.62
C ASN B 255 -16.98 -8.10 13.56
N PRO B 256 -17.66 -9.18 13.13
CA PRO B 256 -18.71 -8.94 12.15
C PRO B 256 -19.94 -8.28 12.77
N ILE B 257 -20.54 -7.34 12.05
CA ILE B 257 -21.84 -6.82 12.38
C ILE B 257 -22.73 -7.36 11.24
N CYS B 258 -23.49 -8.42 11.55
CA CYS B 258 -24.26 -9.15 10.54
C CYS B 258 -25.66 -8.55 10.35
N VAL B 259 -25.98 -8.19 9.10
CA VAL B 259 -27.34 -7.80 8.77
C VAL B 259 -28.04 -8.98 8.14
N VAL B 260 -29.24 -9.29 8.66
CA VAL B 260 -30.08 -10.38 8.14
C VAL B 260 -31.51 -9.88 7.97
N SER B 261 -32.36 -10.71 7.40
CA SER B 261 -33.70 -10.29 7.07
C SER B 261 -34.75 -11.05 7.90
N SER B 262 -34.31 -11.96 8.75
CA SER B 262 -35.23 -12.78 9.57
C SER B 262 -34.53 -13.37 10.79
N PRO B 263 -35.32 -13.79 11.82
CA PRO B 263 -34.78 -14.43 13.04
C PRO B 263 -34.07 -15.76 12.84
N GLN B 264 -34.50 -16.56 11.86
CA GLN B 264 -33.84 -17.84 11.60
C GLN B 264 -32.46 -17.60 10.97
N LYS B 265 -32.37 -16.57 10.13
CA LYS B 265 -31.10 -16.15 9.57
C LYS B 265 -30.17 -15.65 10.68
N ALA B 266 -30.73 -14.90 11.63
CA ALA B 266 -30.00 -14.40 12.79
C ALA B 266 -29.37 -15.55 13.58
N GLU B 267 -30.10 -16.66 13.73
CA GLU B 267 -29.58 -17.84 14.46
C GLU B 267 -28.44 -18.51 13.73
N ILE B 268 -28.49 -18.50 12.40
CA ILE B 268 -27.42 -19.01 11.57
C ILE B 268 -26.11 -18.23 11.80
N CYS B 269 -26.19 -16.90 11.86
CA CYS B 269 -25.04 -16.06 12.21
C CYS B 269 -24.49 -16.36 13.59
N ARG B 270 -25.37 -16.59 14.57
CA ARG B 270 -24.96 -16.88 15.95
C ARG B 270 -24.22 -18.22 16.02
N ALA B 271 -24.66 -19.16 15.19
CA ALA B 271 -24.04 -20.46 15.09
C ALA B 271 -22.62 -20.37 14.53
N MET B 272 -22.41 -19.47 13.56
CA MET B 272 -21.08 -19.18 12.99
C MET B 272 -20.18 -18.47 14.03
N GLY B 273 -20.80 -17.83 15.03
CA GLY B 273 -20.05 -17.24 16.14
C GLY B 273 -20.14 -15.73 16.25
N ALA B 274 -21.05 -15.12 15.50
CA ALA B 274 -21.22 -13.67 15.54
C ALA B 274 -22.10 -13.26 16.69
N GLU B 275 -21.88 -12.07 17.22
CA GLU B 275 -22.63 -11.60 18.37
C GLU B 275 -23.44 -10.35 18.05
N ALA B 276 -22.91 -9.52 17.15
CA ALA B 276 -23.57 -8.29 16.75
C ALA B 276 -24.44 -8.57 15.51
N ILE B 277 -25.74 -8.69 15.72
CA ILE B 277 -26.66 -9.06 14.65
C ILE B 277 -27.79 -8.06 14.56
N ILE B 278 -28.10 -7.65 13.34
CA ILE B 278 -29.22 -6.76 13.06
C ILE B 278 -30.18 -7.47 12.08
N ASP B 279 -31.44 -7.63 12.51
CA ASP B 279 -32.51 -8.04 11.62
C ASP B 279 -33.09 -6.76 11.08
N ARG B 280 -32.81 -6.48 9.82
CA ARG B 280 -33.19 -5.21 9.23
C ARG B 280 -34.70 -5.11 8.97
N ASN B 281 -35.38 -6.26 8.87
CA ASN B 281 -36.83 -6.26 8.69
C ASN B 281 -37.54 -5.95 10.01
N ALA B 282 -37.13 -6.62 11.09
CA ALA B 282 -37.64 -6.34 12.44
C ALA B 282 -37.48 -4.85 12.81
N GLU B 283 -36.32 -4.26 12.50
CA GLU B 283 -36.04 -2.85 12.76
C GLU B 283 -36.76 -1.94 11.76
N GLY B 284 -37.25 -2.54 10.68
CA GLY B 284 -38.00 -1.81 9.67
C GLY B 284 -37.28 -0.67 8.97
N TYR B 285 -36.01 -0.87 8.59
CA TYR B 285 -35.26 0.17 7.86
C TYR B 285 -35.86 0.46 6.50
N ARG B 286 -36.17 1.73 6.28
CA ARG B 286 -36.58 2.20 4.97
C ARG B 286 -35.58 3.27 4.59
N PHE B 287 -34.48 2.84 3.99
CA PHE B 287 -33.46 3.78 3.56
C PHE B 287 -33.95 4.65 2.38
N TRP B 288 -34.94 4.16 1.64
CA TRP B 288 -35.53 4.93 0.56
C TRP B 288 -36.98 5.22 0.91
N LYS B 289 -37.29 6.47 1.18
CA LYS B 289 -38.65 6.87 1.48
C LYS B 289 -39.48 6.73 0.20
N ASP B 290 -38.80 6.95 -0.91
CA ASP B 290 -39.39 7.14 -2.21
C ASP B 290 -38.43 6.53 -3.23
N GLU B 291 -38.98 6.02 -4.33
CA GLU B 291 -38.20 5.41 -5.42
C GLU B 291 -37.05 6.32 -5.88
N ASN B 292 -37.21 7.62 -5.67
CA ASN B 292 -36.23 8.62 -6.05
C ASN B 292 -35.54 9.28 -4.86
N THR B 293 -36.04 9.02 -3.66
CA THR B 293 -35.59 9.80 -2.50
C THR B 293 -35.16 8.96 -1.30
N GLN B 294 -33.92 9.18 -0.88
CA GLN B 294 -33.35 8.50 0.28
C GLN B 294 -33.63 9.23 1.57
N ASP B 295 -33.67 8.47 2.66
CA ASP B 295 -33.98 9.05 3.95
C ASP B 295 -32.77 9.04 4.85
N PRO B 296 -32.15 10.21 5.09
CA PRO B 296 -30.98 10.29 5.97
C PRO B 296 -31.28 9.95 7.44
N LYS B 297 -32.50 10.22 7.91
CA LYS B 297 -32.91 9.81 9.27
C LYS B 297 -32.85 8.29 9.44
N GLU B 298 -32.99 7.55 8.34
CA GLU B 298 -32.92 6.12 8.46
C GLU B 298 -31.47 5.60 8.48
N TRP B 299 -30.61 6.23 7.67
CA TRP B 299 -29.16 6.05 7.79
C TRP B 299 -28.74 6.28 9.24
N LYS B 300 -29.13 7.42 9.79
CA LYS B 300 -28.75 7.76 11.16
C LYS B 300 -29.28 6.75 12.18
N ARG B 301 -30.51 6.28 12.02
CA ARG B 301 -31.07 5.30 12.94
C ARG B 301 -30.32 3.96 12.88
N PHE B 302 -29.91 3.57 11.68
CA PHE B 302 -29.15 2.36 11.48
C PHE B 302 -27.76 2.47 12.13
N GLY B 303 -27.11 3.61 11.92
CA GLY B 303 -25.80 3.87 12.51
C GLY B 303 -25.84 3.87 14.04
N LYS B 304 -26.97 4.34 14.60
CA LYS B 304 -27.20 4.32 16.05
C LYS B 304 -27.26 2.90 16.58
N ARG B 305 -28.03 2.05 15.90
CA ARG B 305 -28.11 0.63 16.22
C ARG B 305 -26.72 -0.03 16.15
N ILE B 306 -26.00 0.21 15.06
CA ILE B 306 -24.62 -0.29 14.96
C ILE B 306 -23.83 0.11 16.22
N ARG B 307 -23.83 1.39 16.55
CA ARG B 307 -23.06 1.91 17.70
C ARG B 307 -23.48 1.35 19.08
N GLU B 308 -24.73 0.93 19.21
CA GLU B 308 -25.19 0.24 20.41
C GLU B 308 -24.51 -1.12 20.52
N LEU B 309 -24.37 -1.80 19.39
CA LEU B 309 -23.77 -3.14 19.32
C LEU B 309 -22.24 -3.13 19.46
N THR B 310 -21.59 -2.07 18.99
CA THR B 310 -20.11 -2.00 19.02
C THR B 310 -19.58 -1.27 20.25
N GLY B 311 -20.48 -0.70 21.05
CA GLY B 311 -20.08 0.10 22.21
C GLY B 311 -19.52 1.44 21.80
N GLY B 312 -20.15 2.08 20.81
CA GLY B 312 -19.78 3.42 20.38
C GLY B 312 -18.79 3.54 19.24
N GLU B 313 -18.63 2.48 18.46
CA GLU B 313 -17.59 2.46 17.42
C GLU B 313 -18.23 2.38 16.03
N ASP B 314 -17.62 3.02 15.05
CA ASP B 314 -18.14 2.99 13.67
C ASP B 314 -17.55 1.80 12.89
N ILE B 315 -18.08 1.56 11.69
CA ILE B 315 -17.63 0.45 10.83
C ILE B 315 -16.32 0.72 10.08
N ASP B 316 -15.33 -0.14 10.27
CA ASP B 316 -14.06 0.02 9.58
C ASP B 316 -14.25 -0.40 8.13
N ILE B 317 -14.98 -1.51 7.94
CA ILE B 317 -15.20 -2.04 6.62
C ILE B 317 -16.66 -2.41 6.41
N VAL B 318 -17.28 -1.86 5.37
CA VAL B 318 -18.59 -2.35 4.94
C VAL B 318 -18.41 -3.32 3.78
N PHE B 319 -18.89 -4.53 3.97
CA PHE B 319 -18.91 -5.56 2.93
C PHE B 319 -20.23 -5.40 2.15
N GLU B 320 -20.19 -4.63 1.07
CA GLU B 320 -21.40 -4.32 0.31
C GLU B 320 -21.68 -5.29 -0.84
N HIS B 321 -22.94 -5.39 -1.25
CA HIS B 321 -23.36 -6.14 -2.43
C HIS B 321 -24.85 -6.00 -2.76
N PRO B 322 -25.69 -5.54 -1.81
CA PRO B 322 -27.09 -5.29 -2.21
C PRO B 322 -27.26 -4.06 -3.09
N GLY B 323 -26.37 -3.10 -2.99
CA GLY B 323 -26.34 -2.02 -3.98
C GLY B 323 -27.20 -0.84 -3.61
N ARG B 324 -28.00 -0.37 -4.57
CA ARG B 324 -28.77 0.88 -4.48
C ARG B 324 -29.48 1.07 -3.15
N GLU B 325 -30.18 0.04 -2.71
CA GLU B 325 -31.02 0.13 -1.53
C GLU B 325 -30.25 0.47 -0.25
N THR B 326 -29.10 -0.18 -0.06
CA THR B 326 -28.30 -0.06 1.16
C THR B 326 -27.06 0.84 1.02
N PHE B 327 -26.70 1.21 -0.21
CA PHE B 327 -25.42 1.86 -0.46
C PHE B 327 -25.25 3.23 0.19
N GLY B 328 -26.32 4.03 0.21
CA GLY B 328 -26.27 5.33 0.91
C GLY B 328 -25.99 5.14 2.39
N ALA B 329 -26.70 4.18 2.99
CA ALA B 329 -26.52 3.80 4.39
C ALA B 329 -25.10 3.29 4.71
N SER B 330 -24.54 2.45 3.83
CA SER B 330 -23.17 1.93 4.01
C SER B 330 -22.13 3.06 4.04
N VAL B 331 -22.27 4.04 3.16
CA VAL B 331 -21.31 5.13 3.13
C VAL B 331 -21.41 5.97 4.42
N PHE B 332 -22.65 6.24 4.85
CA PHE B 332 -22.91 7.02 6.07
C PHE B 332 -22.27 6.44 7.36
N VAL B 333 -22.44 5.15 7.57
CA VAL B 333 -22.04 4.50 8.82
C VAL B 333 -20.56 4.12 8.90
N THR B 334 -19.83 4.17 7.79
CA THR B 334 -18.42 3.83 7.93
C THR B 334 -17.61 4.90 8.67
N ARG B 335 -16.61 4.42 9.39
CA ARG B 335 -15.69 5.26 10.11
C ARG B 335 -15.00 6.21 9.17
N LYS B 336 -14.58 7.34 9.74
CA LYS B 336 -13.63 8.25 9.14
C LYS B 336 -12.37 7.44 8.74
N GLY B 337 -11.99 7.49 7.46
CA GLY B 337 -10.82 6.75 6.97
C GLY B 337 -11.13 5.28 6.69
N GLY B 338 -12.42 4.92 6.76
CA GLY B 338 -12.83 3.54 6.52
C GLY B 338 -13.11 3.19 5.06
N THR B 339 -13.43 1.92 4.82
CA THR B 339 -13.56 1.40 3.47
C THR B 339 -14.96 0.81 3.23
N ILE B 340 -15.54 1.11 2.07
CA ILE B 340 -16.72 0.38 1.58
C ILE B 340 -16.27 -0.49 0.42
N THR B 341 -16.44 -1.79 0.54
CA THR B 341 -15.99 -2.67 -0.53
C THR B 341 -17.23 -3.30 -1.19
N THR B 342 -17.32 -3.24 -2.53
CA THR B 342 -18.46 -3.76 -3.28
C THR B 342 -18.07 -4.80 -4.31
N CYS B 343 -18.87 -5.86 -4.43
CA CYS B 343 -18.66 -6.80 -5.52
C CYS B 343 -19.92 -7.10 -6.32
N ALA B 344 -21.00 -6.36 -6.05
CA ALA B 344 -22.31 -6.59 -6.64
C ALA B 344 -23.23 -5.44 -6.29
N SER B 345 -24.41 -5.43 -6.94
CA SER B 345 -25.47 -4.46 -6.67
C SER B 345 -26.83 -5.14 -6.91
N THR B 346 -27.12 -6.18 -6.14
CA THR B 346 -28.26 -7.06 -6.43
C THR B 346 -29.62 -6.37 -6.40
N SER B 347 -29.79 -5.37 -5.54
CA SER B 347 -31.03 -4.60 -5.53
C SER B 347 -31.11 -3.51 -6.63
N GLY B 348 -30.03 -3.28 -7.36
CA GLY B 348 -29.99 -2.16 -8.32
C GLY B 348 -28.61 -1.52 -8.40
N TYR B 349 -28.10 -1.34 -9.62
CA TYR B 349 -26.72 -0.87 -9.80
C TYR B 349 -26.51 0.64 -9.84
N MET B 350 -27.59 1.42 -9.97
CA MET B 350 -27.44 2.87 -9.85
C MET B 350 -27.31 3.25 -8.37
N HIS B 351 -26.08 3.38 -7.90
CA HIS B 351 -25.86 3.78 -6.51
C HIS B 351 -26.04 5.29 -6.35
N GLU B 352 -26.62 5.70 -5.23
CA GLU B 352 -26.66 7.12 -4.87
C GLU B 352 -26.16 7.24 -3.44
N TYR B 353 -25.22 8.15 -3.22
CA TYR B 353 -24.73 8.39 -1.87
C TYR B 353 -24.38 9.86 -1.78
N ASP B 354 -24.33 10.34 -0.54
CA ASP B 354 -23.95 11.70 -0.17
C ASP B 354 -22.44 11.78 -0.08
N ASN B 355 -21.81 12.43 -1.06
CA ASN B 355 -20.35 12.50 -1.12
C ASN B 355 -19.71 13.33 -0.01
N ARG B 356 -20.53 14.10 0.71
CA ARG B 356 -19.97 14.89 1.80
C ARG B 356 -19.37 13.94 2.82
N TYR B 357 -20.14 12.90 3.18
CA TYR B 357 -19.65 11.86 4.07
C TYR B 357 -18.40 11.18 3.56
N LEU B 358 -18.26 11.07 2.24
CA LEU B 358 -17.09 10.38 1.69
C LEU B 358 -15.81 11.23 1.71
N TRP B 359 -15.86 12.43 1.11
CA TRP B 359 -14.66 13.28 1.10
C TRP B 359 -14.34 13.86 2.49
N MET B 360 -15.34 14.30 3.23
CA MET B 360 -15.06 15.04 4.48
C MET B 360 -14.47 14.12 5.56
N SER B 361 -14.78 12.83 5.47
CA SER B 361 -14.36 11.83 6.45
C SER B 361 -13.40 10.81 5.83
N LEU B 362 -12.86 11.16 4.67
CA LEU B 362 -11.73 10.43 4.05
C LEU B 362 -11.98 8.94 3.80
N LYS B 363 -13.21 8.64 3.38
CA LYS B 363 -13.62 7.28 3.06
C LYS B 363 -13.26 6.89 1.62
N ARG B 364 -13.43 5.60 1.34
CA ARG B 364 -12.88 4.93 0.18
C ARG B 364 -13.96 3.95 -0.25
N ILE B 365 -14.30 3.90 -1.54
CA ILE B 365 -15.15 2.79 -2.05
C ILE B 365 -14.29 1.95 -2.96
N ILE B 366 -14.15 0.67 -2.65
CA ILE B 366 -13.28 -0.22 -3.43
C ILE B 366 -14.10 -1.26 -4.21
N GLY B 367 -13.96 -1.26 -5.53
CA GLY B 367 -14.70 -2.22 -6.39
C GLY B 367 -13.95 -3.53 -6.42
N SER B 368 -14.68 -4.65 -6.33
CA SER B 368 -14.04 -5.97 -6.32
C SER B 368 -14.86 -6.93 -7.15
N HIS B 369 -14.20 -7.95 -7.72
CA HIS B 369 -14.89 -8.85 -8.66
C HIS B 369 -14.17 -10.19 -8.72
N PHE B 370 -14.87 -11.28 -8.44
CA PHE B 370 -14.25 -12.62 -8.40
C PHE B 370 -12.92 -12.57 -7.65
N ALA B 371 -11.89 -13.26 -8.14
CA ALA B 371 -10.57 -13.32 -7.51
C ALA B 371 -9.52 -13.70 -8.56
N ASN B 372 -8.33 -13.11 -8.46
CA ASN B 372 -7.22 -13.65 -9.22
C ASN B 372 -6.86 -15.02 -8.62
N TYR B 373 -6.12 -15.84 -9.35
CA TYR B 373 -5.88 -17.21 -8.94
C TYR B 373 -5.07 -17.36 -7.64
N ARG B 374 -4.19 -16.43 -7.35
CA ARG B 374 -3.46 -16.48 -6.09
C ARG B 374 -4.39 -16.26 -4.87
N GLU B 375 -5.32 -15.30 -5.02
CA GLU B 375 -6.33 -15.03 -4.00
C GLU B 375 -7.25 -16.23 -3.84
N ALA B 376 -7.52 -16.93 -4.93
CA ALA B 376 -8.38 -18.11 -4.89
C ALA B 376 -7.66 -19.27 -4.23
N TRP B 377 -6.35 -19.37 -4.45
CA TRP B 377 -5.59 -20.42 -3.83
C TRP B 377 -5.58 -20.24 -2.30
N GLU B 378 -5.37 -19.01 -1.85
CA GLU B 378 -5.31 -18.70 -0.44
C GLU B 378 -6.66 -18.94 0.26
N ALA B 379 -7.74 -18.61 -0.44
CA ALA B 379 -9.09 -18.81 0.09
C ALA B 379 -9.34 -20.28 0.30
N ASN B 380 -9.01 -21.07 -0.72
CA ASN B 380 -9.23 -22.50 -0.65
C ASN B 380 -8.35 -23.18 0.40
N ARG B 381 -7.13 -22.68 0.54
CA ARG B 381 -6.17 -23.11 1.54
C ARG B 381 -6.72 -22.96 2.96
N LEU B 382 -7.44 -21.87 3.19
CA LEU B 382 -8.11 -21.61 4.47
C LEU B 382 -9.23 -22.63 4.76
N ILE B 383 -9.99 -23.01 3.72
CA ILE B 383 -10.91 -24.15 3.83
C ILE B 383 -10.12 -25.43 4.22
N ALA B 384 -9.00 -25.69 3.53
CA ALA B 384 -8.17 -26.89 3.80
C ALA B 384 -7.62 -26.90 5.21
N LYS B 385 -7.37 -25.71 5.75
CA LYS B 385 -6.89 -25.60 7.11
C LYS B 385 -7.99 -25.76 8.16
N GLY B 386 -9.26 -25.75 7.72
CA GLY B 386 -10.38 -25.83 8.65
C GLY B 386 -10.60 -24.51 9.38
N ARG B 387 -10.09 -23.41 8.82
CA ARG B 387 -10.36 -22.08 9.37
C ARG B 387 -11.72 -21.61 8.89
N ILE B 388 -12.09 -22.03 7.69
CA ILE B 388 -13.31 -21.57 7.03
C ILE B 388 -14.01 -22.83 6.52
N HIS B 389 -15.33 -22.86 6.69
CA HIS B 389 -16.09 -24.06 6.38
C HIS B 389 -17.08 -23.85 5.26
N PRO B 390 -17.24 -24.89 4.41
CA PRO B 390 -18.31 -24.90 3.42
C PRO B 390 -19.65 -24.73 4.10
N THR B 391 -20.61 -24.16 3.41
CA THR B 391 -21.87 -23.83 4.02
C THR B 391 -23.02 -24.44 3.23
N LEU B 392 -22.96 -25.73 2.96
CA LEU B 392 -24.04 -26.42 2.29
C LEU B 392 -25.33 -26.48 3.10
N SER B 393 -26.45 -26.08 2.49
CA SER B 393 -27.76 -26.22 3.13
C SER B 393 -28.59 -27.34 2.50
N LYS B 394 -28.21 -27.73 1.28
CA LYS B 394 -29.04 -28.51 0.38
C LYS B 394 -28.17 -29.11 -0.74
N VAL B 395 -28.40 -30.39 -1.03
CA VAL B 395 -27.68 -31.08 -2.10
C VAL B 395 -28.66 -31.83 -2.99
N TYR B 396 -28.52 -31.62 -4.31
CA TYR B 396 -29.34 -32.26 -5.33
C TYR B 396 -28.48 -33.18 -6.20
N SER B 397 -29.13 -34.14 -6.85
CA SER B 397 -28.44 -35.00 -7.79
C SER B 397 -28.32 -34.27 -9.12
N LEU B 398 -27.47 -34.76 -10.03
CA LEU B 398 -27.25 -34.06 -11.30
C LEU B 398 -28.57 -33.90 -12.06
N GLU B 399 -29.37 -34.97 -12.08
CA GLU B 399 -30.69 -34.98 -12.74
C GLU B 399 -31.59 -33.86 -12.24
N ASP B 400 -31.39 -33.45 -10.98
CA ASP B 400 -32.25 -32.43 -10.38
C ASP B 400 -31.65 -31.03 -10.31
N THR B 401 -30.63 -30.75 -11.13
CA THR B 401 -30.00 -29.44 -11.17
C THR B 401 -30.98 -28.33 -11.54
N GLY B 402 -31.91 -28.64 -12.44
CA GLY B 402 -33.00 -27.72 -12.74
C GLY B 402 -33.69 -27.24 -11.47
N GLN B 403 -33.99 -28.18 -10.57
CA GLN B 403 -34.62 -27.86 -9.28
C GLN B 403 -33.71 -27.01 -8.40
N ALA B 404 -32.44 -27.40 -8.33
CA ALA B 404 -31.43 -26.63 -7.60
C ALA B 404 -31.36 -25.19 -8.11
N ALA B 405 -31.44 -25.01 -9.42
CA ALA B 405 -31.34 -23.68 -10.03
C ALA B 405 -32.54 -22.81 -9.66
N TYR B 406 -33.71 -23.45 -9.65
CA TYR B 406 -34.96 -22.87 -9.22
C TYR B 406 -34.90 -22.46 -7.76
N ASP B 407 -34.35 -23.33 -6.93
CA ASP B 407 -34.28 -23.08 -5.52
C ASP B 407 -33.44 -21.84 -5.26
N VAL B 408 -32.47 -21.58 -6.13
CA VAL B 408 -31.52 -20.49 -5.89
C VAL B 408 -32.11 -19.21 -6.46
N HIS B 409 -32.74 -19.35 -7.63
CA HIS B 409 -33.45 -18.25 -8.28
C HIS B 409 -34.49 -17.64 -7.33
N ARG B 410 -35.23 -18.50 -6.63
CA ARG B 410 -36.29 -18.06 -5.72
C ARG B 410 -35.80 -17.88 -4.27
N ASN B 411 -34.47 -17.86 -4.08
CA ASN B 411 -33.84 -17.72 -2.76
C ASN B 411 -34.40 -18.59 -1.62
N LEU B 412 -34.58 -19.87 -1.89
CA LEU B 412 -35.20 -20.80 -0.94
C LEU B 412 -34.30 -21.22 0.23
N HIS B 413 -32.99 -21.28 0.00
CA HIS B 413 -32.07 -21.76 1.01
C HIS B 413 -31.04 -20.69 1.45
N GLN B 414 -30.44 -20.88 2.60
CA GLN B 414 -29.26 -20.11 3.03
C GLN B 414 -27.97 -20.84 2.68
N GLY B 415 -26.84 -20.11 2.63
CA GLY B 415 -25.54 -20.73 2.34
C GLY B 415 -25.42 -21.19 0.89
N LYS B 416 -24.87 -22.39 0.69
CA LYS B 416 -24.73 -22.97 -0.67
C LYS B 416 -25.70 -24.11 -0.99
N VAL B 417 -26.04 -24.19 -2.27
CA VAL B 417 -26.81 -25.30 -2.79
C VAL B 417 -25.86 -26.17 -3.60
N GLY B 418 -25.66 -27.41 -3.18
CA GLY B 418 -24.72 -28.32 -3.85
C GLY B 418 -25.36 -29.30 -4.79
N VAL B 419 -24.57 -29.82 -5.74
CA VAL B 419 -25.03 -30.78 -6.72
C VAL B 419 -24.04 -31.96 -6.82
N LEU B 420 -24.55 -33.17 -6.62
CA LEU B 420 -23.75 -34.35 -6.88
C LEU B 420 -23.72 -34.57 -8.39
N CYS B 421 -22.53 -34.77 -8.94
CA CYS B 421 -22.35 -34.98 -10.38
C CYS B 421 -22.06 -36.47 -10.64
N LEU B 422 -20.80 -36.87 -10.63
CA LEU B 422 -20.50 -38.29 -10.71
C LEU B 422 -20.76 -39.05 -9.44
N ALA B 423 -20.55 -38.38 -8.30
CA ALA B 423 -20.70 -39.04 -7.00
C ALA B 423 -22.11 -39.63 -6.83
N PRO B 424 -22.21 -40.92 -6.47
CA PRO B 424 -23.53 -41.58 -6.44
C PRO B 424 -24.32 -41.28 -5.16
N GLU B 425 -23.68 -40.62 -4.20
CA GLU B 425 -24.33 -40.29 -2.92
C GLU B 425 -23.54 -39.23 -2.19
N GLU B 426 -24.16 -38.66 -1.16
CA GLU B 426 -23.53 -37.66 -0.29
C GLU B 426 -22.42 -38.26 0.59
N GLY B 427 -21.51 -37.41 1.06
CA GLY B 427 -20.56 -37.80 2.09
C GLY B 427 -19.38 -38.64 1.66
N LEU B 428 -19.18 -38.82 0.36
CA LEU B 428 -18.04 -39.62 -0.10
C LEU B 428 -16.83 -38.74 -0.31
N GLY B 429 -15.66 -39.38 -0.29
CA GLY B 429 -14.42 -38.75 -0.65
C GLY B 429 -13.63 -38.08 0.46
N VAL B 430 -13.98 -38.34 1.72
CA VAL B 430 -13.15 -37.78 2.81
C VAL B 430 -11.99 -38.69 3.10
N ARG B 431 -10.81 -38.09 3.26
CA ARG B 431 -9.58 -38.82 3.44
C ARG B 431 -9.04 -38.66 4.84
N ASP B 432 -9.33 -37.51 5.46
CA ASP B 432 -8.91 -37.22 6.83
C ASP B 432 -10.13 -37.16 7.74
N ARG B 433 -10.54 -38.31 8.28
CA ARG B 433 -11.75 -38.38 9.08
C ARG B 433 -11.58 -37.76 10.47
N GLU B 434 -10.35 -37.75 10.99
CA GLU B 434 -10.04 -37.15 12.30
C GLU B 434 -10.21 -35.62 12.28
N LYS B 435 -9.64 -34.96 11.26
CA LYS B 435 -9.88 -33.53 11.05
C LYS B 435 -11.35 -33.23 10.81
N ARG B 436 -12.03 -34.12 10.07
CA ARG B 436 -13.47 -33.98 9.85
C ARG B 436 -14.28 -33.97 11.16
N ALA B 437 -14.02 -34.93 12.04
CA ALA B 437 -14.72 -34.99 13.32
C ALA B 437 -14.43 -33.75 14.17
N GLN B 438 -13.21 -33.20 14.02
CA GLN B 438 -12.82 -31.93 14.63
C GLN B 438 -13.77 -30.76 14.26
N HIS B 439 -14.30 -30.78 13.04
CA HIS B 439 -15.02 -29.61 12.54
C HIS B 439 -16.48 -29.88 12.11
N LEU B 440 -16.94 -31.12 12.32
CA LEU B 440 -18.23 -31.57 11.76
C LEU B 440 -19.40 -30.65 12.08
N ASP B 441 -19.51 -30.24 13.34
CA ASP B 441 -20.58 -29.32 13.74
C ASP B 441 -20.54 -28.04 12.91
N ALA B 442 -19.35 -27.48 12.74
CA ALA B 442 -19.17 -26.28 11.94
C ALA B 442 -19.47 -26.53 10.46
N ILE B 443 -18.98 -27.66 9.95
CA ILE B 443 -19.25 -28.03 8.56
C ILE B 443 -20.76 -28.14 8.28
N ASN B 444 -21.52 -28.65 9.25
CA ASN B 444 -22.95 -28.86 9.07
C ASN B 444 -23.86 -27.74 9.59
N ARG B 445 -23.29 -26.58 9.90
CA ARG B 445 -24.10 -25.49 10.47
C ARG B 445 -25.30 -25.07 9.60
N PHE B 446 -25.20 -25.26 8.29
CA PHE B 446 -26.25 -24.77 7.39
C PHE B 446 -27.28 -25.84 7.00
N ARG B 447 -27.00 -27.08 7.36
CA ARG B 447 -27.89 -28.21 7.10
C ARG B 447 -29.25 -28.07 7.77
N THR C 4 2.18 50.89 17.31
CA THR C 4 1.14 50.69 16.24
C THR C 4 1.56 49.59 15.27
N VAL C 5 0.66 49.25 14.36
CA VAL C 5 0.90 48.25 13.33
C VAL C 5 1.91 48.78 12.31
N LYS C 6 1.93 50.10 12.12
CA LYS C 6 2.85 50.73 11.18
C LYS C 6 4.32 50.56 11.58
N ASP C 7 4.58 50.50 12.89
CA ASP C 7 5.92 50.18 13.40
C ASP C 7 6.33 48.77 12.96
N ILE C 8 5.40 47.83 13.10
CA ILE C 8 5.60 46.43 12.72
C ILE C 8 5.86 46.28 11.21
N LEU C 9 5.12 47.04 10.40
CA LEU C 9 5.27 47.00 8.95
C LEU C 9 6.63 47.54 8.52
N ASP C 10 7.06 48.64 9.15
CA ASP C 10 8.34 49.26 8.83
C ASP C 10 9.52 48.40 9.30
N ALA C 11 9.37 47.75 10.45
CA ALA C 11 10.38 46.82 10.99
C ALA C 11 10.59 45.58 10.11
N ILE C 12 9.50 45.06 9.55
CA ILE C 12 9.58 43.91 8.65
C ILE C 12 10.29 44.28 7.34
N GLN C 13 9.88 45.41 6.76
CA GLN C 13 10.41 45.86 5.47
C GLN C 13 11.90 46.17 5.46
N SER C 14 12.38 46.88 6.48
CA SER C 14 13.78 47.31 6.53
C SER C 14 14.75 46.13 6.47
N PRO C 15 15.71 46.18 5.52
CA PRO C 15 16.73 45.14 5.37
C PRO C 15 17.58 44.93 6.63
N ASP C 16 17.82 46.01 7.37
CA ASP C 16 18.58 45.95 8.63
C ASP C 16 17.68 45.81 9.87
N SER C 17 17.12 44.61 10.03
CA SER C 17 16.34 44.23 11.21
C SER C 17 16.76 42.81 11.64
N THR C 18 16.85 42.59 12.95
CA THR C 18 17.28 41.28 13.48
C THR C 18 16.13 40.50 14.12
N PRO C 19 16.35 39.19 14.42
CA PRO C 19 15.39 38.40 15.20
C PRO C 19 15.19 38.97 16.59
N ALA C 20 16.26 39.51 17.18
CA ALA C 20 16.19 40.21 18.47
C ALA C 20 15.26 41.43 18.39
N ASP C 21 15.43 42.24 17.35
CA ASP C 21 14.63 43.45 17.13
C ASP C 21 13.13 43.17 17.10
N ILE C 22 12.72 42.29 16.18
CA ILE C 22 11.31 42.04 15.86
C ILE C 22 10.53 41.54 17.09
N ALA C 23 11.20 40.78 17.95
CA ALA C 23 10.62 40.33 19.21
C ALA C 23 10.18 41.46 20.15
N ALA C 24 10.95 42.55 20.18
CA ALA C 24 10.79 43.59 21.21
C ALA C 24 9.72 44.66 20.93
N LEU C 25 9.13 44.64 19.73
CA LEU C 25 8.08 45.59 19.41
C LEU C 25 6.74 45.22 20.05
N PRO C 26 6.09 46.20 20.70
CA PRO C 26 4.86 45.92 21.43
C PRO C 26 3.68 45.62 20.49
N LEU C 27 2.81 44.70 20.91
CA LEU C 27 1.59 44.41 20.18
C LEU C 27 0.62 45.58 20.29
N PRO C 28 -0.03 45.95 19.17
CA PRO C 28 -1.11 46.94 19.17
C PRO C 28 -2.29 46.44 20.00
N GLU C 29 -3.11 47.36 20.49
CA GLU C 29 -4.26 46.99 21.33
C GLU C 29 -5.32 46.31 20.46
N SER C 30 -5.43 46.75 19.21
CA SER C 30 -6.30 46.13 18.21
C SER C 30 -5.66 46.14 16.81
N TYR C 31 -6.25 45.40 15.87
CA TYR C 31 -5.76 45.34 14.47
C TYR C 31 -6.90 45.36 13.44
N ARG C 32 -6.61 45.75 12.20
CA ARG C 32 -7.65 45.77 11.15
C ARG C 32 -7.98 44.34 10.69
N ALA C 33 -9.26 43.97 10.73
CA ALA C 33 -9.70 42.61 10.41
C ALA C 33 -10.93 42.54 9.52
N ILE C 34 -10.97 41.54 8.63
CA ILE C 34 -12.20 41.26 7.86
C ILE C 34 -13.08 40.31 8.66
N THR C 35 -14.36 40.70 8.77
CA THR C 35 -15.23 40.14 9.78
C THR C 35 -16.64 39.86 9.26
N VAL C 36 -17.29 38.90 9.92
CA VAL C 36 -18.71 38.66 9.75
C VAL C 36 -19.29 38.77 11.18
N HIS C 37 -20.53 39.24 11.28
CA HIS C 37 -21.15 39.56 12.57
C HIS C 37 -22.24 38.57 12.93
N LYS C 38 -22.32 38.25 14.22
CA LYS C 38 -23.24 37.24 14.73
C LYS C 38 -24.69 37.73 14.78
N ASP C 39 -24.88 39.01 15.14
CA ASP C 39 -26.21 39.65 15.11
C ASP C 39 -26.83 39.77 13.72
N GLU C 40 -26.07 39.39 12.67
CA GLU C 40 -26.52 39.59 11.29
C GLU C 40 -26.74 38.29 10.52
N THR C 41 -26.68 37.13 11.19
CA THR C 41 -26.69 35.85 10.48
C THR C 41 -27.99 35.52 9.76
N GLU C 42 -29.09 36.16 10.15
CA GLU C 42 -30.38 35.99 9.46
C GLU C 42 -30.53 36.95 8.27
N MET C 43 -29.61 37.90 8.16
CA MET C 43 -29.64 38.99 7.17
C MET C 43 -30.19 38.59 5.81
N PHE C 44 -29.80 37.43 5.33
CA PHE C 44 -30.34 36.92 4.07
C PHE C 44 -31.63 36.14 4.36
N ALA C 45 -32.75 36.72 3.95
CA ALA C 45 -34.06 36.29 4.42
C ALA C 45 -34.88 35.71 3.29
N GLY C 46 -34.83 34.40 3.11
CA GLY C 46 -35.57 33.73 2.04
C GLY C 46 -34.98 34.00 0.66
N LEU C 47 -33.71 34.37 0.63
CA LEU C 47 -32.99 34.45 -0.64
C LEU C 47 -32.42 33.08 -1.00
N GLU C 48 -32.33 32.83 -2.30
CA GLU C 48 -31.58 31.68 -2.81
C GLU C 48 -30.08 31.95 -2.61
N THR C 49 -29.29 30.89 -2.66
CA THR C 49 -27.85 30.96 -2.40
C THR C 49 -27.12 31.94 -3.32
N ARG C 50 -27.18 31.72 -4.63
CA ARG C 50 -26.54 32.63 -5.59
C ARG C 50 -27.06 34.08 -5.45
N ASP C 51 -28.25 34.25 -4.91
CA ASP C 51 -28.86 35.58 -4.70
C ASP C 51 -28.29 36.36 -3.50
N LYS C 52 -27.28 35.79 -2.84
CA LYS C 52 -26.72 36.39 -1.62
C LYS C 52 -25.38 37.10 -1.89
N ASP C 53 -25.25 38.31 -1.36
CA ASP C 53 -24.11 39.19 -1.66
C ASP C 53 -23.20 39.39 -0.46
N PRO C 54 -21.93 38.94 -0.57
CA PRO C 54 -20.93 39.03 0.52
C PRO C 54 -20.56 40.48 0.89
N ARG C 55 -20.85 41.41 0.00
CA ARG C 55 -20.49 42.81 0.23
C ARG C 55 -21.31 43.43 1.36
N LYS C 56 -22.51 42.88 1.61
CA LYS C 56 -23.43 43.39 2.61
C LYS C 56 -23.26 42.75 4.00
N SER C 57 -22.44 41.70 4.07
CA SER C 57 -22.26 40.99 5.33
C SER C 57 -20.83 41.09 5.87
N ILE C 58 -19.89 41.46 4.99
CA ILE C 58 -18.48 41.62 5.35
C ILE C 58 -18.18 43.02 5.92
N HIS C 59 -17.42 43.05 7.02
CA HIS C 59 -17.04 44.31 7.68
C HIS C 59 -15.52 44.39 7.83
N LEU C 60 -15.01 45.60 7.96
CA LEU C 60 -13.60 45.79 8.30
C LEU C 60 -13.54 46.42 9.68
N ASP C 61 -13.27 45.61 10.68
CA ASP C 61 -13.31 46.05 12.07
C ASP C 61 -11.93 46.25 12.66
N ASP C 62 -11.85 47.04 13.72
CA ASP C 62 -10.68 47.04 14.59
C ASP C 62 -11.02 46.06 15.71
N VAL C 63 -10.11 45.14 15.95
CA VAL C 63 -10.40 43.97 16.77
C VAL C 63 -9.24 43.78 17.75
N PRO C 64 -9.53 43.47 19.02
CA PRO C 64 -8.47 43.25 20.00
C PRO C 64 -7.63 42.01 19.71
N VAL C 65 -6.31 42.11 19.94
CA VAL C 65 -5.40 40.97 19.76
C VAL C 65 -5.78 39.86 20.76
N PRO C 66 -5.83 38.60 20.27
CA PRO C 66 -6.16 37.47 21.15
C PRO C 66 -5.03 37.05 22.07
N GLU C 67 -5.41 36.51 23.23
CA GLU C 67 -4.49 35.93 24.21
C GLU C 67 -3.74 34.74 23.58
N LEU C 68 -2.40 34.77 23.66
CA LEU C 68 -1.55 33.72 23.12
C LEU C 68 -1.50 32.53 24.07
N GLY C 69 -1.86 31.36 23.55
CA GLY C 69 -1.81 30.13 24.34
C GLY C 69 -0.59 29.26 24.03
N PRO C 70 -0.54 28.05 24.63
CA PRO C 70 0.60 27.16 24.43
C PRO C 70 0.56 26.49 23.07
N GLY C 71 1.70 26.45 22.40
CA GLY C 71 1.80 25.83 21.09
C GLY C 71 1.46 26.76 19.93
N GLU C 72 1.18 28.02 20.23
CA GLU C 72 0.63 28.95 19.24
C GLU C 72 1.59 30.05 18.79
N ALA C 73 1.13 30.86 17.85
CA ALA C 73 1.91 31.97 17.34
C ALA C 73 1.04 33.11 16.85
N LEU C 74 1.49 34.34 17.14
CA LEU C 74 0.90 35.54 16.59
C LEU C 74 1.76 35.96 15.41
N VAL C 75 1.10 36.22 14.29
CA VAL C 75 1.79 36.48 13.05
C VAL C 75 1.25 37.77 12.46
N ALA C 76 2.19 38.63 12.06
CA ALA C 76 1.94 39.83 11.28
C ALA C 76 1.74 39.39 9.85
N VAL C 77 0.52 39.58 9.37
CA VAL C 77 0.08 39.08 8.10
C VAL C 77 0.24 40.11 6.97
N MET C 78 1.10 39.77 6.00
CA MET C 78 1.29 40.64 4.85
C MET C 78 0.23 40.44 3.76
N ALA C 79 -0.26 39.21 3.64
CA ALA C 79 -1.19 38.85 2.58
C ALA C 79 -1.92 37.55 2.88
N SER C 80 -3.02 37.34 2.16
CA SER C 80 -3.89 36.19 2.31
C SER C 80 -4.55 35.96 0.95
N SER C 81 -5.54 35.08 0.92
CA SER C 81 -6.38 34.91 -0.27
C SER C 81 -7.83 34.63 0.10
N VAL C 82 -8.70 34.69 -0.91
CA VAL C 82 -10.09 34.32 -0.72
C VAL C 82 -10.29 32.88 -1.15
N ASN C 83 -10.80 32.10 -0.21
CA ASN C 83 -11.09 30.72 -0.47
C ASN C 83 -12.59 30.55 -0.47
N TYR C 84 -13.07 29.44 -1.00
CA TYR C 84 -14.49 29.18 -1.00
C TYR C 84 -15.06 29.08 0.40
N ASN C 85 -14.30 28.55 1.35
CA ASN C 85 -14.82 28.49 2.72
C ASN C 85 -15.06 29.89 3.27
N SER C 86 -14.17 30.82 2.97
CA SER C 86 -14.31 32.23 3.37
C SER C 86 -15.60 32.85 2.84
N VAL C 87 -15.87 32.61 1.55
CA VAL C 87 -17.09 33.05 0.89
C VAL C 87 -18.32 32.39 1.54
N HIS C 88 -18.28 31.06 1.68
CA HIS C 88 -19.36 30.35 2.37
C HIS C 88 -19.66 30.95 3.75
N THR C 89 -18.64 31.40 4.47
CA THR C 89 -18.88 31.99 5.79
C THR C 89 -19.53 33.38 5.72
N SER C 90 -19.16 34.16 4.71
CA SER C 90 -19.78 35.45 4.41
C SER C 90 -21.28 35.35 4.27
N ILE C 91 -21.75 34.32 3.56
CA ILE C 91 -23.17 34.10 3.30
C ILE C 91 -23.91 33.42 4.44
N PHE C 92 -23.16 32.88 5.42
CA PHE C 92 -23.72 32.02 6.50
C PHE C 92 -24.38 30.76 5.95
N GLU C 93 -23.69 30.08 5.03
CA GLU C 93 -24.22 28.88 4.36
C GLU C 93 -23.35 27.67 4.70
N PRO C 94 -23.97 26.47 4.86
CA PRO C 94 -25.41 26.20 4.97
C PRO C 94 -25.97 26.87 6.22
N LEU C 95 -25.11 27.02 7.21
CA LEU C 95 -25.40 27.73 8.45
C LEU C 95 -24.23 28.67 8.77
N SER C 96 -24.40 29.53 9.75
CA SER C 96 -23.29 30.40 10.16
C SER C 96 -22.21 29.62 10.90
N THR C 97 -21.04 30.22 10.96
CA THR C 97 -19.87 29.60 11.56
C THR C 97 -19.86 29.78 13.07
N PHE C 98 -20.73 30.65 13.58
CA PHE C 98 -20.82 30.91 15.02
C PHE C 98 -21.35 29.73 15.82
N GLY C 99 -22.22 28.92 15.21
CA GLY C 99 -22.73 27.70 15.84
C GLY C 99 -21.59 26.88 16.42
N PHE C 100 -20.69 26.42 15.54
CA PHE C 100 -19.49 25.69 15.93
C PHE C 100 -18.60 26.44 16.93
N LEU C 101 -18.29 27.71 16.67
CA LEU C 101 -17.38 28.47 17.55
C LEU C 101 -17.90 28.47 18.99
N GLU C 102 -19.23 28.52 19.11
CA GLU C 102 -19.92 28.47 20.38
C GLU C 102 -19.84 27.09 21.04
N ARG C 103 -20.26 26.05 20.34
CA ARG C 103 -20.28 24.70 20.88
C ARG C 103 -18.90 24.21 21.26
N TYR C 104 -17.93 24.47 20.37
CA TYR C 104 -16.55 24.12 20.64
C TYR C 104 -15.94 24.93 21.80
N GLY C 105 -16.37 26.17 21.95
CA GLY C 105 -15.89 27.06 23.02
C GLY C 105 -16.13 26.55 24.43
N ARG C 106 -17.04 25.59 24.57
CA ARG C 106 -17.48 25.08 25.85
C ARG C 106 -16.45 24.13 26.46
N VAL C 107 -15.63 23.52 25.60
CA VAL C 107 -14.67 22.49 26.00
C VAL C 107 -13.63 23.00 27.00
N SER C 108 -13.06 24.16 26.72
CA SER C 108 -12.04 24.74 27.61
C SER C 108 -12.06 26.25 27.54
N ASP C 109 -11.20 26.89 28.34
CA ASP C 109 -11.04 28.35 28.35
C ASP C 109 -10.31 28.85 27.10
N LEU C 110 -9.36 28.03 26.61
CA LEU C 110 -8.62 28.32 25.39
C LEU C 110 -9.55 28.31 24.17
N ALA C 111 -10.44 27.33 24.15
CA ALA C 111 -11.46 27.17 23.12
C ALA C 111 -12.42 28.35 23.12
N LYS C 112 -12.64 28.89 24.32
CA LYS C 112 -13.60 29.95 24.58
C LYS C 112 -13.17 31.27 23.94
N ARG C 113 -11.86 31.52 23.85
CA ARG C 113 -11.32 32.72 23.18
C ARG C 113 -11.96 32.98 21.82
N HIS C 114 -12.29 31.91 21.10
CA HIS C 114 -12.84 31.98 19.75
C HIS C 114 -14.32 32.35 19.70
N ASP C 115 -15.02 32.16 20.81
CA ASP C 115 -16.47 32.38 20.89
C ASP C 115 -16.79 33.86 21.11
N LEU C 116 -17.01 34.57 20.01
CA LEU C 116 -17.08 36.03 19.98
C LEU C 116 -18.18 36.53 19.03
N PRO C 117 -18.67 37.78 19.25
CA PRO C 117 -19.71 38.43 18.43
C PRO C 117 -19.31 38.68 16.97
N TYR C 118 -18.02 38.56 16.69
CA TYR C 118 -17.51 38.68 15.34
C TYR C 118 -16.64 37.48 14.99
N HIS C 119 -16.50 37.23 13.69
CA HIS C 119 -15.66 36.17 13.22
C HIS C 119 -14.69 36.70 12.19
N VAL C 120 -13.40 36.62 12.52
CA VAL C 120 -12.34 37.02 11.61
C VAL C 120 -11.99 35.82 10.73
N ILE C 121 -12.08 36.03 9.43
CA ILE C 121 -12.01 34.93 8.47
C ILE C 121 -10.69 34.90 7.70
N GLY C 122 -10.57 33.91 6.80
CA GLY C 122 -9.38 33.73 5.98
C GLY C 122 -8.60 32.51 6.42
N SER C 123 -8.17 31.70 5.46
CA SER C 123 -7.52 30.43 5.75
C SER C 123 -6.13 30.29 5.11
N ASP C 124 -5.63 31.40 4.58
CA ASP C 124 -4.31 31.47 3.97
C ASP C 124 -3.58 32.65 4.60
N LEU C 125 -2.28 32.67 4.47
CA LEU C 125 -1.44 33.71 5.00
C LEU C 125 0.00 33.62 4.60
N ALA C 126 0.62 34.77 4.52
CA ALA C 126 2.04 34.92 4.31
C ALA C 126 2.42 36.16 5.09
N GLY C 127 3.28 35.99 6.08
CA GLY C 127 3.78 37.11 6.86
C GLY C 127 5.01 36.81 7.67
N VAL C 128 5.02 37.30 8.89
CA VAL C 128 6.19 37.23 9.77
C VAL C 128 5.73 36.97 11.21
N VAL C 129 6.37 36.00 11.87
CA VAL C 129 6.01 35.65 13.24
C VAL C 129 6.35 36.80 14.21
N LEU C 130 5.36 37.23 14.99
CA LEU C 130 5.56 38.29 15.99
C LEU C 130 5.86 37.72 17.36
N ARG C 131 5.04 36.77 17.79
CA ARG C 131 5.21 36.15 19.08
C ARG C 131 5.04 34.65 18.98
N THR C 132 5.81 33.96 19.80
CA THR C 132 5.76 32.53 19.94
C THR C 132 5.10 32.24 21.28
N GLY C 133 4.37 31.13 21.37
CA GLY C 133 3.81 30.68 22.65
C GLY C 133 4.83 29.86 23.44
N PRO C 134 4.40 29.35 24.61
CA PRO C 134 5.26 28.44 25.38
C PRO C 134 5.19 27.05 24.76
N GLY C 135 6.31 26.34 24.79
CA GLY C 135 6.41 25.02 24.15
C GLY C 135 6.58 25.09 22.65
N VAL C 136 6.91 26.28 22.13
CA VAL C 136 7.22 26.46 20.70
C VAL C 136 8.73 26.62 20.48
N ASN C 137 9.33 25.68 19.76
CA ASN C 137 10.79 25.65 19.58
C ASN C 137 11.27 25.72 18.13
N ALA C 138 10.44 25.27 17.19
CA ALA C 138 10.83 25.22 15.77
C ALA C 138 10.72 26.59 15.10
N TRP C 139 9.99 27.50 15.73
CA TRP C 139 9.79 28.83 15.15
C TRP C 139 10.12 29.95 16.14
N GLN C 140 10.57 31.09 15.62
CA GLN C 140 10.85 32.26 16.43
C GLN C 140 10.37 33.51 15.71
N ALA C 141 10.21 34.60 16.48
CA ALA C 141 9.87 35.90 15.92
C ALA C 141 10.86 36.32 14.84
N GLY C 142 10.33 36.95 13.79
CA GLY C 142 11.12 37.34 12.64
C GLY C 142 11.11 36.32 11.51
N ASP C 143 10.58 35.13 11.78
CA ASP C 143 10.56 34.06 10.78
C ASP C 143 9.60 34.37 9.65
N GLU C 144 10.06 34.19 8.42
CA GLU C 144 9.21 34.44 7.26
C GLU C 144 8.42 33.17 6.96
N VAL C 145 7.10 33.27 7.10
CA VAL C 145 6.23 32.09 7.10
C VAL C 145 4.99 32.20 6.22
N VAL C 146 4.54 31.04 5.76
CA VAL C 146 3.16 30.87 5.29
C VAL C 146 2.46 29.89 6.22
N ALA C 147 1.14 29.74 6.11
CA ALA C 147 0.41 28.86 7.03
C ALA C 147 -0.52 27.84 6.38
N HIS C 148 -0.41 26.59 6.83
CA HIS C 148 -1.40 25.54 6.54
C HIS C 148 -2.69 25.83 7.35
N CYS C 149 -3.86 25.41 6.87
CA CYS C 149 -5.12 25.76 7.54
C CYS C 149 -5.67 24.65 8.46
N LEU C 150 -4.92 23.58 8.63
CA LEU C 150 -5.36 22.51 9.51
C LEU C 150 -4.91 22.75 10.93
N SER C 151 -5.90 22.84 11.82
CA SER C 151 -5.67 22.92 13.24
C SER C 151 -6.15 21.62 13.87
N VAL C 152 -5.22 20.85 14.41
CA VAL C 152 -5.54 19.57 15.02
C VAL C 152 -4.99 19.57 16.44
N GLU C 153 -5.73 18.96 17.37
CA GLU C 153 -5.29 18.90 18.78
C GLU C 153 -4.50 17.62 19.07
N LEU C 154 -4.94 16.52 18.45
CA LEU C 154 -4.28 15.23 18.54
C LEU C 154 -4.32 14.58 19.93
N GLU C 155 -5.39 14.85 20.68
CA GLU C 155 -5.59 14.16 21.96
C GLU C 155 -6.12 12.77 21.71
N SER C 156 -7.01 12.68 20.72
CA SER C 156 -7.48 11.39 20.26
C SER C 156 -6.31 10.72 19.57
N SER C 157 -6.31 9.40 19.63
CA SER C 157 -5.29 8.59 18.96
C SER C 157 -5.59 8.43 17.47
N ASP C 158 -6.79 8.82 17.04
CA ASP C 158 -7.26 8.53 15.68
C ASP C 158 -6.40 9.22 14.60
N GLY C 159 -5.78 10.34 14.91
CA GLY C 159 -4.99 11.04 13.90
C GLY C 159 -3.50 10.76 13.92
N HIS C 160 -3.06 9.77 14.70
CA HIS C 160 -1.62 9.51 14.87
C HIS C 160 -0.95 8.64 13.79
N ASN C 161 -1.70 8.37 12.73
CA ASN C 161 -1.18 7.73 11.53
C ASN C 161 -1.67 8.47 10.27
N ASP C 162 -1.96 9.78 10.42
CA ASP C 162 -2.54 10.67 9.38
C ASP C 162 -3.50 11.62 10.11
N THR C 163 -3.01 12.83 10.37
CA THR C 163 -3.75 13.77 11.20
C THR C 163 -5.10 14.19 10.60
N MET C 164 -5.34 13.92 9.32
CA MET C 164 -6.64 14.25 8.76
C MET C 164 -7.77 13.39 9.34
N LEU C 165 -7.41 12.36 10.07
CA LEU C 165 -8.37 11.53 10.79
C LEU C 165 -8.66 11.97 12.23
N ASP C 166 -8.00 13.03 12.69
CA ASP C 166 -8.27 13.59 14.03
C ASP C 166 -9.72 14.07 14.12
N PRO C 167 -10.50 13.49 15.05
CA PRO C 167 -11.92 13.89 15.17
C PRO C 167 -12.13 15.34 15.66
N GLU C 168 -11.11 15.96 16.26
CA GLU C 168 -11.21 17.34 16.80
C GLU C 168 -10.47 18.37 15.94
N GLN C 169 -10.45 18.13 14.64
CA GLN C 169 -9.72 19.00 13.76
C GLN C 169 -10.55 20.26 13.54
N ARG C 170 -9.88 21.36 13.22
CA ARG C 170 -10.58 22.59 12.88
C ARG C 170 -9.90 23.23 11.70
N ILE C 171 -10.67 23.82 10.81
CA ILE C 171 -10.09 24.57 9.72
C ILE C 171 -9.89 26.02 10.15
N TRP C 172 -8.63 26.41 10.22
CA TRP C 172 -8.25 27.73 10.69
C TRP C 172 -8.93 28.84 9.88
N GLY C 173 -9.61 29.71 10.61
CA GLY C 173 -10.30 30.86 10.04
C GLY C 173 -11.72 30.58 9.57
N PHE C 174 -12.11 29.30 9.67
CA PHE C 174 -13.44 28.84 9.33
C PHE C 174 -14.11 28.26 10.57
N GLU C 175 -13.41 27.35 11.25
CA GLU C 175 -13.88 26.77 12.50
C GLU C 175 -13.08 27.29 13.70
N THR C 176 -12.27 28.31 13.44
CA THR C 176 -11.58 29.05 14.46
C THR C 176 -11.79 30.50 14.07
N ASN C 177 -11.61 31.38 15.06
CA ASN C 177 -11.55 32.81 14.83
C ASN C 177 -10.11 33.20 14.48
N PHE C 178 -9.84 34.51 14.37
CA PHE C 178 -8.50 35.04 14.11
C PHE C 178 -7.86 34.54 12.80
N GLY C 179 -8.68 34.49 11.74
CA GLY C 179 -8.22 34.08 10.40
C GLY C 179 -7.24 35.05 9.77
N GLY C 180 -6.82 34.77 8.54
CA GLY C 180 -5.74 35.52 7.89
C GLY C 180 -6.11 36.76 7.09
N LEU C 181 -7.40 37.01 6.90
CA LEU C 181 -7.82 38.22 6.20
C LEU C 181 -7.86 39.39 7.20
N ALA C 182 -6.66 39.73 7.69
CA ALA C 182 -6.49 40.72 8.75
C ALA C 182 -4.99 41.00 8.91
N GLU C 183 -4.63 42.09 9.58
CA GLU C 183 -3.20 42.47 9.73
C GLU C 183 -2.42 41.56 10.70
N ILE C 184 -3.14 40.86 11.57
CA ILE C 184 -2.56 39.95 12.58
C ILE C 184 -3.36 38.65 12.62
N ALA C 185 -2.70 37.54 12.92
CA ALA C 185 -3.39 36.24 13.05
C ALA C 185 -2.83 35.32 14.13
N LEU C 186 -3.73 34.55 14.72
CA LEU C 186 -3.37 33.49 15.67
C LEU C 186 -3.48 32.12 15.01
N VAL C 187 -2.36 31.40 14.95
CA VAL C 187 -2.31 30.04 14.44
C VAL C 187 -1.46 29.19 15.39
N LYS C 188 -1.64 27.87 15.32
CA LYS C 188 -0.71 26.95 15.96
C LYS C 188 0.60 26.99 15.21
N SER C 189 1.69 26.65 15.88
CA SER C 189 3.00 26.61 15.26
C SER C 189 3.13 25.44 14.29
N ASN C 190 2.33 24.40 14.48
CA ASN C 190 2.33 23.26 13.56
C ASN C 190 1.35 23.48 12.41
N GLN C 191 1.08 24.76 12.17
CA GLN C 191 0.45 25.26 10.97
C GLN C 191 1.52 25.99 10.15
N LEU C 192 2.66 26.31 10.77
CA LEU C 192 3.65 27.19 10.11
C LEU C 192 4.56 26.48 9.11
N MET C 193 4.86 27.16 8.01
CA MET C 193 5.73 26.63 6.97
C MET C 193 6.61 27.80 6.49
N PRO C 194 7.82 27.51 6.00
CA PRO C 194 8.65 28.66 5.55
C PRO C 194 8.13 29.24 4.25
N LYS C 195 8.07 30.57 4.19
CA LYS C 195 7.71 31.30 2.98
C LYS C 195 8.82 31.10 1.97
N PRO C 196 8.49 30.74 0.71
CA PRO C 196 9.48 30.63 -0.35
C PRO C 196 10.10 31.98 -0.66
N ASP C 197 11.41 31.98 -0.90
CA ASP C 197 12.20 33.21 -1.03
C ASP C 197 11.92 34.04 -2.28
N HIS C 198 11.57 33.37 -3.38
CA HIS C 198 11.45 34.03 -4.70
C HIS C 198 10.09 34.65 -5.00
N LEU C 199 9.14 34.52 -4.08
CA LEU C 199 7.78 35.02 -4.24
C LEU C 199 7.49 36.28 -3.40
N SER C 200 6.50 37.05 -3.84
CA SER C 200 5.98 38.15 -3.04
C SER C 200 5.00 37.64 -1.98
N TRP C 201 4.62 38.50 -1.05
CA TRP C 201 3.75 38.09 0.05
C TRP C 201 2.45 37.45 -0.45
N GLU C 202 1.82 38.07 -1.44
CA GLU C 202 0.54 37.58 -1.95
C GLU C 202 0.69 36.34 -2.83
N GLU C 203 1.79 36.25 -3.57
CA GLU C 203 2.12 35.02 -4.28
C GLU C 203 2.37 33.85 -3.30
N ALA C 204 3.05 34.12 -2.20
CA ALA C 204 3.35 33.08 -1.20
C ALA C 204 2.10 32.62 -0.45
N ALA C 205 1.16 33.55 -0.28
CA ALA C 205 -0.11 33.26 0.37
C ALA C 205 -1.10 32.50 -0.52
N ALA C 206 -0.94 32.62 -1.83
CA ALA C 206 -1.91 32.07 -2.78
C ALA C 206 -2.07 30.54 -2.81
N PRO C 207 -0.97 29.76 -2.71
CA PRO C 207 -1.19 28.30 -2.84
C PRO C 207 -1.89 27.61 -1.67
N GLY C 208 -1.45 27.94 -0.47
CA GLY C 208 -1.80 27.20 0.75
C GLY C 208 -2.90 26.16 0.66
N LEU C 209 -4.11 26.56 1.03
CA LEU C 209 -5.26 25.66 1.16
C LEU C 209 -5.52 24.79 -0.07
N VAL C 210 -5.50 25.43 -1.24
CA VAL C 210 -5.88 24.79 -2.51
C VAL C 210 -4.81 23.85 -3.05
N ASN C 211 -3.58 24.32 -3.03
CA ASN C 211 -2.46 23.55 -3.52
C ASN C 211 -2.21 22.32 -2.63
N SER C 212 -2.28 22.48 -1.31
CA SER C 212 -2.06 21.36 -0.39
C SER C 212 -3.17 20.31 -0.50
N THR C 213 -4.38 20.76 -0.79
CA THR C 213 -5.52 19.88 -1.05
C THR C 213 -5.29 19.06 -2.33
N ALA C 214 -4.93 19.74 -3.41
CA ALA C 214 -4.57 19.09 -4.68
C ALA C 214 -3.44 18.09 -4.48
N TYR C 215 -2.49 18.46 -3.63
CA TYR C 215 -1.33 17.58 -3.39
C TYR C 215 -1.74 16.25 -2.76
N ARG C 216 -2.57 16.31 -1.72
CA ARG C 216 -3.03 15.09 -1.04
C ARG C 216 -3.81 14.21 -2.00
N GLN C 217 -4.72 14.86 -2.71
CA GLN C 217 -5.68 14.20 -3.54
C GLN C 217 -4.97 13.44 -4.66
N LEU C 218 -3.99 14.07 -5.30
CA LEU C 218 -3.38 13.52 -6.51
C LEU C 218 -2.04 12.83 -6.29
N VAL C 219 -1.17 13.45 -5.49
CA VAL C 219 0.23 13.03 -5.37
C VAL C 219 0.46 12.05 -4.21
N SER C 220 -0.22 12.28 -3.08
CA SER C 220 0.13 11.57 -1.84
C SER C 220 -0.41 10.14 -1.88
N ARG C 221 0.14 9.26 -1.05
CA ARG C 221 -0.33 7.88 -1.00
C ARG C 221 -1.66 7.76 -0.28
N ASN C 222 -2.05 8.83 0.43
CA ASN C 222 -3.37 8.93 1.02
C ASN C 222 -4.45 9.31 -0.02
N GLY C 223 -4.00 9.76 -1.18
CA GLY C 223 -4.90 10.07 -2.27
C GLY C 223 -4.66 9.10 -3.40
N ALA C 224 -4.56 9.66 -4.60
CA ALA C 224 -4.38 8.88 -5.82
C ALA C 224 -2.99 8.24 -6.03
N GLY C 225 -1.94 8.84 -5.47
CA GLY C 225 -0.58 8.30 -5.62
C GLY C 225 -0.07 8.26 -7.05
N MET C 226 -0.35 9.34 -7.79
CA MET C 226 0.07 9.56 -9.18
C MET C 226 1.44 8.96 -9.46
N LYS C 227 1.66 8.34 -10.61
CA LYS C 227 3.05 8.05 -11.05
C LYS C 227 3.27 8.61 -12.45
N GLN C 228 4.51 8.90 -12.82
CA GLN C 228 4.81 9.43 -14.15
C GLN C 228 4.22 8.48 -15.21
N GLY C 229 3.78 9.06 -16.32
CA GLY C 229 3.05 8.33 -17.36
C GLY C 229 1.54 8.19 -17.21
N ASP C 230 0.98 8.50 -16.04
CA ASP C 230 -0.46 8.29 -15.79
C ASP C 230 -1.26 9.30 -16.61
N ASN C 231 -2.41 8.87 -17.13
CA ASN C 231 -3.37 9.82 -17.69
C ASN C 231 -4.30 10.29 -16.58
N VAL C 232 -4.31 11.59 -16.35
CA VAL C 232 -5.02 12.19 -15.23
C VAL C 232 -6.06 13.14 -15.78
N LEU C 233 -7.32 12.90 -15.44
CA LEU C 233 -8.39 13.72 -15.95
C LEU C 233 -8.64 14.82 -14.92
N ILE C 234 -8.58 16.06 -15.37
CA ILE C 234 -8.68 17.19 -14.43
C ILE C 234 -9.86 18.08 -14.79
N TRP C 235 -10.93 17.93 -14.05
CA TRP C 235 -12.09 18.81 -14.17
C TRP C 235 -11.72 20.23 -13.73
N GLY C 236 -12.42 21.22 -14.27
CA GLY C 236 -12.21 22.63 -13.91
C GLY C 236 -10.73 22.98 -13.80
N ALA C 237 -9.98 22.67 -14.85
CA ALA C 237 -8.52 22.76 -14.81
C ALA C 237 -7.93 24.18 -14.64
N SER C 238 -8.69 25.23 -14.94
CA SER C 238 -8.14 26.57 -14.78
C SER C 238 -8.56 27.26 -13.48
N GLY C 239 -9.51 26.65 -12.76
CA GLY C 239 -9.98 27.17 -11.47
C GLY C 239 -8.93 26.99 -10.38
N GLY C 240 -9.24 27.46 -9.17
CA GLY C 240 -8.29 27.39 -8.05
C GLY C 240 -7.64 26.02 -7.88
N LEU C 241 -8.48 25.04 -7.56
CA LEU C 241 -8.02 23.68 -7.33
C LEU C 241 -7.36 23.07 -8.56
N GLY C 242 -8.06 23.16 -9.70
CA GLY C 242 -7.62 22.57 -10.95
C GLY C 242 -6.28 23.08 -11.40
N SER C 243 -5.99 24.35 -11.12
CA SER C 243 -4.74 24.97 -11.56
C SER C 243 -3.53 24.38 -10.86
N TYR C 244 -3.69 23.96 -9.59
CA TYR C 244 -2.58 23.31 -8.90
C TYR C 244 -2.47 21.83 -9.30
N ALA C 245 -3.60 21.17 -9.45
CA ALA C 245 -3.65 19.77 -9.90
C ALA C 245 -2.97 19.57 -11.23
N THR C 246 -3.23 20.46 -12.19
CA THR C 246 -2.62 20.37 -13.51
C THR C 246 -1.11 20.42 -13.46
N GLN C 247 -0.61 21.31 -12.61
CA GLN C 247 0.81 21.46 -12.37
C GLN C 247 1.41 20.23 -11.72
N PHE C 248 0.76 19.65 -10.71
CA PHE C 248 1.30 18.42 -10.10
C PHE C 248 1.41 17.32 -11.15
N ALA C 249 0.42 17.26 -12.05
CA ALA C 249 0.42 16.22 -13.10
C ALA C 249 1.62 16.39 -14.01
N LEU C 250 1.81 17.63 -14.47
CA LEU C 250 2.89 17.96 -15.38
C LEU C 250 4.25 17.80 -14.73
N ALA C 251 4.39 18.30 -13.50
CA ALA C 251 5.69 18.30 -12.84
C ALA C 251 6.08 16.90 -12.38
N GLY C 252 5.07 16.05 -12.15
CA GLY C 252 5.29 14.65 -11.80
C GLY C 252 5.43 13.72 -12.99
N GLY C 253 5.44 14.27 -14.21
CA GLY C 253 5.66 13.52 -15.44
C GLY C 253 4.48 12.69 -15.94
N ALA C 254 3.28 12.99 -15.43
CA ALA C 254 2.04 12.36 -15.89
C ALA C 254 1.44 13.19 -17.02
N ASN C 255 0.28 12.77 -17.52
CA ASN C 255 -0.35 13.43 -18.66
C ASN C 255 -1.70 14.01 -18.32
N PRO C 256 -1.78 15.33 -18.14
CA PRO C 256 -3.07 15.85 -17.71
C PRO C 256 -4.06 15.94 -18.87
N ILE C 257 -5.31 15.56 -18.62
CA ILE C 257 -6.36 15.74 -19.60
C ILE C 257 -7.24 16.82 -19.00
N CYS C 258 -7.01 18.04 -19.47
CA CYS C 258 -7.60 19.21 -18.87
C CYS C 258 -8.99 19.41 -19.41
N VAL C 259 -9.95 19.58 -18.51
CA VAL C 259 -11.32 19.91 -18.91
C VAL C 259 -11.64 21.33 -18.46
N VAL C 260 -11.99 22.18 -19.42
CA VAL C 260 -12.32 23.58 -19.17
C VAL C 260 -13.67 23.91 -19.80
N SER C 261 -14.15 25.14 -19.60
CA SER C 261 -15.43 25.53 -20.15
C SER C 261 -15.38 26.64 -21.21
N SER C 262 -14.17 27.08 -21.60
CA SER C 262 -14.02 28.14 -22.60
C SER C 262 -12.68 28.07 -23.31
N PRO C 263 -12.57 28.71 -24.51
CA PRO C 263 -11.28 28.86 -25.19
C PRO C 263 -10.22 29.63 -24.39
N GLN C 264 -10.63 30.62 -23.59
CA GLN C 264 -9.68 31.42 -22.81
C GLN C 264 -9.11 30.60 -21.66
N LYS C 265 -9.93 29.70 -21.12
CA LYS C 265 -9.50 28.83 -20.06
C LYS C 265 -8.57 27.76 -20.61
N ALA C 266 -8.87 27.30 -21.83
CA ALA C 266 -8.04 26.32 -22.54
C ALA C 266 -6.63 26.86 -22.79
N GLU C 267 -6.56 28.13 -23.21
CA GLU C 267 -5.28 28.77 -23.40
C GLU C 267 -4.48 28.88 -22.11
N ILE C 268 -5.15 29.04 -20.98
CA ILE C 268 -4.45 29.00 -19.69
C ILE C 268 -3.76 27.64 -19.47
N CYS C 269 -4.44 26.55 -19.82
CA CYS C 269 -3.86 25.21 -19.60
C CYS C 269 -2.71 24.92 -20.54
N ARG C 270 -2.82 25.42 -21.76
CA ARG C 270 -1.74 25.30 -22.73
C ARG C 270 -0.50 26.05 -22.24
N ALA C 271 -0.71 27.19 -21.60
CA ALA C 271 0.37 27.98 -21.01
C ALA C 271 1.03 27.23 -19.86
N MET C 272 0.21 26.55 -19.06
CA MET C 272 0.72 25.67 -18.01
C MET C 272 1.56 24.55 -18.62
N GLY C 273 1.27 24.22 -19.89
CA GLY C 273 1.99 23.16 -20.58
C GLY C 273 1.16 21.94 -20.95
N ALA C 274 -0.14 21.97 -20.65
CA ALA C 274 -0.98 20.82 -20.94
C ALA C 274 -1.26 20.75 -22.43
N GLU C 275 -1.24 19.53 -22.98
CA GLU C 275 -1.39 19.30 -24.41
C GLU C 275 -2.81 18.84 -24.76
N ALA C 276 -3.37 17.99 -23.91
CA ALA C 276 -4.71 17.46 -24.08
C ALA C 276 -5.73 18.28 -23.28
N ILE C 277 -6.63 18.96 -23.99
CA ILE C 277 -7.60 19.85 -23.41
C ILE C 277 -9.00 19.60 -24.01
N ILE C 278 -10.01 19.35 -23.16
CA ILE C 278 -11.39 19.31 -23.65
C ILE C 278 -12.13 20.54 -23.16
N ASP C 279 -12.74 21.24 -24.10
CA ASP C 279 -13.65 22.29 -23.75
C ASP C 279 -15.04 21.64 -23.72
N ARG C 280 -15.54 21.41 -22.51
CA ARG C 280 -16.83 20.74 -22.26
C ARG C 280 -18.03 21.57 -22.72
N ASN C 281 -17.80 22.86 -22.91
CA ASN C 281 -18.83 23.77 -23.38
C ASN C 281 -18.94 23.79 -24.91
N ALA C 282 -17.80 23.68 -25.59
CA ALA C 282 -17.77 23.63 -27.05
C ALA C 282 -18.27 22.27 -27.57
N GLU C 283 -17.93 21.21 -26.85
CA GLU C 283 -18.35 19.85 -27.22
C GLU C 283 -19.79 19.59 -26.81
N GLY C 284 -20.33 20.42 -25.93
CA GLY C 284 -21.72 20.32 -25.48
C GLY C 284 -22.14 19.03 -24.78
N TYR C 285 -21.28 18.49 -23.91
CA TYR C 285 -21.65 17.29 -23.10
C TYR C 285 -22.75 17.54 -22.08
N ARG C 286 -23.82 16.77 -22.22
CA ARG C 286 -24.95 16.81 -21.31
C ARG C 286 -25.10 15.49 -20.56
N PHE C 287 -24.25 15.30 -19.55
CA PHE C 287 -24.19 14.02 -18.79
C PHE C 287 -25.50 13.68 -18.08
N TRP C 288 -26.34 14.69 -17.87
CA TRP C 288 -27.72 14.53 -17.38
C TRP C 288 -28.72 15.00 -18.43
N LYS C 289 -29.68 14.15 -18.76
CA LYS C 289 -30.79 14.51 -19.63
C LYS C 289 -31.78 15.46 -18.94
N ASP C 290 -32.17 15.09 -17.71
CA ASP C 290 -32.96 15.93 -16.82
C ASP C 290 -32.38 15.61 -15.47
N GLU C 291 -32.64 16.38 -14.43
CA GLU C 291 -31.93 16.06 -13.19
C GLU C 291 -32.51 14.97 -12.32
N ASN C 292 -32.77 13.83 -12.95
CA ASN C 292 -32.87 12.57 -12.26
C ASN C 292 -32.53 11.40 -13.17
N THR C 293 -32.18 11.71 -14.41
CA THR C 293 -31.73 10.67 -15.34
C THR C 293 -30.43 11.05 -16.05
N GLN C 294 -29.46 10.14 -16.01
CA GLN C 294 -28.18 10.37 -16.68
C GLN C 294 -28.14 9.76 -18.07
N ASP C 295 -27.18 10.21 -18.88
CA ASP C 295 -27.04 9.77 -20.26
C ASP C 295 -25.73 9.05 -20.54
N PRO C 296 -25.69 7.71 -20.35
CA PRO C 296 -24.54 6.88 -20.77
C PRO C 296 -24.01 7.19 -22.16
N LYS C 297 -24.89 7.47 -23.12
CA LYS C 297 -24.45 7.90 -24.44
C LYS C 297 -23.48 9.07 -24.35
N GLU C 298 -23.72 10.01 -23.44
CA GLU C 298 -22.85 11.17 -23.31
C GLU C 298 -21.54 10.82 -22.62
N TRP C 299 -21.59 9.89 -21.66
CA TRP C 299 -20.39 9.35 -21.03
C TRP C 299 -19.50 8.73 -22.09
N LYS C 300 -20.11 7.90 -22.94
CA LYS C 300 -19.37 7.22 -24.02
C LYS C 300 -18.75 8.22 -24.97
N ARG C 301 -19.52 9.26 -25.34
CA ARG C 301 -19.05 10.28 -26.28
C ARG C 301 -17.85 11.01 -25.71
N PHE C 302 -17.86 11.19 -24.39
CA PHE C 302 -16.82 11.90 -23.70
C PHE C 302 -15.55 11.04 -23.65
N GLY C 303 -15.74 9.76 -23.31
CA GLY C 303 -14.65 8.78 -23.29
C GLY C 303 -14.02 8.57 -24.66
N LYS C 304 -14.83 8.65 -25.72
CA LYS C 304 -14.32 8.61 -27.08
C LYS C 304 -13.38 9.78 -27.32
N ARG C 305 -13.78 10.97 -26.86
CA ARG C 305 -12.95 12.17 -27.00
C ARG C 305 -11.63 12.02 -26.24
N ILE C 306 -11.68 11.53 -25.01
CA ILE C 306 -10.46 11.26 -24.25
C ILE C 306 -9.53 10.30 -24.99
N ARG C 307 -10.09 9.23 -25.54
CA ARG C 307 -9.28 8.20 -26.21
C ARG C 307 -8.56 8.73 -27.46
N GLU C 308 -9.19 9.67 -28.15
CA GLU C 308 -8.57 10.33 -29.30
C GLU C 308 -7.39 11.22 -28.92
N LEU C 309 -7.51 11.85 -27.75
CA LEU C 309 -6.46 12.70 -27.23
C LEU C 309 -5.30 11.92 -26.63
N THR C 310 -5.57 10.72 -26.13
CA THR C 310 -4.54 9.87 -25.51
C THR C 310 -4.07 8.76 -26.45
N GLY C 311 -4.61 8.71 -27.66
CA GLY C 311 -4.27 7.63 -28.60
C GLY C 311 -4.74 6.28 -28.11
N GLY C 312 -6.00 6.22 -27.69
CA GLY C 312 -6.63 4.97 -27.28
C GLY C 312 -6.41 4.54 -25.83
N GLU C 313 -6.11 5.48 -24.93
CA GLU C 313 -5.94 5.12 -23.52
C GLU C 313 -7.06 5.72 -22.66
N ASP C 314 -7.45 5.00 -21.60
CA ASP C 314 -8.43 5.53 -20.68
C ASP C 314 -7.75 6.31 -19.56
N ILE C 315 -8.51 6.74 -18.57
CA ILE C 315 -7.97 7.62 -17.53
C ILE C 315 -7.54 6.78 -16.35
N ASP C 316 -6.28 6.94 -15.94
CA ASP C 316 -5.78 6.29 -14.72
C ASP C 316 -6.33 6.88 -13.41
N ILE C 317 -6.40 8.20 -13.36
CA ILE C 317 -6.80 8.92 -12.13
C ILE C 317 -7.69 10.09 -12.54
N VAL C 318 -8.94 10.11 -12.06
CA VAL C 318 -9.80 11.26 -12.28
C VAL C 318 -9.72 12.17 -11.05
N PHE C 319 -9.45 13.45 -11.30
CA PHE C 319 -9.39 14.45 -10.23
C PHE C 319 -10.74 15.11 -10.16
N GLU C 320 -11.63 14.54 -9.34
CA GLU C 320 -12.99 15.01 -9.17
C GLU C 320 -13.18 16.15 -8.18
N HIS C 321 -14.20 16.98 -8.44
CA HIS C 321 -14.67 18.01 -7.50
C HIS C 321 -16.01 18.62 -7.89
N PRO C 322 -16.40 18.60 -9.18
CA PRO C 322 -17.75 19.14 -9.45
C PRO C 322 -18.88 18.24 -8.93
N GLY C 323 -18.65 16.93 -8.93
CA GLY C 323 -19.55 16.02 -8.25
C GLY C 323 -20.70 15.48 -9.09
N ARG C 324 -21.90 15.54 -8.54
CA ARG C 324 -23.08 14.95 -9.17
C ARG C 324 -23.16 15.11 -10.70
N GLU C 325 -23.05 16.34 -11.19
CA GLU C 325 -23.19 16.58 -12.63
C GLU C 325 -22.24 15.73 -13.48
N THR C 326 -21.06 15.48 -12.92
CA THR C 326 -19.91 14.98 -13.65
C THR C 326 -19.49 13.55 -13.19
N PHE C 327 -20.05 13.09 -12.08
CA PHE C 327 -19.44 11.96 -11.38
C PHE C 327 -19.72 10.63 -12.04
N GLY C 328 -20.88 10.50 -12.70
CA GLY C 328 -21.16 9.36 -13.56
C GLY C 328 -20.15 9.17 -14.67
N ALA C 329 -19.86 10.26 -15.39
CA ALA C 329 -18.86 10.24 -16.46
C ALA C 329 -17.49 9.89 -15.91
N SER C 330 -17.11 10.51 -14.80
CA SER C 330 -15.81 10.24 -14.19
C SER C 330 -15.60 8.75 -13.90
N VAL C 331 -16.62 8.08 -13.35
CA VAL C 331 -16.54 6.65 -13.03
C VAL C 331 -16.44 5.80 -14.32
N PHE C 332 -17.25 6.17 -15.31
CA PHE C 332 -17.28 5.51 -16.63
C PHE C 332 -15.94 5.61 -17.37
N VAL C 333 -15.32 6.79 -17.36
CA VAL C 333 -14.18 7.02 -18.24
C VAL C 333 -12.87 6.46 -17.69
N THR C 334 -12.86 6.15 -16.40
CA THR C 334 -11.61 5.69 -15.82
C THR C 334 -11.29 4.27 -16.26
N ARG C 335 -9.98 4.05 -16.39
CA ARG C 335 -9.42 2.78 -16.79
C ARG C 335 -9.77 1.69 -15.80
N LYS C 336 -9.72 0.45 -16.26
CA LYS C 336 -9.82 -0.71 -15.42
C LYS C 336 -8.69 -0.73 -14.38
N GLY C 337 -9.04 -0.89 -13.12
CA GLY C 337 -8.04 -0.82 -12.05
C GLY C 337 -7.71 0.59 -11.59
N GLY C 338 -8.37 1.59 -12.16
CA GLY C 338 -8.02 2.98 -11.89
C GLY C 338 -8.77 3.58 -10.72
N THR C 339 -8.55 4.89 -10.52
CA THR C 339 -8.90 5.60 -9.29
C THR C 339 -9.68 6.90 -9.55
N ILE C 340 -10.79 7.11 -8.86
CA ILE C 340 -11.46 8.40 -8.87
C ILE C 340 -11.27 9.04 -7.51
N THR C 341 -10.64 10.20 -7.52
CA THR C 341 -10.28 10.90 -6.30
C THR C 341 -11.15 12.18 -6.17
N THR C 342 -11.76 12.39 -5.00
CA THR C 342 -12.69 13.50 -4.82
C THR C 342 -12.50 14.27 -3.49
N CYS C 343 -12.58 15.61 -3.57
CA CYS C 343 -12.42 16.49 -2.41
C CYS C 343 -13.58 17.46 -2.27
N ALA C 344 -14.57 17.38 -3.16
CA ALA C 344 -15.70 18.30 -3.17
C ALA C 344 -16.82 17.77 -4.08
N SER C 345 -18.00 18.40 -3.97
CA SER C 345 -19.11 18.23 -4.91
C SER C 345 -19.84 19.57 -5.10
N THR C 346 -19.27 20.45 -5.91
CA THR C 346 -19.77 21.82 -6.06
C THR C 346 -21.12 21.92 -6.77
N SER C 347 -21.34 21.10 -7.79
CA SER C 347 -22.62 21.01 -8.50
C SER C 347 -23.73 20.25 -7.75
N GLY C 348 -23.38 19.56 -6.68
CA GLY C 348 -24.34 18.72 -5.94
C GLY C 348 -23.68 17.51 -5.30
N TYR C 349 -23.96 17.28 -4.01
CA TYR C 349 -23.32 16.21 -3.23
C TYR C 349 -24.00 14.84 -3.27
N MET C 350 -25.21 14.79 -3.82
CA MET C 350 -25.83 13.48 -4.06
C MET C 350 -25.28 12.89 -5.35
N HIS C 351 -24.22 12.09 -5.23
CA HIS C 351 -23.60 11.41 -6.37
C HIS C 351 -24.41 10.19 -6.83
N GLU C 352 -24.45 9.98 -8.16
CA GLU C 352 -25.11 8.84 -8.75
C GLU C 352 -24.22 8.29 -9.84
N TYR C 353 -23.87 7.02 -9.72
CA TYR C 353 -22.99 6.37 -10.69
C TYR C 353 -23.46 4.93 -10.85
N ASP C 354 -23.09 4.31 -11.97
CA ASP C 354 -23.38 2.91 -12.26
C ASP C 354 -22.29 2.07 -11.59
N ASN C 355 -22.65 1.29 -10.58
CA ASN C 355 -21.64 0.49 -9.87
C ASN C 355 -21.06 -0.69 -10.70
N ARG C 356 -21.76 -1.11 -11.75
CA ARG C 356 -21.22 -2.17 -12.62
C ARG C 356 -19.85 -1.77 -13.18
N TYR C 357 -19.68 -0.49 -13.52
CA TYR C 357 -18.42 -0.01 -14.03
C TYR C 357 -17.37 0.11 -12.95
N LEU C 358 -17.79 0.25 -11.70
CA LEU C 358 -16.86 0.25 -10.60
C LEU C 358 -16.39 -1.16 -10.24
N TRP C 359 -17.32 -2.05 -9.92
CA TRP C 359 -16.87 -3.32 -9.35
C TRP C 359 -16.31 -4.26 -10.42
N MET C 360 -16.89 -4.25 -11.61
CA MET C 360 -16.51 -5.19 -12.66
C MET C 360 -15.17 -4.82 -13.27
N SER C 361 -14.77 -3.56 -13.08
CA SER C 361 -13.51 -3.08 -13.62
C SER C 361 -12.54 -2.70 -12.53
N LEU C 362 -12.87 -3.09 -11.29
CA LEU C 362 -11.95 -3.07 -10.14
C LEU C 362 -11.42 -1.68 -9.85
N LYS C 363 -12.32 -0.72 -9.98
CA LYS C 363 -11.99 0.66 -9.73
C LYS C 363 -12.29 1.00 -8.28
N ARG C 364 -12.01 2.24 -7.93
CA ARG C 364 -11.81 2.66 -6.58
C ARG C 364 -12.17 4.15 -6.56
N ILE C 365 -13.05 4.58 -5.66
CA ILE C 365 -13.31 6.00 -5.41
C ILE C 365 -12.64 6.47 -4.09
N ILE C 366 -11.70 7.42 -4.15
CA ILE C 366 -10.96 7.85 -2.95
C ILE C 366 -11.36 9.27 -2.48
N GLY C 367 -11.88 9.38 -1.27
CA GLY C 367 -12.22 10.70 -0.70
C GLY C 367 -11.02 11.33 -0.03
N SER C 368 -10.87 12.63 -0.24
CA SER C 368 -9.76 13.37 0.33
C SER C 368 -10.27 14.76 0.74
N HIS C 369 -9.57 15.40 1.67
CA HIS C 369 -10.05 16.65 2.26
C HIS C 369 -8.78 17.32 2.77
N PHE C 370 -8.58 18.59 2.42
CA PHE C 370 -7.38 19.30 2.82
C PHE C 370 -6.09 18.44 2.74
N ALA C 371 -5.32 18.44 3.83
CA ALA C 371 -4.02 17.78 3.88
C ALA C 371 -3.49 17.77 5.30
N ASN C 372 -2.75 16.71 5.64
CA ASN C 372 -2.01 16.74 6.87
C ASN C 372 -0.77 17.60 6.69
N TYR C 373 -0.16 17.94 7.81
CA TYR C 373 0.99 18.83 7.87
C TYR C 373 2.20 18.36 7.08
N ARG C 374 2.51 17.06 7.13
CA ARG C 374 3.57 16.54 6.27
C ARG C 374 3.23 16.76 4.77
N GLU C 375 1.99 16.47 4.39
CA GLU C 375 1.52 16.73 3.01
C GLU C 375 1.55 18.22 2.64
N ALA C 376 1.12 19.08 3.55
CA ALA C 376 1.13 20.52 3.30
C ALA C 376 2.55 21.02 3.13
N TRP C 377 3.44 20.54 4.00
CA TRP C 377 4.86 20.88 3.93
C TRP C 377 5.44 20.56 2.58
N GLU C 378 5.19 19.34 2.13
CA GLU C 378 5.71 18.85 0.87
C GLU C 378 5.25 19.64 -0.35
N ALA C 379 3.97 20.05 -0.33
CA ALA C 379 3.35 20.80 -1.41
C ALA C 379 3.90 22.21 -1.43
N ASN C 380 4.01 22.80 -0.24
CA ASN C 380 4.62 24.10 -0.11
C ASN C 380 6.09 24.07 -0.48
N ARG C 381 6.76 22.97 -0.14
CA ARG C 381 8.17 22.76 -0.51
C ARG C 381 8.36 22.77 -2.03
N LEU C 382 7.40 22.19 -2.74
CA LEU C 382 7.48 22.12 -4.19
C LEU C 382 7.26 23.50 -4.78
N ILE C 383 6.57 24.36 -4.03
CA ILE C 383 6.48 25.76 -4.43
C ILE C 383 7.81 26.45 -4.18
N ALA C 384 8.47 26.11 -3.07
CA ALA C 384 9.75 26.72 -2.73
C ALA C 384 10.83 26.37 -3.75
N LYS C 385 10.71 25.21 -4.37
CA LYS C 385 11.72 24.71 -5.31
C LYS C 385 11.49 25.18 -6.75
N GLY C 386 10.40 25.92 -6.98
CA GLY C 386 10.06 26.36 -8.34
C GLY C 386 9.53 25.27 -9.25
N ARG C 387 8.94 24.23 -8.66
CA ARG C 387 8.36 23.15 -9.48
C ARG C 387 6.91 23.45 -9.76
N ILE C 388 6.27 24.08 -8.79
CA ILE C 388 4.85 24.41 -8.84
C ILE C 388 4.84 25.90 -8.61
N HIS C 389 3.90 26.60 -9.23
CA HIS C 389 3.87 28.06 -9.11
C HIS C 389 2.53 28.58 -8.62
N PRO C 390 2.56 29.69 -7.86
CA PRO C 390 1.33 30.36 -7.47
C PRO C 390 0.55 30.80 -8.68
N THR C 391 -0.77 30.83 -8.55
CA THR C 391 -1.65 31.07 -9.68
C THR C 391 -2.56 32.29 -9.50
N LEU C 392 -2.00 33.37 -8.94
CA LEU C 392 -2.69 34.65 -8.77
C LEU C 392 -3.16 35.26 -10.08
N SER C 393 -4.46 35.58 -10.13
CA SER C 393 -5.06 36.26 -11.29
C SER C 393 -5.43 37.72 -11.02
N LYS C 394 -5.58 38.06 -9.74
CA LYS C 394 -6.07 39.37 -9.30
C LYS C 394 -5.81 39.55 -7.82
N VAL C 395 -5.26 40.70 -7.46
CA VAL C 395 -4.97 41.05 -6.08
C VAL C 395 -5.80 42.27 -5.65
N TYR C 396 -6.48 42.12 -4.51
CA TYR C 396 -7.25 43.18 -3.86
C TYR C 396 -6.55 43.67 -2.62
N SER C 397 -6.91 44.86 -2.17
CA SER C 397 -6.47 45.39 -0.88
C SER C 397 -7.46 44.92 0.18
N LEU C 398 -7.02 44.88 1.43
CA LEU C 398 -7.85 44.46 2.54
C LEU C 398 -9.18 45.23 2.53
N GLU C 399 -9.10 46.52 2.19
CA GLU C 399 -10.27 47.40 2.04
C GLU C 399 -11.39 46.77 1.24
N ASP C 400 -11.00 46.02 0.21
CA ASP C 400 -11.91 45.54 -0.83
C ASP C 400 -12.13 44.02 -0.83
N THR C 401 -11.92 43.39 0.31
CA THR C 401 -12.18 41.96 0.46
C THR C 401 -13.65 41.63 0.18
N GLY C 402 -14.54 42.55 0.56
CA GLY C 402 -15.98 42.40 0.28
C GLY C 402 -16.25 42.14 -1.19
N GLN C 403 -15.64 42.97 -2.04
CA GLN C 403 -15.72 42.83 -3.48
C GLN C 403 -15.02 41.55 -3.94
N ALA C 404 -13.83 41.30 -3.37
CA ALA C 404 -13.07 40.08 -3.60
C ALA C 404 -13.89 38.81 -3.38
N ALA C 405 -14.66 38.79 -2.29
CA ALA C 405 -15.49 37.66 -1.94
C ALA C 405 -16.69 37.50 -2.87
N TYR C 406 -17.24 38.64 -3.32
CA TYR C 406 -18.30 38.65 -4.33
C TYR C 406 -17.77 38.11 -5.66
N ASP C 407 -16.59 38.58 -6.06
CA ASP C 407 -15.92 38.12 -7.27
C ASP C 407 -15.75 36.60 -7.33
N VAL C 408 -15.34 36.01 -6.22
CA VAL C 408 -15.14 34.56 -6.16
C VAL C 408 -16.50 33.89 -6.18
N HIS C 409 -17.43 34.46 -5.44
CA HIS C 409 -18.81 33.95 -5.33
C HIS C 409 -19.48 33.76 -6.71
N ARG C 410 -19.21 34.69 -7.63
CA ARG C 410 -19.70 34.63 -8.99
C ARG C 410 -18.65 34.08 -9.99
N ASN C 411 -17.65 33.37 -9.46
CA ASN C 411 -16.62 32.65 -10.26
C ASN C 411 -15.96 33.50 -11.37
N LEU C 412 -15.71 34.77 -11.08
CA LEU C 412 -15.26 35.74 -12.07
C LEU C 412 -13.81 35.57 -12.55
N HIS C 413 -12.96 35.05 -11.67
CA HIS C 413 -11.54 34.92 -11.96
C HIS C 413 -11.10 33.46 -11.94
N GLN C 414 -10.09 33.16 -12.77
CA GLN C 414 -9.41 31.87 -12.75
C GLN C 414 -8.32 31.88 -11.70
N GLY C 415 -7.78 30.70 -11.38
CA GLY C 415 -6.65 30.58 -10.47
C GLY C 415 -6.98 31.11 -9.09
N LYS C 416 -6.04 31.85 -8.48
CA LYS C 416 -6.24 32.39 -7.14
C LYS C 416 -6.52 33.90 -7.09
N VAL C 417 -7.42 34.28 -6.19
CA VAL C 417 -7.67 35.67 -5.87
C VAL C 417 -7.03 35.99 -4.52
N GLY C 418 -6.08 36.91 -4.53
CA GLY C 418 -5.31 37.24 -3.32
C GLY C 418 -5.62 38.60 -2.72
N VAL C 419 -5.25 38.77 -1.46
CA VAL C 419 -5.57 39.98 -0.71
C VAL C 419 -4.33 40.49 0.02
N LEU C 420 -3.95 41.75 -0.26
CA LEU C 420 -2.92 42.41 0.54
C LEU C 420 -3.53 42.70 1.89
N CYS C 421 -2.76 42.49 2.95
CA CYS C 421 -3.24 42.75 4.30
C CYS C 421 -2.42 43.90 4.87
N LEU C 422 -1.19 43.61 5.30
CA LEU C 422 -0.28 44.64 5.79
C LEU C 422 0.56 45.23 4.68
N ALA C 423 0.92 44.41 3.70
CA ALA C 423 1.71 44.88 2.56
C ALA C 423 1.05 46.11 1.95
N PRO C 424 1.79 47.24 1.88
CA PRO C 424 1.23 48.48 1.32
C PRO C 424 1.02 48.39 -0.20
N GLU C 425 1.93 47.69 -0.88
CA GLU C 425 1.83 47.49 -2.32
C GLU C 425 2.14 46.05 -2.72
N GLU C 426 1.78 45.69 -3.95
CA GLU C 426 2.12 44.38 -4.52
C GLU C 426 3.62 44.23 -4.74
N GLY C 427 4.08 42.99 -4.92
CA GLY C 427 5.44 42.72 -5.36
C GLY C 427 6.53 42.74 -4.30
N LEU C 428 6.14 42.89 -3.04
CA LEU C 428 7.10 42.98 -1.95
C LEU C 428 7.43 41.63 -1.34
N GLY C 429 8.59 41.58 -0.69
CA GLY C 429 8.98 40.45 0.13
C GLY C 429 9.74 39.39 -0.62
N VAL C 430 10.30 39.78 -1.76
CA VAL C 430 11.11 38.90 -2.61
C VAL C 430 12.58 38.94 -2.16
N ARG C 431 13.12 37.79 -1.76
CA ARG C 431 14.51 37.72 -1.27
C ARG C 431 15.50 37.13 -2.27
N ASP C 432 15.07 36.15 -3.04
CA ASP C 432 15.90 35.54 -4.07
C ASP C 432 15.48 36.07 -5.44
N ARG C 433 16.05 37.22 -5.82
CA ARG C 433 15.78 37.87 -7.11
C ARG C 433 16.18 37.03 -8.30
N GLU C 434 17.27 36.28 -8.16
CA GLU C 434 17.77 35.38 -9.20
C GLU C 434 16.77 34.29 -9.57
N LYS C 435 16.33 33.52 -8.57
CA LYS C 435 15.36 32.46 -8.78
C LYS C 435 14.02 33.00 -9.26
N ARG C 436 13.55 34.11 -8.69
CA ARG C 436 12.31 34.75 -9.19
C ARG C 436 12.34 35.02 -10.70
N ALA C 437 13.50 35.47 -11.20
CA ALA C 437 13.66 35.78 -12.64
C ALA C 437 13.59 34.53 -13.51
N GLN C 438 14.18 33.44 -13.01
CA GLN C 438 14.07 32.12 -13.64
C GLN C 438 12.62 31.63 -13.81
N HIS C 439 11.68 32.13 -13.00
CA HIS C 439 10.31 31.60 -13.04
C HIS C 439 9.21 32.65 -13.24
N LEU C 440 9.62 33.89 -13.52
CA LEU C 440 8.66 35.00 -13.61
C LEU C 440 7.50 34.72 -14.55
N ASP C 441 7.80 34.22 -15.74
CA ASP C 441 6.80 33.86 -16.73
C ASP C 441 5.76 32.91 -16.15
N ALA C 442 6.22 31.89 -15.42
CA ALA C 442 5.33 30.88 -14.86
C ALA C 442 4.53 31.41 -13.67
N ILE C 443 5.19 32.14 -12.77
CA ILE C 443 4.52 32.78 -11.63
C ILE C 443 3.36 33.67 -12.07
N ASN C 444 3.50 34.29 -13.24
CA ASN C 444 2.54 35.29 -13.74
C ASN C 444 1.50 34.77 -14.75
N ARG C 445 1.53 33.47 -15.04
CA ARG C 445 0.68 32.87 -16.07
C ARG C 445 -0.80 33.26 -15.96
N PHE C 446 -1.30 33.40 -14.73
CA PHE C 446 -2.72 33.70 -14.51
C PHE C 446 -3.11 35.20 -14.53
N ARG C 447 -2.10 36.02 -14.45
CA ARG C 447 -2.23 37.44 -14.41
C ARG C 447 -2.19 38.03 -15.80
N LEU D 3 0.68 15.34 53.57
CA LEU D 3 -0.19 14.41 52.78
C LEU D 3 0.68 13.41 52.01
N THR D 4 0.51 12.14 52.35
CA THR D 4 1.35 11.07 51.78
C THR D 4 0.69 10.41 50.56
N VAL D 5 1.37 9.42 49.99
CA VAL D 5 0.82 8.60 48.92
C VAL D 5 -0.30 7.68 49.43
N LYS D 6 -0.18 7.26 50.68
CA LYS D 6 -1.24 6.47 51.32
C LYS D 6 -2.52 7.30 51.34
N ASP D 7 -2.36 8.58 51.63
CA ASP D 7 -3.47 9.54 51.63
C ASP D 7 -4.02 9.75 50.22
N ILE D 8 -3.14 9.73 49.23
CA ILE D 8 -3.53 9.79 47.82
C ILE D 8 -4.32 8.53 47.42
N LEU D 9 -3.84 7.38 47.91
CA LEU D 9 -4.38 6.06 47.57
C LEU D 9 -5.80 5.88 48.13
N ASP D 10 -5.99 6.28 49.38
CA ASP D 10 -7.29 6.14 50.03
C ASP D 10 -8.37 6.97 49.34
N ALA D 11 -8.02 8.18 48.90
CA ALA D 11 -8.94 9.06 48.19
C ALA D 11 -9.41 8.42 46.88
N ILE D 12 -8.45 7.96 46.07
CA ILE D 12 -8.71 7.25 44.82
C ILE D 12 -9.83 6.21 44.96
N GLN D 13 -9.64 5.28 45.90
CA GLN D 13 -10.56 4.17 46.10
C GLN D 13 -11.93 4.58 46.70
N SER D 14 -12.19 5.88 46.74
CA SER D 14 -13.49 6.41 47.20
C SER D 14 -14.27 7.09 46.05
N PRO D 15 -15.54 6.69 45.89
CA PRO D 15 -16.42 7.14 44.81
C PRO D 15 -16.80 8.62 44.84
N ASP D 16 -16.92 9.20 46.03
CA ASP D 16 -17.30 10.61 46.18
C ASP D 16 -16.19 11.57 45.75
N SER D 17 -14.95 11.09 45.80
CA SER D 17 -13.80 11.89 45.37
C SER D 17 -13.89 12.31 43.90
N THR D 18 -14.37 13.54 43.72
CA THR D 18 -14.55 14.17 42.42
C THR D 18 -13.21 14.29 41.66
N PRO D 19 -13.25 14.40 40.32
CA PRO D 19 -12.04 14.73 39.57
C PRO D 19 -11.40 16.06 40.00
N ALA D 20 -12.21 17.11 40.14
CA ALA D 20 -11.73 18.39 40.70
C ALA D 20 -11.26 18.25 42.15
N ASP D 21 -11.71 17.20 42.84
CA ASP D 21 -11.27 16.92 44.21
C ASP D 21 -10.00 16.07 44.30
N ILE D 22 -9.88 15.05 43.45
CA ILE D 22 -8.62 14.30 43.35
C ILE D 22 -7.51 15.25 42.88
N ALA D 23 -7.90 16.25 42.08
CA ALA D 23 -7.00 17.33 41.68
C ALA D 23 -6.83 18.41 42.77
N ALA D 24 -7.72 18.42 43.76
CA ALA D 24 -7.60 19.35 44.89
C ALA D 24 -6.55 18.89 45.92
N LEU D 25 -6.27 17.59 45.93
CA LEU D 25 -5.26 17.00 46.80
C LEU D 25 -3.88 17.59 46.50
N PRO D 26 -3.24 18.20 47.52
CA PRO D 26 -1.91 18.77 47.30
C PRO D 26 -0.86 17.69 47.01
N LEU D 27 0.06 17.99 46.09
CA LEU D 27 1.13 17.05 45.76
C LEU D 27 1.94 16.78 47.02
N PRO D 28 2.19 15.49 47.32
CA PRO D 28 3.08 15.17 48.43
C PRO D 28 4.47 15.77 48.24
N GLU D 29 5.15 16.06 49.34
CA GLU D 29 6.57 16.43 49.29
C GLU D 29 7.25 15.46 48.34
N SER D 30 7.21 14.17 48.68
CA SER D 30 7.91 13.15 47.91
C SER D 30 7.07 11.91 47.56
N TYR D 31 7.63 11.07 46.71
CA TYR D 31 7.06 9.76 46.43
C TYR D 31 8.21 8.79 46.29
N ARG D 32 7.94 7.51 46.47
CA ARG D 32 8.98 6.49 46.35
C ARG D 32 9.22 6.17 44.87
N ALA D 33 10.49 5.97 44.50
CA ALA D 33 10.86 5.85 43.10
C ALA D 33 12.06 4.96 42.89
N ILE D 34 12.01 4.13 41.84
CA ILE D 34 13.14 3.29 41.46
C ILE D 34 14.10 4.13 40.61
N THR D 35 15.36 4.16 41.01
CA THR D 35 16.29 5.14 40.51
C THR D 35 17.70 4.62 40.17
N VAL D 36 18.34 5.33 39.25
CA VAL D 36 19.74 5.17 38.96
C VAL D 36 20.37 6.53 39.30
N HIS D 37 21.60 6.51 39.80
CA HIS D 37 22.27 7.74 40.26
C HIS D 37 23.41 8.08 39.34
N LYS D 38 23.50 9.36 38.98
CA LYS D 38 24.53 9.84 38.07
C LYS D 38 25.93 9.60 38.64
N ASP D 39 26.05 9.74 39.95
CA ASP D 39 27.26 9.39 40.71
C ASP D 39 27.88 8.06 40.33
N GLU D 40 27.08 7.16 39.77
CA GLU D 40 27.40 5.75 39.81
C GLU D 40 27.60 5.05 38.47
N THR D 41 27.56 5.81 37.36
CA THR D 41 27.58 5.22 36.00
C THR D 41 28.85 4.41 35.74
N GLU D 42 29.90 4.86 36.40
CA GLU D 42 31.19 4.20 36.52
C GLU D 42 31.16 2.76 37.08
N MET D 43 30.13 2.44 37.87
CA MET D 43 30.25 1.35 38.85
C MET D 43 30.54 -0.06 38.33
N PHE D 44 30.33 -0.28 37.04
CA PHE D 44 30.45 -1.61 36.43
C PHE D 44 31.58 -1.70 35.44
N ALA D 45 32.35 -0.62 35.34
CA ALA D 45 33.56 -0.61 34.51
C ALA D 45 34.43 -1.82 34.81
N GLY D 46 34.90 -2.47 33.75
CA GLY D 46 35.78 -3.64 33.90
C GLY D 46 35.08 -4.96 33.66
N LEU D 47 33.79 -5.00 33.99
CA LEU D 47 33.00 -6.24 33.98
C LEU D 47 32.44 -6.60 32.61
N GLU D 48 32.17 -7.89 32.41
CA GLU D 48 31.38 -8.37 31.27
C GLU D 48 29.92 -8.01 31.54
N THR D 49 29.18 -7.62 30.51
CA THR D 49 27.74 -7.30 30.66
C THR D 49 27.02 -8.35 31.52
N ARG D 50 27.29 -9.61 31.21
CA ARG D 50 26.75 -10.78 31.92
C ARG D 50 26.82 -10.70 33.46
N ASP D 51 27.88 -10.09 33.99
CA ASP D 51 28.16 -10.09 35.42
C ASP D 51 27.75 -8.79 36.13
N LYS D 52 27.20 -7.85 35.37
CA LYS D 52 26.72 -6.59 35.96
C LYS D 52 25.39 -6.85 36.66
N ASP D 53 25.26 -6.39 37.90
CA ASP D 53 24.13 -6.80 38.76
C ASP D 53 23.27 -5.61 39.14
N PRO D 54 22.13 -5.41 38.43
CA PRO D 54 21.26 -4.24 38.65
C PRO D 54 20.88 -4.03 40.11
N ARG D 55 20.95 -5.10 40.92
CA ARG D 55 20.65 -5.02 42.34
C ARG D 55 21.61 -4.09 43.08
N LYS D 56 22.81 -3.91 42.52
CA LYS D 56 23.82 -3.02 43.07
C LYS D 56 23.65 -1.55 42.66
N SER D 57 22.87 -1.29 41.60
CA SER D 57 22.72 0.09 41.09
C SER D 57 21.33 0.69 41.25
N ILE D 58 20.35 -0.15 41.55
CA ILE D 58 18.97 0.32 41.69
C ILE D 58 18.78 0.85 43.10
N HIS D 59 18.29 2.08 43.21
CA HIS D 59 17.95 2.66 44.50
C HIS D 59 16.47 2.89 44.58
N LEU D 60 15.91 2.77 45.78
CA LEU D 60 14.55 3.20 46.02
C LEU D 60 14.65 4.48 46.81
N ASP D 61 14.43 5.59 46.12
CA ASP D 61 14.62 6.91 46.70
C ASP D 61 13.29 7.55 46.92
N ASP D 62 13.27 8.49 47.87
CA ASP D 62 12.13 9.36 48.10
C ASP D 62 12.45 10.60 47.30
N VAL D 63 11.57 10.93 46.35
CA VAL D 63 11.90 11.92 45.34
C VAL D 63 10.78 12.98 45.23
N PRO D 64 11.11 14.21 44.80
CA PRO D 64 10.02 15.19 44.67
C PRO D 64 9.20 15.06 43.38
N VAL D 65 8.00 15.65 43.40
CA VAL D 65 7.12 15.65 42.24
C VAL D 65 7.58 16.73 41.27
N PRO D 66 7.81 16.34 40.00
CA PRO D 66 8.19 17.31 38.99
C PRO D 66 7.05 18.30 38.71
N GLU D 67 7.41 19.46 38.17
CA GLU D 67 6.44 20.46 37.71
C GLU D 67 5.63 19.89 36.54
N LEU D 68 4.34 20.22 36.51
CA LEU D 68 3.42 19.74 35.48
C LEU D 68 3.21 20.78 34.36
N GLY D 69 3.48 20.36 33.13
CA GLY D 69 3.34 21.28 31.99
C GLY D 69 2.08 21.08 31.12
N PRO D 70 1.97 21.88 30.05
CA PRO D 70 0.93 21.71 29.04
C PRO D 70 1.02 20.33 28.40
N GLY D 71 -0.13 19.75 28.10
CA GLY D 71 -0.21 18.42 27.46
C GLY D 71 0.07 17.21 28.34
N GLU D 72 0.32 17.44 29.64
CA GLU D 72 0.87 16.38 30.50
C GLU D 72 -0.07 15.94 31.59
N ALA D 73 0.21 14.78 32.19
CA ALA D 73 -0.53 14.35 33.39
C ALA D 73 0.37 13.67 34.40
N LEU D 74 -0.02 13.79 35.68
CA LEU D 74 0.60 13.06 36.77
C LEU D 74 -0.30 11.89 37.10
N VAL D 75 0.31 10.71 37.20
CA VAL D 75 -0.45 9.49 37.36
C VAL D 75 0.03 8.84 38.64
N ALA D 76 -0.92 8.42 39.46
CA ALA D 76 -0.64 7.58 40.61
C ALA D 76 -0.54 6.16 40.04
N VAL D 77 0.64 5.58 40.15
CA VAL D 77 1.00 4.37 39.42
C VAL D 77 0.75 3.18 40.33
N MET D 78 -0.25 2.35 39.99
CA MET D 78 -0.56 1.16 40.78
C MET D 78 0.39 0.02 40.46
N ALA D 79 0.83 -0.07 39.20
CA ALA D 79 1.76 -1.10 38.78
C ALA D 79 2.55 -0.73 37.52
N SER D 80 3.66 -1.43 37.30
CA SER D 80 4.48 -1.20 36.11
C SER D 80 5.06 -2.54 35.69
N SER D 81 6.08 -2.53 34.84
CA SER D 81 6.76 -3.76 34.46
C SER D 81 8.23 -3.49 34.22
N VAL D 82 9.02 -4.56 34.15
CA VAL D 82 10.44 -4.46 33.81
C VAL D 82 10.59 -4.75 32.31
N ASN D 83 11.22 -3.82 31.59
CA ASN D 83 11.50 -3.96 30.18
C ASN D 83 12.99 -4.04 30.01
N TYR D 84 13.46 -4.51 28.85
CA TYR D 84 14.89 -4.56 28.60
C TYR D 84 15.55 -3.18 28.65
N ASN D 85 14.84 -2.13 28.22
CA ASN D 85 15.42 -0.80 28.23
C ASN D 85 15.71 -0.31 29.66
N SER D 86 14.84 -0.67 30.61
CA SER D 86 15.05 -0.34 32.03
C SER D 86 16.24 -1.05 32.65
N VAL D 87 16.42 -2.32 32.26
CA VAL D 87 17.57 -3.09 32.70
C VAL D 87 18.86 -2.48 32.10
N HIS D 88 18.85 -2.23 30.80
CA HIS D 88 20.01 -1.59 30.15
C HIS D 88 20.45 -0.34 30.91
N THR D 89 19.49 0.49 31.27
CA THR D 89 19.80 1.77 31.91
C THR D 89 20.42 1.50 33.28
N SER D 90 19.87 0.51 33.97
CA SER D 90 20.26 0.14 35.32
C SER D 90 21.70 -0.35 35.37
N ILE D 91 22.17 -0.95 34.29
CA ILE D 91 23.57 -1.33 34.19
C ILE D 91 24.39 -0.35 33.36
N PHE D 92 23.79 0.79 32.99
CA PHE D 92 24.50 1.86 32.25
C PHE D 92 25.10 1.40 30.92
N GLU D 93 24.34 0.63 30.14
CA GLU D 93 24.78 0.18 28.81
C GLU D 93 23.83 0.54 27.66
N PRO D 94 24.40 0.92 26.49
CA PRO D 94 25.85 1.00 26.16
C PRO D 94 26.55 2.18 26.84
N LEU D 95 25.85 3.29 27.00
CA LEU D 95 26.25 4.36 27.92
C LEU D 95 25.07 4.64 28.82
N SER D 96 25.22 5.61 29.72
CA SER D 96 24.13 5.93 30.64
C SER D 96 23.07 6.82 30.00
N THR D 97 21.91 6.84 30.64
CA THR D 97 20.78 7.60 30.18
C THR D 97 20.94 9.09 30.44
N PHE D 98 21.88 9.44 31.34
CA PHE D 98 22.06 10.84 31.78
C PHE D 98 22.58 11.77 30.68
N GLY D 99 23.45 11.24 29.82
CA GLY D 99 23.93 12.00 28.66
C GLY D 99 22.80 12.65 27.88
N PHE D 100 21.81 11.83 27.49
CA PHE D 100 20.65 12.34 26.73
C PHE D 100 19.79 13.29 27.56
N LEU D 101 19.53 12.92 28.82
CA LEU D 101 18.73 13.75 29.72
C LEU D 101 19.28 15.17 29.77
N GLU D 102 20.59 15.28 30.01
CA GLU D 102 21.36 16.53 29.94
C GLU D 102 21.17 17.33 28.64
N ARG D 103 21.59 16.70 27.53
CA ARG D 103 21.66 17.37 26.24
C ARG D 103 20.28 17.79 25.73
N TYR D 104 19.29 16.91 25.87
CA TYR D 104 17.93 17.26 25.48
C TYR D 104 17.36 18.32 26.40
N GLY D 105 17.81 18.30 27.67
CA GLY D 105 17.41 19.32 28.64
C GLY D 105 17.67 20.74 28.16
N ARG D 106 18.64 20.88 27.26
CA ARG D 106 19.03 22.17 26.68
C ARG D 106 17.93 22.83 25.81
N VAL D 107 16.91 22.04 25.45
CA VAL D 107 15.93 22.46 24.44
C VAL D 107 14.93 23.49 24.97
N SER D 108 14.49 23.30 26.20
CA SER D 108 13.44 24.14 26.80
C SER D 108 13.51 24.07 28.31
N ASP D 109 12.85 24.99 29.01
CA ASP D 109 12.73 24.94 30.46
C ASP D 109 12.00 23.68 30.94
N LEU D 110 11.04 23.21 30.15
CA LEU D 110 10.34 21.96 30.45
C LEU D 110 11.24 20.72 30.28
N ALA D 111 12.07 20.72 29.24
CA ALA D 111 13.02 19.62 29.01
C ALA D 111 14.05 19.49 30.12
N LYS D 112 14.42 20.63 30.73
CA LYS D 112 15.43 20.68 31.77
C LYS D 112 14.98 20.00 33.07
N ARG D 113 13.67 20.00 33.35
CA ARG D 113 13.08 19.25 34.47
C ARG D 113 13.63 17.84 34.61
N HIS D 114 14.01 17.22 33.47
CA HIS D 114 14.47 15.83 33.43
C HIS D 114 15.95 15.72 33.74
N ASP D 115 16.65 16.86 33.64
CA ASP D 115 18.10 16.90 33.84
C ASP D 115 18.41 16.94 35.34
N LEU D 116 18.47 15.75 35.93
CA LEU D 116 18.55 15.54 37.38
C LEU D 116 19.66 14.55 37.74
N PRO D 117 20.16 14.60 38.98
CA PRO D 117 21.25 13.67 39.35
C PRO D 117 20.82 12.22 39.52
N TYR D 118 19.52 11.98 39.45
CA TYR D 118 18.96 10.65 39.49
C TYR D 118 18.01 10.48 38.31
N HIS D 119 17.67 9.23 38.00
CA HIS D 119 16.76 8.90 36.89
C HIS D 119 15.67 7.95 37.37
N VAL D 120 14.44 8.44 37.47
CA VAL D 120 13.31 7.58 37.77
C VAL D 120 13.01 6.74 36.52
N ILE D 121 13.19 5.44 36.65
CA ILE D 121 13.14 4.53 35.53
C ILE D 121 11.73 3.89 35.37
N GLY D 122 11.50 3.25 34.22
CA GLY D 122 10.27 2.51 33.97
C GLY D 122 9.52 3.01 32.75
N SER D 123 9.16 2.09 31.85
CA SER D 123 8.49 2.48 30.62
C SER D 123 7.12 1.83 30.37
N ASP D 124 6.50 1.32 31.41
CA ASP D 124 5.11 0.91 31.44
C ASP D 124 4.37 1.45 32.68
N LEU D 125 3.07 1.57 32.61
CA LEU D 125 2.25 1.77 33.77
C LEU D 125 0.79 1.47 33.64
N ALA D 126 0.19 1.27 34.78
CA ALA D 126 -1.21 1.23 34.96
C ALA D 126 -1.46 1.94 36.26
N GLY D 127 -2.46 2.79 36.29
CA GLY D 127 -2.70 3.63 37.45
C GLY D 127 -3.86 4.58 37.26
N VAL D 128 -3.90 5.64 38.06
CA VAL D 128 -5.02 6.57 38.10
C VAL D 128 -4.50 7.98 37.87
N VAL D 129 -5.14 8.72 36.97
CA VAL D 129 -4.73 10.10 36.68
C VAL D 129 -4.90 10.95 37.96
N LEU D 130 -3.86 11.69 38.31
CA LEU D 130 -3.83 12.48 39.54
C LEU D 130 -4.18 13.95 39.22
N ARG D 131 -3.51 14.48 38.20
CA ARG D 131 -3.70 15.87 37.78
C ARG D 131 -3.40 15.99 36.29
N THR D 132 -4.11 16.87 35.60
CA THR D 132 -3.87 17.13 34.20
C THR D 132 -3.39 18.57 34.05
N GLY D 133 -2.44 18.78 33.15
CA GLY D 133 -1.91 20.12 32.90
C GLY D 133 -2.75 20.93 31.91
N PRO D 134 -2.29 22.15 31.57
CA PRO D 134 -2.98 23.07 30.64
C PRO D 134 -3.28 22.43 29.29
N GLY D 135 -4.54 22.53 28.85
CA GLY D 135 -4.95 22.04 27.52
C GLY D 135 -5.18 20.55 27.39
N VAL D 136 -5.31 19.85 28.51
CA VAL D 136 -5.68 18.42 28.51
C VAL D 136 -7.19 18.30 28.70
N ASN D 137 -7.88 17.75 27.71
CA ASN D 137 -9.33 17.70 27.71
C ASN D 137 -9.89 16.29 27.71
N ALA D 138 -9.14 15.34 27.15
CA ALA D 138 -9.61 13.98 26.95
C ALA D 138 -9.42 13.10 28.20
N TRP D 139 -8.67 13.59 29.16
CA TRP D 139 -8.39 12.86 30.38
C TRP D 139 -8.56 13.78 31.59
N GLN D 140 -8.96 13.18 32.70
CA GLN D 140 -9.17 13.94 33.95
C GLN D 140 -8.85 13.07 35.15
N ALA D 141 -8.59 13.73 36.29
CA ALA D 141 -8.25 13.02 37.53
C ALA D 141 -9.27 11.93 37.85
N GLY D 142 -8.78 10.79 38.31
CA GLY D 142 -9.63 9.64 38.58
C GLY D 142 -9.75 8.63 37.44
N ASP D 143 -9.30 9.00 36.24
CA ASP D 143 -9.41 8.05 35.12
C ASP D 143 -8.43 6.88 35.29
N GLU D 144 -8.92 5.66 35.00
CA GLU D 144 -8.10 4.45 35.11
C GLU D 144 -7.47 4.11 33.76
N VAL D 145 -6.14 4.25 33.73
CA VAL D 145 -5.37 4.35 32.50
C VAL D 145 -4.20 3.36 32.47
N VAL D 146 -3.72 3.04 31.27
CA VAL D 146 -2.39 2.47 31.07
C VAL D 146 -1.68 3.46 30.15
N ALA D 147 -0.35 3.38 30.04
CA ALA D 147 0.35 4.30 29.17
C ALA D 147 1.14 3.58 28.08
N HIS D 148 1.15 4.12 26.88
CA HIS D 148 2.23 3.72 25.98
C HIS D 148 3.43 4.63 26.25
N CYS D 149 4.60 4.25 25.75
CA CYS D 149 5.86 4.91 26.13
C CYS D 149 6.38 5.89 25.08
N LEU D 150 5.58 6.20 24.07
CA LEU D 150 6.09 7.10 23.03
C LEU D 150 5.82 8.55 23.41
N SER D 151 6.89 9.33 23.49
CA SER D 151 6.79 10.77 23.73
C SER D 151 7.17 11.49 22.44
N VAL D 152 6.20 12.14 21.80
CA VAL D 152 6.45 12.90 20.56
C VAL D 152 5.98 14.34 20.66
N GLU D 153 6.76 15.26 20.10
CA GLU D 153 6.45 16.68 20.20
C GLU D 153 5.51 17.16 19.10
N LEU D 154 5.67 16.61 17.90
CA LEU D 154 4.80 16.91 16.74
C LEU D 154 4.86 18.36 16.23
N GLU D 155 5.98 19.03 16.48
CA GLU D 155 6.17 20.39 15.99
C GLU D 155 6.71 20.32 14.56
N SER D 156 7.56 19.32 14.30
CA SER D 156 7.98 19.01 12.92
C SER D 156 6.77 18.44 12.19
N SER D 157 6.74 18.64 10.87
CA SER D 157 5.73 18.04 10.01
C SER D 157 5.98 16.54 9.78
N ASP D 158 7.19 16.07 10.06
CA ASP D 158 7.58 14.70 9.72
C ASP D 158 6.62 13.65 10.26
N GLY D 159 6.11 13.83 11.48
CA GLY D 159 5.29 12.81 12.11
C GLY D 159 3.80 12.90 11.88
N HIS D 160 3.34 13.81 11.00
CA HIS D 160 1.89 14.05 10.81
C HIS D 160 1.21 13.13 9.76
N ASN D 161 1.94 12.11 9.31
CA ASN D 161 1.38 10.98 8.54
C ASN D 161 1.81 9.62 9.12
N ASP D 162 2.14 9.59 10.42
CA ASP D 162 2.71 8.43 11.15
C ASP D 162 3.71 9.04 12.11
N THR D 163 3.34 8.94 13.38
CA THR D 163 3.97 9.64 14.45
C THR D 163 5.36 9.08 14.82
N MET D 164 5.62 7.81 14.49
CA MET D 164 6.95 7.27 14.72
C MET D 164 8.02 7.98 13.89
N LEU D 165 7.60 8.85 12.97
CA LEU D 165 8.54 9.56 12.11
C LEU D 165 8.96 10.94 12.63
N ASP D 166 8.42 11.34 13.78
CA ASP D 166 8.80 12.59 14.43
C ASP D 166 10.27 12.53 14.84
N PRO D 167 11.08 13.52 14.39
CA PRO D 167 12.51 13.53 14.73
C PRO D 167 12.77 13.84 16.21
N GLU D 168 11.81 14.47 16.89
CA GLU D 168 11.99 14.86 18.28
C GLU D 168 11.27 13.87 19.17
N GLN D 169 11.59 12.59 19.01
CA GLN D 169 10.96 11.61 19.84
C GLN D 169 11.84 11.20 21.01
N ARG D 170 11.20 10.77 22.08
CA ARG D 170 11.86 10.28 23.26
C ARG D 170 11.07 9.08 23.74
N ILE D 171 11.75 8.11 24.31
CA ILE D 171 11.06 7.00 24.93
C ILE D 171 10.84 7.29 26.41
N TRP D 172 9.57 7.42 26.80
CA TRP D 172 9.20 7.70 28.19
C TRP D 172 9.85 6.73 29.19
N GLY D 173 10.50 7.30 30.21
CA GLY D 173 11.22 6.51 31.24
C GLY D 173 12.62 6.04 30.92
N PHE D 174 13.05 6.24 29.67
CA PHE D 174 14.40 5.83 29.24
C PHE D 174 15.16 7.06 28.75
N GLU D 175 14.51 7.82 27.87
CA GLU D 175 15.01 9.13 27.41
C GLU D 175 14.23 10.28 28.07
N THR D 176 13.30 9.95 28.97
CA THR D 176 12.71 10.97 29.84
C THR D 176 12.95 10.55 31.28
N ASN D 177 12.83 11.47 32.23
CA ASN D 177 12.84 11.11 33.62
C ASN D 177 11.41 10.76 34.03
N PHE D 178 11.21 10.45 35.30
CA PHE D 178 9.86 10.21 35.87
C PHE D 178 9.10 9.00 35.31
N GLY D 179 9.82 7.88 35.19
CA GLY D 179 9.27 6.64 34.65
C GLY D 179 8.24 5.97 35.54
N GLY D 180 7.75 4.84 35.08
CA GLY D 180 6.65 4.15 35.76
C GLY D 180 7.00 3.24 36.91
N LEU D 181 8.29 2.92 37.13
CA LEU D 181 8.69 2.12 38.31
C LEU D 181 8.83 3.02 39.57
N ALA D 182 7.68 3.45 40.08
CA ALA D 182 7.59 4.51 41.10
C ALA D 182 6.13 4.73 41.45
N GLU D 183 5.90 5.49 42.52
CA GLU D 183 4.53 5.74 42.99
C GLU D 183 3.75 6.76 42.15
N ILE D 184 4.45 7.69 41.52
CA ILE D 184 3.85 8.75 40.70
C ILE D 184 4.66 8.77 39.41
N ALA D 185 4.04 9.08 38.27
CA ALA D 185 4.80 9.33 37.06
C ALA D 185 4.26 10.51 36.28
N LEU D 186 5.11 11.05 35.43
CA LEU D 186 4.73 12.12 34.53
C LEU D 186 4.78 11.60 33.09
N VAL D 187 3.65 11.72 32.37
CA VAL D 187 3.53 11.34 30.97
C VAL D 187 2.76 12.44 30.18
N LYS D 188 2.93 12.47 28.87
CA LYS D 188 2.03 13.23 28.04
C LYS D 188 0.66 12.57 28.10
N SER D 189 -0.39 13.38 27.92
CA SER D 189 -1.74 12.86 27.95
C SER D 189 -1.98 12.02 26.70
N ASN D 190 -1.21 12.26 25.64
CA ASN D 190 -1.29 11.41 24.44
C ASN D 190 -0.47 10.10 24.53
N GLN D 191 -0.17 9.69 25.77
CA GLN D 191 0.35 8.36 26.09
C GLN D 191 -0.74 7.55 26.78
N LEU D 192 -1.81 8.23 27.20
CA LEU D 192 -2.79 7.58 28.06
C LEU D 192 -3.80 6.78 27.26
N MET D 193 -4.10 5.58 27.73
CA MET D 193 -5.15 4.77 27.11
C MET D 193 -5.99 4.18 28.25
N PRO D 194 -7.24 3.77 28.01
CA PRO D 194 -8.02 3.27 29.15
C PRO D 194 -7.58 1.85 29.57
N LYS D 195 -7.53 1.62 30.87
CA LYS D 195 -7.21 0.30 31.39
C LYS D 195 -8.28 -0.73 31.01
N PRO D 196 -7.86 -1.92 30.54
CA PRO D 196 -8.81 -3.01 30.36
C PRO D 196 -9.47 -3.37 31.69
N ASP D 197 -10.80 -3.39 31.70
CA ASP D 197 -11.58 -3.62 32.91
C ASP D 197 -11.30 -4.98 33.55
N HIS D 198 -11.13 -6.02 32.74
CA HIS D 198 -11.07 -7.38 33.28
C HIS D 198 -9.74 -7.77 33.89
N LEU D 199 -8.75 -6.89 33.84
CA LEU D 199 -7.41 -7.21 34.31
C LEU D 199 -7.08 -6.46 35.57
N SER D 200 -6.19 -7.04 36.37
CA SER D 200 -5.64 -6.38 37.53
C SER D 200 -4.64 -5.32 37.08
N TRP D 201 -4.23 -4.43 37.99
CA TRP D 201 -3.28 -3.37 37.68
C TRP D 201 -2.00 -3.91 37.05
N GLU D 202 -1.36 -4.88 37.70
CA GLU D 202 -0.13 -5.44 37.19
C GLU D 202 -0.31 -6.17 35.85
N GLU D 203 -1.44 -6.86 35.67
CA GLU D 203 -1.76 -7.47 34.38
C GLU D 203 -1.94 -6.40 33.29
N ALA D 204 -2.63 -5.32 33.62
CA ALA D 204 -2.86 -4.26 32.66
C ALA D 204 -1.60 -3.48 32.28
N ALA D 205 -0.61 -3.43 33.19
CA ALA D 205 0.68 -2.76 32.94
C ALA D 205 1.59 -3.60 32.06
N ALA D 206 1.43 -4.92 32.17
CA ALA D 206 2.34 -5.87 31.54
C ALA D 206 2.58 -5.75 30.01
N PRO D 207 1.50 -5.57 29.19
CA PRO D 207 1.71 -5.58 27.71
C PRO D 207 2.34 -4.34 27.06
N GLY D 208 1.97 -3.14 27.53
CA GLY D 208 2.25 -1.87 26.85
C GLY D 208 3.37 -1.85 25.82
N LEU D 209 4.60 -1.67 26.29
CA LEU D 209 5.75 -1.48 25.40
C LEU D 209 5.82 -2.59 24.34
N VAL D 210 5.87 -3.82 24.80
CA VAL D 210 6.14 -4.97 23.95
C VAL D 210 4.95 -5.41 23.09
N ASN D 211 3.74 -5.30 23.62
CA ASN D 211 2.52 -5.64 22.89
C ASN D 211 2.30 -4.68 21.73
N SER D 212 2.52 -3.40 21.98
CA SER D 212 2.30 -2.36 20.97
C SER D 212 3.39 -2.45 19.91
N THR D 213 4.60 -2.75 20.36
CA THR D 213 5.70 -3.06 19.46
C THR D 213 5.34 -4.22 18.53
N ALA D 214 4.92 -5.34 19.12
CA ALA D 214 4.51 -6.49 18.31
C ALA D 214 3.37 -6.12 17.35
N TYR D 215 2.44 -5.27 17.78
CA TYR D 215 1.29 -4.89 16.94
C TYR D 215 1.75 -4.19 15.67
N ARG D 216 2.58 -3.16 15.84
CA ARG D 216 3.06 -2.40 14.73
C ARG D 216 3.87 -3.27 13.74
N GLN D 217 4.71 -4.16 14.28
CA GLN D 217 5.67 -4.91 13.48
C GLN D 217 4.93 -5.92 12.62
N LEU D 218 3.93 -6.57 13.22
CA LEU D 218 3.26 -7.70 12.61
C LEU D 218 1.89 -7.40 12.03
N VAL D 219 1.08 -6.61 12.73
CA VAL D 219 -0.35 -6.45 12.38
C VAL D 219 -0.62 -5.20 11.54
N SER D 220 0.02 -4.10 11.90
CA SER D 220 -0.11 -2.81 11.22
C SER D 220 0.39 -2.79 9.77
N ARG D 221 -0.23 -1.94 8.95
CA ARG D 221 0.26 -1.72 7.59
C ARG D 221 1.62 -0.98 7.52
N ASN D 222 2.04 -0.35 8.63
CA ASN D 222 3.39 0.25 8.78
C ASN D 222 4.47 -0.80 9.04
N GLY D 223 4.03 -2.02 9.38
CA GLY D 223 4.90 -3.18 9.58
C GLY D 223 4.65 -4.21 8.49
N ALA D 224 4.50 -5.47 8.88
CA ALA D 224 4.24 -6.56 7.92
C ALA D 224 2.82 -6.67 7.38
N GLY D 225 1.85 -6.09 8.10
CA GLY D 225 0.46 -6.12 7.64
C GLY D 225 -0.05 -7.51 7.33
N MET D 226 0.05 -8.35 8.35
CA MET D 226 -0.39 -9.73 8.38
C MET D 226 -1.82 -9.93 7.86
N LYS D 227 -2.01 -11.06 7.15
CA LYS D 227 -3.25 -11.58 6.57
C LYS D 227 -3.60 -12.86 7.32
N GLN D 228 -4.86 -13.22 7.53
CA GLN D 228 -5.11 -14.59 7.99
C GLN D 228 -4.55 -15.60 6.97
N GLY D 229 -4.00 -16.71 7.48
CA GLY D 229 -3.37 -17.73 6.65
C GLY D 229 -1.85 -17.64 6.50
N ASP D 230 -1.25 -16.49 6.81
CA ASP D 230 0.20 -16.29 6.67
C ASP D 230 1.02 -17.20 7.57
N ASN D 231 2.10 -17.73 7.03
CA ASN D 231 3.06 -18.45 7.85
C ASN D 231 4.00 -17.43 8.45
N VAL D 232 3.96 -17.32 9.78
CA VAL D 232 4.71 -16.31 10.48
C VAL D 232 5.77 -16.99 11.35
N LEU D 233 7.04 -16.72 11.05
CA LEU D 233 8.15 -17.26 11.81
C LEU D 233 8.42 -16.32 12.96
N ILE D 234 8.32 -16.83 14.18
CA ILE D 234 8.46 -15.99 15.37
C ILE D 234 9.66 -16.47 16.20
N TRP D 235 10.73 -15.69 16.14
CA TRP D 235 11.88 -15.91 17.00
C TRP D 235 11.50 -15.57 18.45
N GLY D 236 12.13 -16.28 19.40
CA GLY D 236 11.87 -16.10 20.81
C GLY D 236 10.38 -15.99 21.12
N ALA D 237 9.61 -17.00 20.70
CA ALA D 237 8.14 -16.92 20.72
C ALA D 237 7.47 -16.89 22.11
N SER D 238 8.06 -17.52 23.13
CA SER D 238 7.62 -17.38 24.52
C SER D 238 8.29 -16.20 25.28
N GLY D 239 9.17 -15.46 24.62
CA GLY D 239 9.83 -14.30 25.24
C GLY D 239 8.78 -13.23 25.49
N GLY D 240 9.18 -12.10 26.05
CA GLY D 240 8.25 -11.00 26.27
C GLY D 240 7.59 -10.52 24.99
N LEU D 241 8.40 -10.15 24.01
CA LEU D 241 7.88 -9.66 22.72
C LEU D 241 7.21 -10.76 21.91
N GLY D 242 7.84 -11.93 21.90
CA GLY D 242 7.38 -13.06 21.10
C GLY D 242 6.07 -13.59 21.61
N SER D 243 5.83 -13.37 22.90
CA SER D 243 4.64 -13.89 23.56
C SER D 243 3.40 -13.09 23.16
N TYR D 244 3.59 -11.89 22.65
CA TYR D 244 2.48 -11.11 22.12
C TYR D 244 2.36 -11.29 20.61
N ALA D 245 3.49 -11.37 19.92
CA ALA D 245 3.50 -11.65 18.48
C ALA D 245 2.79 -12.96 18.16
N THR D 246 3.01 -14.00 19.00
CA THR D 246 2.38 -15.33 18.81
C THR D 246 0.86 -15.25 18.94
N GLN D 247 0.43 -14.47 19.91
CA GLN D 247 -0.99 -14.25 20.14
C GLN D 247 -1.64 -13.48 18.97
N PHE D 248 -0.94 -12.48 18.45
CA PHE D 248 -1.47 -11.73 17.29
C PHE D 248 -1.60 -12.60 16.04
N ALA D 249 -0.61 -13.46 15.79
CA ALA D 249 -0.65 -14.41 14.67
C ALA D 249 -1.88 -15.31 14.76
N LEU D 250 -2.11 -15.87 15.94
CA LEU D 250 -3.20 -16.78 16.20
C LEU D 250 -4.56 -16.08 16.23
N ALA D 251 -4.67 -15.00 16.99
CA ALA D 251 -5.91 -14.21 17.03
C ALA D 251 -6.25 -13.72 15.62
N GLY D 252 -5.23 -13.42 14.83
CA GLY D 252 -5.42 -12.91 13.46
C GLY D 252 -5.63 -14.00 12.41
N GLY D 253 -5.69 -15.25 12.89
CA GLY D 253 -6.00 -16.41 12.06
C GLY D 253 -4.86 -16.82 11.14
N ALA D 254 -3.64 -16.45 11.52
CA ALA D 254 -2.44 -16.83 10.79
C ALA D 254 -1.82 -18.09 11.42
N ASN D 255 -0.66 -18.55 10.92
CA ASN D 255 -0.02 -19.80 11.39
C ASN D 255 1.38 -19.55 11.90
N PRO D 256 1.51 -19.32 13.21
CA PRO D 256 2.82 -19.02 13.73
C PRO D 256 3.68 -20.26 13.65
N ILE D 257 4.94 -20.06 13.25
CA ILE D 257 5.98 -21.08 13.40
C ILE D 257 6.86 -20.53 14.51
N CYS D 258 6.71 -21.09 15.71
CA CYS D 258 7.33 -20.50 16.88
C CYS D 258 8.74 -21.05 17.08
N VAL D 259 9.72 -20.17 17.24
CA VAL D 259 11.06 -20.66 17.56
C VAL D 259 11.30 -20.44 19.02
N VAL D 260 11.72 -21.51 19.69
CA VAL D 260 12.01 -21.46 21.10
C VAL D 260 13.36 -22.10 21.31
N SER D 261 13.93 -21.88 22.47
CA SER D 261 15.24 -22.46 22.76
C SER D 261 15.19 -23.46 23.92
N SER D 262 13.99 -23.91 24.33
CA SER D 262 13.87 -24.99 25.31
C SER D 262 12.50 -25.67 25.25
N PRO D 263 12.41 -26.91 25.74
CA PRO D 263 11.12 -27.62 25.88
C PRO D 263 10.09 -26.92 26.76
N GLN D 264 10.50 -26.26 27.85
CA GLN D 264 9.54 -25.49 28.66
C GLN D 264 8.93 -24.33 27.85
N LYS D 265 9.77 -23.69 27.05
CA LYS D 265 9.30 -22.62 26.18
C LYS D 265 8.35 -23.17 25.11
N ALA D 266 8.67 -24.34 24.54
CA ALA D 266 7.75 -25.04 23.63
C ALA D 266 6.36 -25.24 24.25
N GLU D 267 6.32 -25.72 25.50
CA GLU D 267 5.03 -26.02 26.16
C GLU D 267 4.15 -24.79 26.34
N ILE D 268 4.79 -23.65 26.60
CA ILE D 268 4.13 -22.36 26.69
C ILE D 268 3.55 -21.95 25.33
N CYS D 269 4.26 -22.27 24.25
CA CYS D 269 3.73 -21.99 22.91
C CYS D 269 2.53 -22.87 22.60
N ARG D 270 2.58 -24.12 23.05
CA ARG D 270 1.43 -25.02 22.89
C ARG D 270 0.24 -24.55 23.72
N ALA D 271 0.52 -23.97 24.89
CA ALA D 271 -0.54 -23.39 25.73
C ALA D 271 -1.24 -22.18 25.08
N MET D 272 -0.48 -21.35 24.35
CA MET D 272 -1.04 -20.21 23.60
C MET D 272 -1.90 -20.66 22.42
N GLY D 273 -1.68 -21.87 21.92
CA GLY D 273 -2.42 -22.42 20.79
C GLY D 273 -1.57 -22.72 19.56
N ALA D 274 -0.25 -22.49 19.65
CA ALA D 274 0.62 -22.80 18.53
C ALA D 274 0.85 -24.32 18.43
N GLU D 275 0.95 -24.82 17.21
CA GLU D 275 1.21 -26.24 16.96
C GLU D 275 2.56 -26.50 16.24
N ALA D 276 2.95 -25.61 15.32
CA ALA D 276 4.25 -25.71 14.65
C ALA D 276 5.35 -25.05 15.49
N ILE D 277 6.20 -25.88 16.11
CA ILE D 277 7.23 -25.40 17.04
C ILE D 277 8.60 -25.93 16.63
N ILE D 278 9.61 -25.06 16.62
CA ILE D 278 10.99 -25.48 16.40
C ILE D 278 11.79 -25.06 17.62
N ASP D 279 12.38 -26.05 18.29
CA ASP D 279 13.35 -25.76 19.34
C ASP D 279 14.74 -25.72 18.68
N ARG D 280 15.20 -24.50 18.38
CA ARG D 280 16.45 -24.26 17.67
C ARG D 280 17.66 -24.79 18.41
N ASN D 281 17.51 -24.91 19.73
CA ASN D 281 18.55 -25.44 20.60
C ASN D 281 18.60 -26.95 20.51
N ALA D 282 17.48 -27.62 20.75
CA ALA D 282 17.44 -29.07 20.58
C ALA D 282 17.88 -29.47 19.16
N GLU D 283 17.53 -28.67 18.15
CA GLU D 283 17.96 -28.98 16.78
C GLU D 283 19.42 -28.65 16.55
N GLY D 284 19.98 -27.76 17.40
CA GLY D 284 21.36 -27.37 17.30
C GLY D 284 21.74 -26.58 16.07
N TYR D 285 20.88 -25.64 15.67
CA TYR D 285 21.22 -24.73 14.56
C TYR D 285 22.45 -23.89 14.90
N ARG D 286 23.45 -23.95 14.01
CA ARG D 286 24.63 -23.13 14.15
C ARG D 286 24.81 -22.34 12.87
N PHE D 287 24.04 -21.25 12.79
CA PHE D 287 24.01 -20.39 11.61
C PHE D 287 25.32 -19.69 11.30
N TRP D 288 26.17 -19.55 12.31
CA TRP D 288 27.51 -19.01 12.12
C TRP D 288 28.55 -20.08 12.44
N LYS D 289 29.36 -20.41 11.43
CA LYS D 289 30.45 -21.38 11.54
C LYS D 289 31.48 -20.85 12.55
N ASP D 290 31.75 -19.55 12.45
CA ASP D 290 32.61 -18.83 13.41
C ASP D 290 32.21 -17.34 13.44
N GLU D 291 32.99 -16.50 14.13
CA GLU D 291 32.68 -15.06 14.27
C GLU D 291 32.47 -14.30 12.96
N ASN D 292 33.10 -14.75 11.88
CA ASN D 292 33.03 -14.05 10.59
C ASN D 292 32.44 -14.83 9.41
N THR D 293 32.03 -16.08 9.63
CA THR D 293 31.59 -16.96 8.55
C THR D 293 30.23 -17.65 8.82
N GLN D 294 29.28 -17.44 7.93
CA GLN D 294 27.95 -18.03 8.06
C GLN D 294 27.87 -19.42 7.43
N ASP D 295 26.91 -20.21 7.86
CA ASP D 295 26.74 -21.56 7.31
C ASP D 295 25.43 -21.75 6.55
N PRO D 296 25.47 -21.56 5.21
CA PRO D 296 24.22 -21.66 4.43
C PRO D 296 23.60 -23.06 4.49
N LYS D 297 24.42 -24.06 4.78
CA LYS D 297 23.92 -25.43 4.94
C LYS D 297 22.95 -25.46 6.13
N GLU D 298 23.24 -24.62 7.12
CA GLU D 298 22.42 -24.58 8.34
C GLU D 298 21.15 -23.81 8.08
N TRP D 299 21.27 -22.72 7.33
CA TRP D 299 20.10 -22.06 6.75
C TRP D 299 19.15 -23.08 6.11
N LYS D 300 19.71 -23.91 5.23
CA LYS D 300 18.94 -24.85 4.43
C LYS D 300 18.29 -25.89 5.33
N ARG D 301 19.02 -26.30 6.36
CA ARG D 301 18.52 -27.37 7.23
C ARG D 301 17.33 -26.87 8.01
N PHE D 302 17.43 -25.61 8.43
CA PHE D 302 16.38 -24.91 9.14
C PHE D 302 15.16 -24.72 8.22
N GLY D 303 15.42 -24.43 6.95
CA GLY D 303 14.36 -24.25 5.98
C GLY D 303 13.61 -25.55 5.74
N LYS D 304 14.34 -26.67 5.70
CA LYS D 304 13.74 -27.99 5.53
C LYS D 304 12.80 -28.35 6.69
N ARG D 305 13.20 -27.97 7.89
CA ARG D 305 12.41 -28.22 9.07
C ARG D 305 11.13 -27.38 9.02
N ILE D 306 11.25 -26.13 8.59
CA ILE D 306 10.07 -25.27 8.44
C ILE D 306 9.06 -25.90 7.47
N ARG D 307 9.56 -26.37 6.33
CA ARG D 307 8.74 -26.99 5.30
C ARG D 307 8.12 -28.32 5.74
N GLU D 308 8.76 -29.02 6.66
CA GLU D 308 8.15 -30.22 7.26
C GLU D 308 6.93 -29.86 8.10
N LEU D 309 6.99 -28.71 8.76
CA LEU D 309 5.90 -28.26 9.62
C LEU D 309 4.71 -27.64 8.89
N THR D 310 4.98 -26.98 7.77
CA THR D 310 3.94 -26.24 7.04
C THR D 310 3.39 -27.05 5.86
N GLY D 311 3.97 -28.22 5.62
CA GLY D 311 3.61 -29.05 4.48
C GLY D 311 4.21 -28.52 3.19
N GLY D 312 5.46 -28.08 3.26
CA GLY D 312 6.13 -27.62 2.06
C GLY D 312 6.01 -26.14 1.73
N GLU D 313 5.57 -25.32 2.69
CA GLU D 313 5.42 -23.89 2.44
C GLU D 313 6.54 -23.09 3.10
N ASP D 314 6.94 -21.99 2.46
CA ASP D 314 7.93 -21.07 3.04
C ASP D 314 7.24 -20.00 3.90
N ILE D 315 8.03 -19.14 4.53
CA ILE D 315 7.52 -18.15 5.49
C ILE D 315 7.07 -16.85 4.82
N ASP D 316 5.84 -16.44 5.08
CA ASP D 316 5.34 -15.17 4.56
C ASP D 316 5.94 -13.94 5.25
N ILE D 317 6.08 -14.02 6.56
CA ILE D 317 6.57 -12.92 7.40
C ILE D 317 7.48 -13.51 8.48
N VAL D 318 8.74 -13.06 8.52
CA VAL D 318 9.61 -13.35 9.65
C VAL D 318 9.53 -12.19 10.65
N PHE D 319 9.26 -12.53 11.91
CA PHE D 319 9.21 -11.57 13.00
C PHE D 319 10.60 -11.60 13.67
N GLU D 320 11.50 -10.73 13.18
CA GLU D 320 12.91 -10.70 13.60
C GLU D 320 13.14 -9.78 14.80
N HIS D 321 14.20 -10.06 15.55
CA HIS D 321 14.68 -9.26 16.71
C HIS D 321 16.00 -9.80 17.29
N PRO D 322 16.33 -11.09 17.07
CA PRO D 322 17.67 -11.51 17.55
C PRO D 322 18.83 -10.92 16.72
N GLY D 323 18.59 -10.58 15.47
CA GLY D 323 19.58 -9.82 14.72
C GLY D 323 20.61 -10.70 14.07
N ARG D 324 21.89 -10.40 14.31
CA ARG D 324 23.01 -11.00 13.57
C ARG D 324 23.02 -12.53 13.54
N GLU D 325 22.79 -13.16 14.69
CA GLU D 325 22.85 -14.62 14.74
C GLU D 325 21.87 -15.28 13.75
N THR D 326 20.70 -14.67 13.60
CA THR D 326 19.59 -15.29 12.87
C THR D 326 19.20 -14.63 11.52
N PHE D 327 19.67 -13.42 11.27
CA PHE D 327 19.16 -12.62 10.15
C PHE D 327 19.38 -13.26 8.79
N GLY D 328 20.55 -13.88 8.61
CA GLY D 328 20.89 -14.61 7.41
C GLY D 328 19.90 -15.75 7.15
N ALA D 329 19.48 -16.43 8.22
CA ALA D 329 18.56 -17.56 8.12
C ALA D 329 17.16 -17.03 7.87
N SER D 330 16.83 -15.91 8.52
CA SER D 330 15.53 -15.27 8.36
C SER D 330 15.32 -14.88 6.91
N VAL D 331 16.35 -14.31 6.32
CA VAL D 331 16.25 -13.88 4.92
C VAL D 331 16.13 -15.10 4.01
N PHE D 332 16.93 -16.13 4.29
CA PHE D 332 16.93 -17.31 3.46
C PHE D 332 15.57 -18.02 3.42
N VAL D 333 14.94 -18.18 4.57
CA VAL D 333 13.72 -19.00 4.63
C VAL D 333 12.44 -18.24 4.23
N THR D 334 12.52 -16.94 4.01
CA THR D 334 11.36 -16.18 3.58
C THR D 334 10.92 -16.56 2.18
N ARG D 335 9.62 -16.64 1.99
CA ARG D 335 9.00 -16.90 0.70
C ARG D 335 9.39 -15.83 -0.30
N LYS D 336 9.43 -16.21 -1.57
CA LYS D 336 9.43 -15.23 -2.65
C LYS D 336 8.33 -14.21 -2.39
N GLY D 337 8.70 -12.94 -2.41
CA GLY D 337 7.77 -11.80 -2.22
C GLY D 337 7.45 -11.52 -0.76
N GLY D 338 8.16 -12.22 0.14
CA GLY D 338 7.86 -12.14 1.56
C GLY D 338 8.56 -11.01 2.30
N THR D 339 8.26 -10.91 3.60
CA THR D 339 8.71 -9.82 4.43
C THR D 339 9.52 -10.31 5.62
N ILE D 340 10.63 -9.64 5.89
CA ILE D 340 11.31 -9.78 7.16
C ILE D 340 11.07 -8.49 7.96
N THR D 341 10.46 -8.58 9.10
CA THR D 341 10.19 -7.36 9.85
C THR D 341 11.10 -7.35 11.08
N THR D 342 11.75 -6.21 11.37
CA THR D 342 12.77 -6.17 12.44
C THR D 342 12.60 -4.98 13.38
N CYS D 343 12.64 -5.25 14.68
CA CYS D 343 12.51 -4.19 15.67
C CYS D 343 13.68 -4.13 16.66
N ALA D 344 14.64 -5.03 16.50
CA ALA D 344 15.77 -5.13 17.44
C ALA D 344 16.87 -6.01 16.87
N SER D 345 17.99 -6.07 17.58
CA SER D 345 19.11 -6.90 17.18
C SER D 345 19.86 -7.41 18.43
N THR D 346 19.16 -8.18 19.25
CA THR D 346 19.66 -8.52 20.59
C THR D 346 20.99 -9.29 20.59
N SER D 347 21.18 -10.14 19.58
CA SER D 347 22.41 -10.90 19.40
C SER D 347 23.55 -10.08 18.76
N GLY D 348 23.23 -8.86 18.29
CA GLY D 348 24.23 -8.00 17.59
C GLY D 348 23.62 -7.26 16.40
N TYR D 349 23.92 -5.97 16.29
CA TYR D 349 23.29 -5.11 15.29
C TYR D 349 23.97 -5.10 13.91
N MET D 350 25.15 -5.69 13.80
CA MET D 350 25.75 -5.79 12.47
C MET D 350 25.21 -7.01 11.73
N HIS D 351 24.21 -6.77 10.88
CA HIS D 351 23.58 -7.83 10.12
C HIS D 351 24.36 -8.19 8.86
N GLU D 352 24.51 -9.48 8.62
CA GLU D 352 25.06 -9.94 7.35
C GLU D 352 24.07 -10.92 6.75
N TYR D 353 23.78 -10.73 5.48
CA TYR D 353 22.81 -11.59 4.79
C TYR D 353 23.19 -11.66 3.32
N ASP D 354 22.68 -12.68 2.64
CA ASP D 354 22.98 -12.87 1.22
C ASP D 354 21.92 -12.10 0.40
N ASN D 355 22.35 -11.02 -0.23
CA ASN D 355 21.41 -10.17 -0.99
C ASN D 355 20.79 -10.87 -2.17
N ARG D 356 21.48 -11.89 -2.70
CA ARG D 356 20.91 -12.75 -3.74
C ARG D 356 19.53 -13.29 -3.36
N TYR D 357 19.35 -13.68 -2.11
CA TYR D 357 18.05 -14.26 -1.70
C TYR D 357 17.00 -13.17 -1.58
N LEU D 358 17.43 -11.92 -1.52
CA LEU D 358 16.49 -10.84 -1.28
C LEU D 358 16.00 -10.18 -2.57
N TRP D 359 16.93 -9.84 -3.46
CA TRP D 359 16.54 -9.21 -4.71
C TRP D 359 15.94 -10.22 -5.72
N MET D 360 16.53 -11.40 -5.84
CA MET D 360 16.06 -12.37 -6.86
C MET D 360 14.69 -12.99 -6.48
N SER D 361 14.36 -12.97 -5.19
CA SER D 361 13.05 -13.47 -4.70
C SER D 361 12.15 -12.33 -4.24
N LEU D 362 12.55 -11.09 -4.55
CA LEU D 362 11.69 -9.91 -4.36
C LEU D 362 11.15 -9.77 -2.95
N LYS D 363 12.04 -10.02 -1.98
CA LYS D 363 11.67 -9.91 -0.58
C LYS D 363 11.91 -8.49 -0.13
N ARG D 364 11.50 -8.25 1.13
CA ARG D 364 11.43 -6.93 1.73
C ARG D 364 11.99 -7.06 3.16
N ILE D 365 12.90 -6.20 3.62
CA ILE D 365 13.13 -6.11 5.08
C ILE D 365 12.50 -4.82 5.63
N ILE D 366 11.62 -4.90 6.63
CA ILE D 366 10.89 -3.71 7.13
C ILE D 366 11.29 -3.38 8.57
N GLY D 367 11.76 -2.16 8.80
CA GLY D 367 12.20 -1.73 10.13
C GLY D 367 11.03 -1.22 10.93
N SER D 368 10.88 -1.68 12.16
CA SER D 368 9.81 -1.17 13.01
C SER D 368 10.32 -0.88 14.39
N HIS D 369 9.65 0.05 15.07
CA HIS D 369 10.17 0.54 16.33
C HIS D 369 8.99 1.08 17.11
N PHE D 370 8.73 0.48 18.27
CA PHE D 370 7.58 0.86 19.12
C PHE D 370 6.26 0.92 18.34
N ALA D 371 5.44 1.94 18.53
CA ALA D 371 4.17 2.10 17.84
C ALA D 371 3.77 3.56 17.89
N ASN D 372 3.05 4.04 16.86
CA ASN D 372 2.41 5.33 17.00
C ASN D 372 1.20 5.14 17.94
N TYR D 373 0.62 6.24 18.38
CA TYR D 373 -0.45 6.21 19.39
C TYR D 373 -1.68 5.44 18.92
N ARG D 374 -2.03 5.56 17.64
CA ARG D 374 -3.16 4.79 17.10
C ARG D 374 -2.87 3.28 17.14
N GLU D 375 -1.68 2.87 16.73
CA GLU D 375 -1.24 1.46 16.77
C GLU D 375 -1.29 0.93 18.19
N ALA D 376 -0.71 1.68 19.12
CA ALA D 376 -0.73 1.36 20.54
C ALA D 376 -2.16 1.31 21.07
N TRP D 377 -2.98 2.30 20.72
CA TRP D 377 -4.40 2.30 21.13
C TRP D 377 -5.17 1.06 20.65
N GLU D 378 -4.81 0.59 19.45
CA GLU D 378 -5.43 -0.58 18.87
C GLU D 378 -4.96 -1.88 19.53
N ALA D 379 -3.67 -1.93 19.82
CA ALA D 379 -3.05 -3.05 20.53
C ALA D 379 -3.65 -3.24 21.91
N ASN D 380 -3.89 -2.13 22.58
CA ASN D 380 -4.43 -2.12 23.93
C ASN D 380 -5.91 -2.50 23.88
N ARG D 381 -6.60 -2.04 22.84
CA ARG D 381 -7.99 -2.41 22.59
C ARG D 381 -8.19 -3.92 22.45
N LEU D 382 -7.21 -4.61 21.84
CA LEU D 382 -7.27 -6.07 21.64
C LEU D 382 -7.10 -6.84 22.93
N ILE D 383 -6.30 -6.29 23.83
CA ILE D 383 -6.24 -6.74 25.20
C ILE D 383 -7.62 -6.56 25.86
N ALA D 384 -8.18 -5.36 25.75
CA ALA D 384 -9.46 -5.02 26.35
C ALA D 384 -10.61 -5.94 25.88
N LYS D 385 -10.55 -6.38 24.63
CA LYS D 385 -11.61 -7.23 24.08
C LYS D 385 -11.44 -8.69 24.49
N GLY D 386 -10.31 -8.99 25.12
CA GLY D 386 -9.98 -10.36 25.50
C GLY D 386 -9.48 -11.23 24.36
N ARG D 387 -9.08 -10.62 23.24
CA ARG D 387 -8.48 -11.38 22.12
C ARG D 387 -7.01 -11.66 22.39
N ILE D 388 -6.36 -10.75 23.12
CA ILE D 388 -4.95 -10.91 23.45
C ILE D 388 -4.86 -10.80 24.98
N HIS D 389 -3.99 -11.60 25.61
CA HIS D 389 -3.89 -11.61 27.06
C HIS D 389 -2.51 -11.19 27.59
N PRO D 390 -2.48 -10.55 28.76
CA PRO D 390 -1.16 -10.27 29.33
C PRO D 390 -0.47 -11.57 29.68
N THR D 391 0.86 -11.55 29.72
CA THR D 391 1.66 -12.75 29.87
C THR D 391 2.58 -12.68 31.12
N LEU D 392 2.04 -12.21 32.25
CA LEU D 392 2.85 -12.17 33.47
C LEU D 392 3.29 -13.56 33.85
N SER D 393 4.59 -13.72 34.08
CA SER D 393 5.12 -14.95 34.65
C SER D 393 5.47 -14.77 36.12
N LYS D 394 5.62 -13.52 36.56
CA LYS D 394 6.20 -13.20 37.85
C LYS D 394 5.92 -11.76 38.23
N VAL D 395 5.57 -11.53 39.48
CA VAL D 395 5.35 -10.18 40.01
C VAL D 395 6.16 -9.95 41.27
N TYR D 396 6.79 -8.78 41.32
CA TYR D 396 7.56 -8.30 42.47
C TYR D 396 6.94 -7.02 43.03
N SER D 397 7.18 -6.79 44.32
CA SER D 397 6.84 -5.50 44.93
C SER D 397 7.84 -4.43 44.47
N LEU D 398 7.51 -3.17 44.69
CA LEU D 398 8.36 -2.06 44.30
C LEU D 398 9.77 -2.15 44.89
N GLU D 399 9.90 -2.56 46.15
CA GLU D 399 11.19 -2.56 46.83
C GLU D 399 12.11 -3.64 46.28
N ASP D 400 11.54 -4.60 45.56
CA ASP D 400 12.31 -5.71 45.01
C ASP D 400 12.56 -5.58 43.51
N THR D 401 12.40 -4.37 42.98
CA THR D 401 12.62 -4.08 41.55
C THR D 401 14.06 -4.38 41.12
N GLY D 402 15.01 -4.20 42.05
CA GLY D 402 16.39 -4.58 41.78
C GLY D 402 16.52 -6.05 41.39
N GLN D 403 15.85 -6.92 42.16
CA GLN D 403 15.84 -8.38 41.88
C GLN D 403 15.10 -8.69 40.57
N ALA D 404 13.95 -8.02 40.38
CA ALA D 404 13.19 -8.14 39.13
C ALA D 404 14.07 -7.80 37.93
N ALA D 405 14.76 -6.67 38.02
CA ALA D 405 15.68 -6.20 36.98
C ALA D 405 16.73 -7.25 36.69
N TYR D 406 17.29 -7.80 37.76
CA TYR D 406 18.29 -8.87 37.68
C TYR D 406 17.75 -10.09 36.93
N ASP D 407 16.56 -10.52 37.33
CA ASP D 407 15.82 -11.57 36.64
C ASP D 407 15.74 -11.38 35.11
N VAL D 408 15.30 -10.20 34.66
CA VAL D 408 15.18 -9.91 33.23
C VAL D 408 16.54 -9.85 32.53
N HIS D 409 17.52 -9.23 33.21
CA HIS D 409 18.91 -9.16 32.73
C HIS D 409 19.43 -10.55 32.37
N ARG D 410 19.17 -11.48 33.28
CA ARG D 410 19.63 -12.85 33.18
C ARG D 410 18.69 -13.71 32.32
N ASN D 411 17.70 -13.07 31.68
CA ASN D 411 16.63 -13.75 30.95
C ASN D 411 16.11 -14.99 31.68
N LEU D 412 15.65 -14.79 32.92
CA LEU D 412 15.23 -15.88 33.81
C LEU D 412 13.81 -16.36 33.58
N HIS D 413 12.90 -15.44 33.26
CA HIS D 413 11.49 -15.81 33.12
C HIS D 413 11.01 -15.72 31.66
N GLN D 414 9.82 -16.27 31.40
CA GLN D 414 9.19 -16.09 30.10
C GLN D 414 8.13 -15.00 30.20
N GLY D 415 7.66 -14.48 29.07
CA GLY D 415 6.60 -13.46 29.08
C GLY D 415 7.02 -12.18 29.79
N LYS D 416 6.19 -11.69 30.71
CA LYS D 416 6.48 -10.41 31.37
C LYS D 416 6.78 -10.54 32.86
N VAL D 417 7.65 -9.67 33.34
CA VAL D 417 7.90 -9.51 34.78
C VAL D 417 7.32 -8.16 35.21
N GLY D 418 6.31 -8.23 36.08
CA GLY D 418 5.57 -7.08 36.56
C GLY D 418 5.99 -6.63 37.96
N VAL D 419 5.61 -5.40 38.30
CA VAL D 419 6.01 -4.77 39.56
C VAL D 419 4.81 -4.02 40.17
N LEU D 420 4.53 -4.31 41.42
CA LEU D 420 3.46 -3.59 42.12
C LEU D 420 4.05 -2.30 42.61
N CYS D 421 3.41 -1.18 42.26
CA CYS D 421 3.92 0.13 42.66
C CYS D 421 3.16 0.66 43.88
N LEU D 422 2.06 1.38 43.66
CA LEU D 422 1.20 1.80 44.77
C LEU D 422 0.28 0.66 45.23
N ALA D 423 -0.01 -0.28 44.32
CA ALA D 423 -0.91 -1.39 44.62
C ALA D 423 -0.36 -2.19 45.79
N PRO D 424 -1.15 -2.30 46.89
CA PRO D 424 -0.72 -2.97 48.13
C PRO D 424 -0.70 -4.49 48.08
N GLU D 425 -1.28 -5.07 47.04
CA GLU D 425 -1.24 -6.53 46.80
C GLU D 425 -1.62 -6.85 45.34
N GLU D 426 -1.38 -8.09 44.95
CA GLU D 426 -1.79 -8.59 43.62
C GLU D 426 -3.31 -8.64 43.43
N GLY D 427 -3.75 -8.63 42.17
CA GLY D 427 -5.11 -8.96 41.79
C GLY D 427 -6.17 -7.91 42.05
N LEU D 428 -5.75 -6.70 42.39
CA LEU D 428 -6.69 -5.62 42.55
C LEU D 428 -6.94 -4.91 41.23
N GLY D 429 -8.07 -4.23 41.14
CA GLY D 429 -8.34 -3.31 40.06
C GLY D 429 -9.16 -3.90 38.92
N VAL D 430 -9.62 -5.13 39.07
CA VAL D 430 -10.55 -5.65 38.06
C VAL D 430 -11.96 -5.05 38.23
N ARG D 431 -12.51 -4.60 37.11
CA ARG D 431 -13.78 -3.87 37.08
C ARG D 431 -14.84 -4.67 36.32
N ASP D 432 -14.45 -5.80 35.74
CA ASP D 432 -15.40 -6.68 35.07
C ASP D 432 -14.99 -8.11 35.38
N ARG D 433 -15.59 -8.60 36.45
CA ARG D 433 -15.27 -9.87 37.08
C ARG D 433 -15.78 -11.07 36.28
N GLU D 434 -16.89 -10.91 35.57
CA GLU D 434 -17.44 -11.97 34.72
C GLU D 434 -16.53 -12.22 33.53
N LYS D 435 -16.09 -11.14 32.88
CA LYS D 435 -15.19 -11.23 31.76
C LYS D 435 -13.83 -11.82 32.16
N ARG D 436 -13.37 -11.46 33.35
CA ARG D 436 -12.14 -12.03 33.87
C ARG D 436 -12.27 -13.54 34.04
N ALA D 437 -13.37 -14.00 34.63
CA ALA D 437 -13.58 -15.46 34.82
C ALA D 437 -13.66 -16.18 33.47
N GLN D 438 -14.10 -15.47 32.44
CA GLN D 438 -14.12 -15.98 31.07
C GLN D 438 -12.70 -16.25 30.55
N HIS D 439 -11.75 -15.37 30.90
CA HIS D 439 -10.41 -15.39 30.30
C HIS D 439 -9.29 -15.76 31.27
N LEU D 440 -9.65 -16.07 32.51
CA LEU D 440 -8.69 -16.35 33.57
C LEU D 440 -7.60 -17.36 33.21
N ASP D 441 -7.99 -18.51 32.69
CA ASP D 441 -7.02 -19.55 32.39
C ASP D 441 -6.03 -19.04 31.35
N ALA D 442 -6.52 -18.28 30.37
CA ALA D 442 -5.67 -17.66 29.36
C ALA D 442 -4.79 -16.57 29.97
N ILE D 443 -5.38 -15.75 30.84
CA ILE D 443 -4.65 -14.69 31.52
C ILE D 443 -3.45 -15.23 32.32
N ASN D 444 -3.66 -16.35 32.99
CA ASN D 444 -2.64 -16.95 33.85
C ASN D 444 -1.71 -18.00 33.23
N ARG D 445 -1.69 -18.14 31.91
CA ARG D 445 -0.85 -19.14 31.20
C ARG D 445 0.62 -19.15 31.63
N PHE D 446 1.20 -17.96 31.73
CA PHE D 446 2.63 -17.83 31.98
C PHE D 446 2.98 -17.90 33.47
N ARG D 447 1.95 -17.90 34.33
CA ARG D 447 2.15 -17.94 35.79
C ARG D 447 2.61 -19.32 36.23
CL CL E . 9.46 -23.47 -23.92
CL CL F . -10.13 -21.80 -25.29
CL CL G . -8.42 26.91 20.96
CL CL H . 9.73 17.79 28.47
#